data_9NE6
#
_entry.id   9NE6
#
_cell.length_a   1.00
_cell.length_b   1.00
_cell.length_c   1.00
_cell.angle_alpha   90.00
_cell.angle_beta   90.00
_cell.angle_gamma   90.00
#
_symmetry.space_group_name_H-M   'P 1'
#
loop_
_entity.id
_entity.type
_entity.pdbx_description
1 polymer 'DNA polymerase epsilon catalytic subunit A'
2 polymer 'Proliferating cell nuclear antigen'
3 polymer 'DNA (33-MER)'
4 polymer 'DNA (47-MER)'
5 non-polymer 'IRON/SULFUR CLUSTER'
#
loop_
_entity_poly.entity_id
_entity_poly.type
_entity_poly.pdbx_seq_one_letter_code
_entity_poly.pdbx_strand_id
1 'polypeptide(L)'
;MSLRSGGRRRADPGADGEASRDDGATSSVSALKRLERSQWTDKMDLRFGFERLKEPGEKTGWLINMHPTEILDEDKRLGS
AVDYYFIQDDGSRFKVALPYKPYFYIATRKGCEREVSSFLSKKFQGKIAKVETVPKEDLDLPNHLVGLKRNYIRLSFHTV
EDLVKVRKEISPAVKKNREQDHASDAYTALLSSVLQRGGVITDEEETSKKIADQLDNIVDMREYDVPYHIRLSIDLKIHV
AHWYNVRYRGNAFPVEITRRDDLVERPDPVVLAFAIATTKLPLKFPDAETDQIMMISYMIDGQGYLITNREIVSEDIEDF
EFTPKPEYEGPFCVFNEPDEAHLIQRWFEHVQETKPTIMVTYNGDFFDWPFVEARAAVHGLSMQQEIGFQKDSQGEYKAP
QCIHMDCLRWVKRDSYLPVGSHNLKAAAKAKLGYDPVELDPEDMCRMATEQPQTLATYSVSDAVATYYLYMKYVHPFIFA
LCTIIPMEPDEVLRKGSGTLCEALLMVQAFHANIIFPNKQEQEFNKLTDDGHVLDSETYVGGHVEALESGVFRSDIPCRF
RMNPAAFDFLLQRVEKTLRHALEEEEKVPVEQVTNFEEVCDEIKSKLASLKDVPSRIECPLIYHLDVGAMYPNIILTNRL
QPSAMVDEATCAACDFNKPGANCQRKMAWQWRGEFMPASRSEYHRIQHQLESEKFPPLFPEGPARAFHELSREEQAKYEK
RRLADYCRKAYKKIHITKVEERLTTICQRENSFYVDTVRAFRDRRYEFKGLHKVWKKKLSAAVEVGDAAEVKRCKNMEVL
YDSLQLAHKCILNSFYGYVMRKGARWYSMEMAGIVCFTGANIITQARELIEQIGRPLELDTDGIWCVLPNSFPENFVFKT
TNVKKPKVTISYPGAMLNIMVKEGFTNDQYQELAEPSSLTYVTRSENSIFFEVDGPYLAMILPASKEEGKKLKKRYAVFN
EDGSLAELKGFEVKRRGELQLIKIFQSSVFEAFLKGSTLEEVYGSVAKVADYWLDVLYSKAANMPDSELFELISENRSMS
RKLEDYGEQKSTSISTAKRLAEFLGDQMVKDAGLSCRYIISRKPEGSPVTERAIPLAIFQAEPTVRKHFLRKWLKSSSLQ
DFDIRAILDWDYYIERLGSAIQKIITIPAALQQVKNPVPRVKHPDWLHKKLLEKNDVYKQKKISELFTLEGRRQVTMAEA
;
A
2 'polypeptide(L)'
;MFEARLVQGSILKKVLEALKDLINEACWDISSSGVNLQSMDSSHVSLVQLTLRSEGFDTYRCDRNLAMGVNLTSMSKILK
CAGNEDIITLRAEDNADTLALVFEAPNQEKVSDYEMKLMDLDVEQLGIPEQEYSCVVKMPSGEFARICRDLSHIGDAVVI
SCAKDGVKFSASGELGNGNIKLSQTSNVDKEEEAVTIEMNEPVQLTFALRYLNFFTKATPLSSTVTLSMSADVPLVVEYK
IADMGHLKYYLAPKIEDEEGS
;
B,C,D
3 'polydeoxyribonucleotide'
;(DT)(DG)(DA)(DG)(DG)(DT)(DT)(DC)(DA)(DG)(DC)(DA)(DA)(DG)(DG)(DT)(DG)(DA)(DT)(DG)
(DC)(DT)(DT)(DT)(DA)(DG)(DA)(DT)(DT)(DT)(DT)(DT)(DT)
;
P
4 'polydeoxyribonucleotide'
;(DG)(DC)(DC)(DA)(DG)(DC)(DA)(DG)(DC)(DA)(DA)(DA)(DG)(DT)(DG)(DA)(DA)(DA)(DA)(DA)
(DT)(DC)(DT)(DA)(DA)(DA)(DG)(DC)(DA)(DT)(DC)(DA)(DC)(DC)(DT)(DT)(DG)(DC)(DT)(DG)
(DA)(DA)(DC)(DC)(DT)(DC)(DA)
;
T
#
loop_
_chem_comp.id
_chem_comp.type
_chem_comp.name
_chem_comp.formula
DA DNA linking 2'-DEOXYADENOSINE-5'-MONOPHOSPHATE 'C10 H14 N5 O6 P'
DC DNA linking 2'-DEOXYCYTIDINE-5'-MONOPHOSPHATE 'C9 H14 N3 O7 P'
DG DNA linking 2'-DEOXYGUANOSINE-5'-MONOPHOSPHATE 'C10 H14 N5 O7 P'
DT DNA linking THYMIDINE-5'-MONOPHOSPHATE 'C10 H15 N2 O8 P'
SF4 non-polymer 'IRON/SULFUR CLUSTER' 'Fe4 S4'
#
# COMPACT_ATOMS: atom_id res chain seq x y z
N SER A 27 44.51 29.11 9.33
CA SER A 27 44.80 28.75 10.71
C SER A 27 44.58 29.93 11.65
N SER A 28 45.38 30.98 11.48
CA SER A 28 45.29 32.15 12.34
C SER A 28 43.99 32.92 12.10
N VAL A 29 43.55 33.00 10.84
CA VAL A 29 42.34 33.74 10.51
C VAL A 29 41.11 33.13 11.17
N SER A 30 41.00 31.80 11.11
CA SER A 30 39.88 31.12 11.76
C SER A 30 39.94 31.28 13.28
N ALA A 31 41.14 31.24 13.86
CA ALA A 31 41.29 31.44 15.29
C ALA A 31 40.85 32.84 15.72
N LEU A 32 41.23 33.87 14.95
CA LEU A 32 40.82 35.23 15.29
C LEU A 32 39.32 35.42 15.08
N LYS A 33 38.74 34.79 14.07
CA LYS A 33 37.29 34.85 13.91
C LYS A 33 36.57 34.17 15.07
N ARG A 34 37.11 33.04 15.55
CA ARG A 34 36.54 32.36 16.70
C ARG A 34 36.63 33.22 17.96
N LEU A 35 37.77 33.89 18.14
CA LEU A 35 37.93 34.79 19.29
C LEU A 35 36.98 35.98 19.20
N GLU A 36 36.78 36.51 17.99
CA GLU A 36 35.85 37.62 17.80
C GLU A 36 34.42 37.19 18.11
N ARG A 37 34.03 35.99 17.66
CA ARG A 37 32.70 35.47 17.97
C ARG A 37 32.52 35.26 19.47
N SER A 38 33.56 34.73 20.13
CA SER A 38 33.50 34.52 21.57
C SER A 38 33.37 35.84 22.32
N GLN A 39 34.12 36.85 21.89
CA GLN A 39 34.02 38.16 22.54
C GLN A 39 32.65 38.79 22.31
N TRP A 40 32.09 38.65 21.10
CA TRP A 40 30.76 39.17 20.84
C TRP A 40 29.70 38.47 21.67
N THR A 41 29.78 37.14 21.79
CA THR A 41 28.82 36.42 22.62
C THR A 41 28.97 36.79 24.09
N ASP A 42 30.20 36.99 24.55
CA ASP A 42 30.42 37.42 25.94
C ASP A 42 29.82 38.81 26.18
N LYS A 43 30.00 39.74 25.24
CA LYS A 43 29.44 41.08 25.38
C LYS A 43 27.92 41.04 25.37
N MET A 44 27.33 40.25 24.48
CA MET A 44 25.88 40.12 24.41
C MET A 44 25.32 39.48 25.69
N ASP A 45 26.04 38.49 26.23
CA ASP A 45 25.65 37.89 27.50
C ASP A 45 25.71 38.91 28.62
N LEU A 46 26.76 39.73 28.65
CA LEU A 46 26.91 40.75 29.69
C LEU A 46 25.80 41.79 29.62
N ARG A 47 25.38 42.18 28.40
CA ARG A 47 24.39 43.24 28.28
C ARG A 47 23.00 42.79 28.73
N PHE A 48 22.74 41.48 28.76
CA PHE A 48 21.48 40.96 29.30
C PHE A 48 21.63 40.34 30.68
N GLY A 49 22.67 40.71 31.43
CA GLY A 49 22.76 40.39 32.83
C GLY A 49 23.63 39.22 33.20
N PHE A 50 23.93 38.32 32.25
CA PHE A 50 24.74 37.13 32.52
C PHE A 50 26.21 37.53 32.67
N GLU A 51 26.56 38.00 33.87
CA GLU A 51 27.91 38.45 34.14
C GLU A 51 28.86 37.28 34.29
N ARG A 52 29.94 37.30 33.51
CA ARG A 52 30.98 36.27 33.64
C ARG A 52 31.61 36.34 35.02
N LEU A 53 31.71 35.18 35.68
CA LEU A 53 32.17 35.13 37.05
C LEU A 53 33.68 35.28 37.08
N LYS A 54 34.17 36.42 37.59
CA LYS A 54 35.59 36.74 37.58
C LYS A 54 36.13 37.02 38.98
N GLU A 55 35.47 36.50 40.01
CA GLU A 55 35.95 36.70 41.37
C GLU A 55 36.03 35.35 42.07
N PRO A 56 37.00 35.17 42.97
CA PRO A 56 37.09 33.91 43.72
C PRO A 56 36.03 33.85 44.81
N GLY A 57 35.07 32.96 44.65
CA GLY A 57 34.01 32.83 45.62
C GLY A 57 33.05 31.73 45.24
N GLU A 58 32.08 31.49 46.12
CA GLU A 58 31.08 30.46 45.95
C GLU A 58 29.69 31.06 45.85
N LYS A 59 28.94 30.64 44.83
CA LYS A 59 27.55 31.05 44.66
C LYS A 59 26.67 29.83 44.43
N THR A 60 25.37 30.01 44.63
CA THR A 60 24.39 29.00 44.29
C THR A 60 23.60 29.47 43.08
N GLY A 61 23.03 28.51 42.35
CA GLY A 61 22.32 28.87 41.15
C GLY A 61 21.42 27.76 40.65
N TRP A 62 20.66 28.09 39.61
CA TRP A 62 19.78 27.16 38.93
C TRP A 62 20.12 27.21 37.45
N LEU A 63 20.48 26.06 36.88
CA LEU A 63 20.97 26.01 35.51
C LEU A 63 19.84 26.26 34.53
N ILE A 64 20.04 27.19 33.60
CA ILE A 64 19.02 27.51 32.61
C ILE A 64 19.46 27.13 31.19
N ASN A 65 20.76 27.11 30.90
CA ASN A 65 21.25 26.80 29.56
C ASN A 65 22.73 26.43 29.64
N MET A 66 23.24 25.95 28.51
CA MET A 66 24.64 25.59 28.39
C MET A 66 25.03 25.63 26.92
N HIS A 67 26.18 26.23 26.62
CA HIS A 67 26.57 26.52 25.25
C HIS A 67 28.07 26.27 25.05
N PRO A 68 28.44 25.45 24.07
CA PRO A 68 29.88 25.24 23.79
C PRO A 68 30.51 26.49 23.20
N THR A 69 31.53 27.01 23.89
CA THR A 69 32.20 28.24 23.49
C THR A 69 33.70 28.04 23.44
N GLU A 70 34.45 29.14 23.29
CA GLU A 70 35.89 29.16 23.47
C GLU A 70 36.24 30.14 24.59
N ILE A 71 37.18 29.75 25.45
CA ILE A 71 37.70 30.65 26.46
C ILE A 71 39.20 30.78 26.29
N LEU A 72 39.83 31.62 27.12
CA LEU A 72 41.28 31.76 27.15
C LEU A 72 41.79 31.29 28.51
N ASP A 73 42.89 30.56 28.49
CA ASP A 73 43.55 30.08 29.70
C ASP A 73 44.89 30.79 29.85
N GLU A 74 45.65 30.38 30.86
CA GLU A 74 46.91 31.06 31.18
C GLU A 74 47.98 30.83 30.13
N ASP A 75 47.83 29.83 29.26
CA ASP A 75 48.76 29.64 28.15
C ASP A 75 48.41 30.53 26.95
N LYS A 76 47.26 31.20 27.00
CA LYS A 76 46.79 32.10 25.93
C LYS A 76 46.71 31.38 24.58
N ARG A 77 46.14 30.18 24.60
CA ARG A 77 46.04 29.34 23.42
C ARG A 77 44.59 28.96 23.17
N LEU A 78 44.37 28.21 22.09
CA LEU A 78 43.06 27.69 21.75
C LEU A 78 42.57 26.74 22.85
N GLY A 79 41.36 26.97 23.33
CA GLY A 79 40.77 26.09 24.33
C GLY A 79 39.26 26.06 24.32
N SER A 80 38.68 24.88 24.18
CA SER A 80 37.23 24.73 24.16
C SER A 80 36.70 24.61 25.58
N ALA A 81 35.48 25.10 25.78
CA ALA A 81 34.87 25.12 27.10
C ALA A 81 33.35 25.07 26.95
N VAL A 82 32.66 25.02 28.07
CA VAL A 82 31.21 25.10 28.11
C VAL A 82 30.81 26.22 29.07
N ASP A 83 29.90 27.08 28.61
CA ASP A 83 29.41 28.21 29.40
C ASP A 83 28.04 27.85 29.97
N TYR A 84 27.99 27.72 31.29
CA TYR A 84 26.77 27.40 32.02
C TYR A 84 26.17 28.69 32.54
N TYR A 85 24.89 28.90 32.25
CA TYR A 85 24.17 30.08 32.69
C TYR A 85 23.28 29.70 33.88
N PHE A 86 23.43 30.44 34.98
CA PHE A 86 22.63 30.19 36.18
C PHE A 86 21.79 31.42 36.52
N ILE A 87 20.61 31.16 37.04
CA ILE A 87 19.77 32.20 37.63
C ILE A 87 19.58 31.89 39.11
N GLN A 88 19.59 32.92 39.93
CA GLN A 88 19.43 32.78 41.36
C GLN A 88 18.00 33.14 41.77
N ASP A 89 17.62 32.72 42.97
CA ASP A 89 16.25 32.92 43.43
C ASP A 89 15.94 34.39 43.72
N ASP A 90 16.94 35.18 44.10
CA ASP A 90 16.72 36.60 44.34
C ASP A 90 16.50 37.41 43.07
N GLY A 91 16.77 36.84 41.89
CA GLY A 91 16.58 37.52 40.61
C GLY A 91 17.86 37.69 39.82
N SER A 92 18.99 37.84 40.50
CA SER A 92 20.27 38.04 39.82
C SER A 92 20.67 36.78 39.06
N ARG A 93 21.46 36.97 38.01
CA ARG A 93 21.87 35.88 37.13
C ARG A 93 23.36 36.00 36.86
N PHE A 94 24.00 34.86 36.60
CA PHE A 94 25.42 34.85 36.30
C PHE A 94 25.74 33.72 35.33
N LYS A 95 27.00 33.60 34.98
CA LYS A 95 27.45 32.71 33.92
C LYS A 95 28.89 32.32 34.17
N VAL A 96 29.18 31.02 34.10
CA VAL A 96 30.51 30.51 34.41
C VAL A 96 30.98 29.67 33.23
N ALA A 97 32.29 29.59 33.04
CA ALA A 97 32.89 28.84 31.95
C ALA A 97 33.80 27.75 32.51
N LEU A 98 33.59 26.51 32.09
CA LEU A 98 34.44 25.38 32.57
C LEU A 98 35.07 24.68 31.36
N PRO A 99 36.42 24.63 31.23
CA PRO A 99 37.05 23.94 30.09
C PRO A 99 37.23 22.45 30.33
N TYR A 100 36.87 21.64 29.34
CA TYR A 100 37.10 20.21 29.41
C TYR A 100 37.44 19.70 28.01
N LYS A 101 38.56 19.02 27.89
CA LYS A 101 39.07 18.62 26.59
C LYS A 101 38.22 17.49 26.01
N PRO A 102 37.60 17.67 24.84
CA PRO A 102 36.84 16.58 24.23
C PRO A 102 37.76 15.47 23.75
N TYR A 103 37.23 14.26 23.73
CA TYR A 103 38.04 13.06 23.46
C TYR A 103 37.24 12.08 22.63
N PHE A 104 37.96 11.13 22.04
CA PHE A 104 37.30 9.92 21.53
C PHE A 104 38.20 8.71 21.77
N TYR A 105 37.73 7.56 21.31
CA TYR A 105 38.35 6.28 21.60
C TYR A 105 38.78 5.59 20.31
N ILE A 106 39.97 4.97 20.34
CA ILE A 106 40.41 4.11 19.27
C ILE A 106 40.68 2.72 19.85
N ALA A 107 40.60 1.73 18.96
CA ALA A 107 40.91 0.35 19.28
C ALA A 107 42.00 -0.13 18.34
N THR A 108 43.01 -0.79 18.90
CA THR A 108 44.10 -1.34 18.11
C THR A 108 44.31 -2.79 18.50
N ARG A 109 44.94 -3.54 17.60
CA ARG A 109 45.24 -4.95 17.85
C ARG A 109 46.25 -5.09 18.98
N LYS A 110 46.16 -6.20 19.70
CA LYS A 110 46.95 -6.40 20.90
C LYS A 110 48.44 -6.52 20.57
N GLY A 111 49.27 -6.13 21.53
CA GLY A 111 50.71 -6.21 21.41
C GLY A 111 51.39 -4.96 20.90
N CYS A 112 50.64 -3.96 20.43
CA CYS A 112 51.23 -2.75 19.88
C CYS A 112 50.47 -1.50 20.30
N GLU A 113 49.81 -1.53 21.46
CA GLU A 113 49.04 -0.39 21.93
C GLU A 113 49.94 0.80 22.22
N ARG A 114 51.04 0.57 22.93
CA ARG A 114 51.93 1.66 23.32
C ARG A 114 52.64 2.26 22.12
N GLU A 115 52.98 1.44 21.13
CA GLU A 115 53.61 1.96 19.92
C GLU A 115 52.67 2.86 19.13
N VAL A 116 51.39 2.48 19.03
CA VAL A 116 50.39 3.31 18.37
C VAL A 116 50.19 4.61 19.15
N SER A 117 50.17 4.52 20.49
CA SER A 117 50.03 5.72 21.31
C SER A 117 51.20 6.68 21.09
N SER A 118 52.43 6.14 21.07
CA SER A 118 53.61 6.97 20.88
C SER A 118 53.63 7.61 19.50
N PHE A 119 53.30 6.83 18.46
CA PHE A 119 53.26 7.37 17.10
C PHE A 119 52.19 8.45 16.96
N LEU A 120 51.01 8.21 17.53
CA LEU A 120 49.91 9.17 17.43
C LEU A 120 50.20 10.42 18.23
N SER A 121 50.99 10.31 19.29
CA SER A 121 51.44 11.51 20.01
C SER A 121 52.48 12.28 19.20
N LYS A 122 53.47 11.58 18.64
CA LYS A 122 54.57 12.27 17.98
C LYS A 122 54.20 12.80 16.60
N LYS A 123 53.11 12.32 16.00
CA LYS A 123 52.75 12.79 14.67
C LYS A 123 51.75 13.94 14.73
N PHE A 124 50.80 13.88 15.68
CA PHE A 124 49.90 15.01 15.93
C PHE A 124 50.50 15.93 17.00
N GLN A 125 51.69 16.44 16.71
CA GLN A 125 52.42 17.26 17.67
C GLN A 125 51.74 18.60 17.86
N GLY A 126 51.44 18.92 19.12
CA GLY A 126 50.74 20.15 19.45
C GLY A 126 49.25 20.11 19.24
N LYS A 127 48.69 18.96 18.86
CA LYS A 127 47.27 18.84 18.56
C LYS A 127 46.53 17.97 19.56
N ILE A 128 47.15 16.92 20.07
CA ILE A 128 46.54 16.05 21.07
C ILE A 128 47.00 16.47 22.45
N ALA A 129 46.05 16.72 23.34
CA ALA A 129 46.38 17.14 24.71
C ALA A 129 46.98 15.99 25.49
N LYS A 130 46.22 14.90 25.67
CA LYS A 130 46.76 13.71 26.29
C LYS A 130 46.10 12.47 25.71
N VAL A 131 46.85 11.37 25.76
CA VAL A 131 46.41 10.07 25.27
C VAL A 131 46.74 9.03 26.34
N GLU A 132 45.81 8.10 26.57
CA GLU A 132 46.04 7.07 27.58
C GLU A 132 45.14 5.87 27.32
N THR A 133 45.63 4.69 27.72
CA THR A 133 44.90 3.44 27.56
C THR A 133 43.93 3.23 28.71
N VAL A 134 42.66 3.08 28.40
CA VAL A 134 41.57 2.93 29.36
C VAL A 134 40.98 1.53 29.17
N PRO A 135 40.96 0.68 30.21
CA PRO A 135 40.30 -0.63 30.09
C PRO A 135 38.79 -0.49 30.27
N LYS A 136 38.05 -0.69 29.18
CA LYS A 136 36.62 -0.49 29.18
C LYS A 136 35.91 -1.72 28.62
N GLU A 137 34.68 -1.93 29.08
CA GLU A 137 33.95 -3.18 28.91
C GLU A 137 33.12 -3.11 27.64
N ASP A 138 33.48 -3.90 26.64
CA ASP A 138 32.64 -4.05 25.45
C ASP A 138 31.36 -4.80 25.75
N LEU A 139 30.30 -4.39 25.06
CA LEU A 139 29.01 -5.04 25.18
C LEU A 139 28.84 -6.15 24.16
N ASP A 140 29.51 -6.06 23.02
CA ASP A 140 29.40 -7.04 21.95
C ASP A 140 30.55 -8.05 21.94
N LEU A 141 31.47 -7.97 22.91
CA LEU A 141 32.63 -8.85 22.92
C LEU A 141 32.21 -10.29 23.18
N PRO A 142 32.83 -11.26 22.50
CA PRO A 142 32.58 -12.66 22.84
C PRO A 142 33.21 -13.02 24.16
N ASN A 143 32.49 -13.85 24.94
CA ASN A 143 32.89 -14.29 26.28
C ASN A 143 33.16 -13.10 27.20
N HIS A 144 32.30 -12.08 27.11
CA HIS A 144 32.45 -10.87 27.90
C HIS A 144 31.70 -10.91 29.21
N LEU A 145 30.96 -11.97 29.49
CA LEU A 145 30.19 -12.05 30.72
C LEU A 145 31.02 -12.53 31.91
N VAL A 146 32.12 -13.23 31.66
CA VAL A 146 33.02 -13.63 32.72
C VAL A 146 33.72 -12.40 33.32
N GLY A 147 33.93 -11.36 32.52
CA GLY A 147 34.64 -10.19 32.99
C GLY A 147 35.77 -9.77 32.07
N LEU A 148 35.71 -10.21 30.82
CA LEU A 148 36.67 -9.77 29.81
C LEU A 148 36.45 -8.29 29.47
N LYS A 149 37.56 -7.57 29.33
CA LYS A 149 37.56 -6.12 29.13
C LYS A 149 38.59 -5.77 28.08
N ARG A 150 38.28 -4.80 27.22
CA ARG A 150 39.21 -4.44 26.15
C ARG A 150 39.89 -3.11 26.47
N ASN A 151 41.19 -3.03 26.20
CA ASN A 151 42.00 -1.86 26.50
C ASN A 151 41.86 -0.89 25.34
N TYR A 152 40.90 0.03 25.45
CA TYR A 152 40.70 1.09 24.49
C TYR A 152 41.75 2.17 24.70
N ILE A 153 41.81 3.13 23.79
CA ILE A 153 42.71 4.26 23.92
C ILE A 153 41.91 5.53 23.82
N ARG A 154 41.88 6.31 24.91
CA ARG A 154 41.26 7.63 24.90
C ARG A 154 42.31 8.63 24.42
N LEU A 155 41.93 9.47 23.47
CA LEU A 155 42.75 10.60 23.05
C LEU A 155 41.92 11.86 23.07
N SER A 156 42.48 12.94 23.61
CA SER A 156 41.74 14.16 23.84
C SER A 156 42.44 15.34 23.17
N PHE A 157 41.65 16.35 22.80
CA PHE A 157 42.11 17.50 22.04
C PHE A 157 41.69 18.78 22.74
N HIS A 158 42.36 19.88 22.38
CA HIS A 158 42.06 21.15 23.03
C HIS A 158 40.77 21.77 22.51
N THR A 159 40.44 21.61 21.23
CA THR A 159 39.27 22.22 20.64
C THR A 159 38.40 21.17 19.94
N VAL A 160 37.13 21.51 19.77
CA VAL A 160 36.20 20.66 19.03
C VAL A 160 36.59 20.61 17.55
N GLU A 161 37.16 21.70 17.02
CA GLU A 161 37.63 21.68 15.64
C GLU A 161 38.80 20.73 15.46
N ASP A 162 39.71 20.67 16.44
CA ASP A 162 40.78 19.68 16.41
C ASP A 162 40.23 18.26 16.46
N LEU A 163 39.20 18.04 17.29
CA LEU A 163 38.48 16.77 17.32
C LEU A 163 37.96 16.39 15.93
N VAL A 164 37.28 17.33 15.27
CA VAL A 164 36.67 17.07 13.97
C VAL A 164 37.75 16.77 12.93
N LYS A 165 38.85 17.54 12.96
CA LYS A 165 39.91 17.35 11.97
C LYS A 165 40.63 16.02 12.15
N VAL A 166 40.96 15.66 13.40
CA VAL A 166 41.65 14.39 13.64
C VAL A 166 40.72 13.22 13.36
N ARG A 167 39.43 13.35 13.70
CA ARG A 167 38.46 12.32 13.38
C ARG A 167 38.36 12.11 11.87
N LYS A 168 38.32 13.21 11.10
CA LYS A 168 38.29 13.10 9.65
C LYS A 168 39.58 12.55 9.07
N GLU A 169 40.71 12.70 9.78
CA GLU A 169 41.96 12.16 9.25
C GLU A 169 42.09 10.68 9.58
N ILE A 170 41.60 10.24 10.75
CA ILE A 170 41.67 8.82 11.11
C ILE A 170 40.62 7.99 10.37
N SER A 171 39.43 8.56 10.12
CA SER A 171 38.31 7.79 9.58
C SER A 171 38.56 7.03 8.27
N PRO A 172 39.28 7.56 7.25
CA PRO A 172 39.56 6.72 6.07
C PRO A 172 40.34 5.44 6.37
N ALA A 173 41.31 5.49 7.28
CA ALA A 173 42.05 4.28 7.65
C ALA A 173 41.15 3.26 8.35
N VAL A 174 40.28 3.74 9.24
CA VAL A 174 39.32 2.87 9.92
C VAL A 174 38.37 2.22 8.91
N LYS A 175 37.85 3.02 7.97
CA LYS A 175 36.93 2.49 6.96
C LYS A 175 37.62 1.47 6.05
N LYS A 176 38.86 1.75 5.65
CA LYS A 176 39.60 0.82 4.81
C LYS A 176 39.87 -0.50 5.54
N ASN A 177 40.24 -0.42 6.82
CA ASN A 177 40.50 -1.63 7.59
C ASN A 177 39.21 -2.43 7.83
N ARG A 178 38.09 -1.74 8.07
CA ARG A 178 36.84 -2.45 8.31
C ARG A 178 36.18 -2.94 7.04
N GLU A 179 36.61 -2.45 5.86
CA GLU A 179 36.14 -3.02 4.60
C GLU A 179 37.02 -4.14 4.08
N GLN A 180 38.33 -4.09 4.33
CA GLN A 180 39.19 -5.16 3.82
C GLN A 180 39.02 -6.46 4.60
N ASP A 181 38.51 -6.40 5.82
CA ASP A 181 38.29 -7.60 6.62
C ASP A 181 36.80 -7.91 6.73
N ASP A 213 53.12 2.40 7.44
CA ASP A 213 52.24 3.22 8.28
C ASP A 213 51.74 2.44 9.48
N GLN A 214 51.40 3.17 10.56
CA GLN A 214 50.84 2.57 11.76
C GLN A 214 49.33 2.76 11.86
N LEU A 215 48.70 3.33 10.83
CA LEU A 215 47.25 3.47 10.83
C LEU A 215 46.53 2.17 10.53
N ASP A 216 47.23 1.15 10.03
CA ASP A 216 46.63 -0.17 9.86
C ASP A 216 46.39 -0.86 11.20
N ASN A 217 47.13 -0.50 12.24
CA ASN A 217 46.91 -1.10 13.56
C ASN A 217 45.60 -0.63 14.18
N ILE A 218 45.18 0.60 13.89
CA ILE A 218 43.88 1.09 14.35
C ILE A 218 42.80 0.34 13.58
N VAL A 219 42.01 -0.46 14.29
CA VAL A 219 41.05 -1.34 13.65
C VAL A 219 39.61 -0.86 13.83
N ASP A 220 39.31 -0.08 14.86
CA ASP A 220 37.95 0.28 15.16
C ASP A 220 38.01 1.61 15.92
N MET A 221 36.94 2.40 15.84
CA MET A 221 36.96 3.76 16.34
C MET A 221 35.57 4.18 16.78
N ARG A 222 35.48 4.74 17.98
CA ARG A 222 34.24 4.94 18.72
C ARG A 222 34.10 6.37 19.21
N GLU A 223 32.84 6.75 19.46
CA GLU A 223 32.45 8.02 20.08
C GLU A 223 32.93 9.24 19.28
N TYR A 224 32.40 9.35 18.06
CA TYR A 224 32.70 10.49 17.20
C TYR A 224 31.50 11.39 16.93
N ASP A 225 30.28 10.87 16.94
CA ASP A 225 29.10 11.68 16.74
C ASP A 225 28.54 12.27 18.03
N VAL A 226 29.19 12.04 19.17
CA VAL A 226 28.72 12.59 20.43
C VAL A 226 29.03 14.08 20.46
N PRO A 227 28.04 14.94 20.65
CA PRO A 227 28.29 16.39 20.72
C PRO A 227 29.09 16.76 21.96
N TYR A 228 29.54 18.01 21.98
CA TYR A 228 30.47 18.46 23.01
C TYR A 228 29.79 18.76 24.34
N HIS A 229 28.71 19.55 24.29
CA HIS A 229 27.98 19.83 25.52
C HIS A 229 27.28 18.59 26.04
N ILE A 230 26.86 17.70 25.14
CA ILE A 230 26.38 16.37 25.52
C ILE A 230 27.47 15.60 26.25
N ARG A 231 28.71 15.66 25.74
CA ARG A 231 29.82 14.95 26.37
C ARG A 231 30.08 15.47 27.77
N LEU A 232 30.02 16.80 27.95
CA LEU A 232 30.17 17.37 29.29
C LEU A 232 29.07 16.94 30.23
N SER A 233 27.82 16.93 29.76
CA SER A 233 26.74 16.53 30.64
C SER A 233 26.73 15.03 30.91
N ILE A 234 27.33 14.23 30.01
CA ILE A 234 27.53 12.81 30.29
C ILE A 234 28.57 12.64 31.40
N ASP A 235 29.69 13.35 31.27
CA ASP A 235 30.79 13.16 32.21
C ASP A 235 30.46 13.72 33.59
N LEU A 236 30.22 15.02 33.67
CA LEU A 236 30.13 15.70 34.96
C LEU A 236 28.74 15.65 35.58
N LYS A 237 27.78 15.00 34.92
CA LYS A 237 26.40 14.84 35.41
C LYS A 237 25.75 16.20 35.67
N ILE A 238 25.95 17.15 34.76
CA ILE A 238 25.37 18.48 34.88
C ILE A 238 24.16 18.51 33.95
N HIS A 239 22.99 18.23 34.53
CA HIS A 239 21.72 18.43 33.85
C HIS A 239 21.12 19.76 34.27
N VAL A 240 20.36 20.38 33.37
CA VAL A 240 19.77 21.69 33.67
C VAL A 240 18.59 21.47 34.60
N ALA A 241 18.06 22.57 35.13
CA ALA A 241 16.92 22.58 36.07
C ALA A 241 17.26 21.85 37.37
N HIS A 242 18.52 21.95 37.78
CA HIS A 242 18.97 21.50 39.08
C HIS A 242 19.70 22.65 39.74
N TRP A 243 19.67 22.68 41.07
CA TRP A 243 20.40 23.70 41.81
C TRP A 243 21.84 23.26 42.03
N TYR A 244 22.75 24.22 41.99
CA TYR A 244 24.18 23.93 42.02
C TYR A 244 24.90 24.92 42.91
N ASN A 245 26.01 24.46 43.50
CA ASN A 245 27.06 25.34 44.00
C ASN A 245 28.15 25.45 42.95
N VAL A 246 28.51 26.69 42.64
CA VAL A 246 29.61 27.01 41.74
C VAL A 246 30.67 27.75 42.54
N ARG A 247 31.85 27.15 42.65
CA ARG A 247 32.97 27.71 43.41
C ARG A 247 34.09 28.01 42.45
N TYR A 248 34.45 29.29 42.31
CA TYR A 248 35.45 29.75 41.37
C TYR A 248 36.64 30.29 42.16
N ARG A 249 37.71 29.48 42.24
CA ARG A 249 38.92 29.91 42.92
C ARG A 249 39.75 30.89 42.08
N GLY A 250 39.78 30.68 40.76
CA GLY A 250 40.56 31.54 39.90
C GLY A 250 40.78 30.88 38.55
N ASN A 251 41.75 31.41 37.81
CA ASN A 251 42.09 30.87 36.50
C ASN A 251 43.04 29.68 36.58
N ALA A 252 43.66 29.43 37.73
CA ALA A 252 44.56 28.29 37.86
C ALA A 252 43.77 27.00 38.11
N PHE A 253 43.07 26.93 39.23
CA PHE A 253 42.21 25.80 39.52
C PHE A 253 40.92 25.88 38.71
N PRO A 254 40.42 24.75 38.20
CA PRO A 254 39.16 24.78 37.47
C PRO A 254 37.99 25.00 38.42
N VAL A 255 36.88 25.50 37.85
CA VAL A 255 35.70 25.79 38.64
C VAL A 255 35.11 24.49 39.17
N GLU A 256 34.52 24.55 40.36
CA GLU A 256 33.94 23.39 41.01
C GLU A 256 32.43 23.53 41.03
N ILE A 257 31.73 22.57 40.42
CA ILE A 257 30.28 22.59 40.34
C ILE A 257 29.73 21.33 41.02
N THR A 258 28.80 21.52 41.95
CA THR A 258 28.22 20.43 42.71
C THR A 258 26.71 20.56 42.76
N ARG A 259 26.02 19.42 42.68
CA ARG A 259 24.56 19.45 42.73
C ARG A 259 24.08 19.64 44.16
N ARG A 260 22.88 20.21 44.30
CA ARG A 260 22.27 20.49 45.60
C ARG A 260 20.87 19.89 45.59
N ASP A 261 20.69 18.76 46.28
CA ASP A 261 19.40 18.08 46.33
C ASP A 261 18.51 18.55 47.47
N ASP A 262 19.00 19.45 48.33
CA ASP A 262 18.16 19.95 49.43
C ASP A 262 17.08 20.91 48.94
N LEU A 263 17.40 21.83 48.03
CA LEU A 263 16.40 22.70 47.42
C LEU A 263 15.76 21.99 46.24
N VAL A 264 14.43 22.02 46.19
CA VAL A 264 13.68 21.33 45.15
C VAL A 264 12.86 22.36 44.38
N GLU A 265 12.51 23.46 45.05
CA GLU A 265 11.65 24.48 44.47
C GLU A 265 12.34 25.18 43.31
N ARG A 266 11.64 25.25 42.16
CA ARG A 266 12.18 25.91 40.98
C ARG A 266 11.97 27.42 41.05
N PRO A 267 12.90 28.21 40.53
CA PRO A 267 12.71 29.66 40.44
C PRO A 267 11.85 30.01 39.22
N ASP A 268 11.57 31.30 39.08
CA ASP A 268 10.78 31.79 37.96
C ASP A 268 11.65 32.62 37.03
N PRO A 269 12.05 32.11 35.86
CA PRO A 269 12.83 32.93 34.93
C PRO A 269 11.96 33.95 34.23
N VAL A 270 12.62 34.96 33.66
CA VAL A 270 11.92 35.99 32.90
C VAL A 270 11.64 35.46 31.50
N VAL A 271 10.37 35.45 31.11
CA VAL A 271 9.92 34.82 29.87
C VAL A 271 9.12 35.83 29.05
N LEU A 272 9.32 35.81 27.74
CA LEU A 272 8.70 36.74 26.82
C LEU A 272 8.06 35.95 25.70
N ALA A 273 6.74 36.01 25.60
CA ALA A 273 6.01 35.36 24.52
C ALA A 273 5.57 36.41 23.53
N PHE A 274 5.96 36.26 22.26
CA PHE A 274 5.63 37.30 21.30
C PHE A 274 4.92 36.74 20.08
N ALA A 275 4.08 37.57 19.47
CA ALA A 275 3.36 37.26 18.26
C ALA A 275 3.25 38.51 17.41
N ILE A 276 3.14 38.34 16.09
CA ILE A 276 3.02 39.47 15.18
C ILE A 276 1.76 39.28 14.33
N ALA A 277 1.23 40.41 13.88
CA ALA A 277 0.26 40.46 12.79
C ALA A 277 0.82 41.39 11.73
N THR A 278 0.78 40.95 10.48
CA THR A 278 1.48 41.57 9.37
C THR A 278 0.49 42.26 8.44
N THR A 279 1.00 42.74 7.31
CA THR A 279 0.16 43.22 6.21
C THR A 279 0.19 42.19 5.09
N LYS A 280 -0.99 41.74 4.66
CA LYS A 280 -1.11 40.61 3.75
C LYS A 280 -1.75 41.07 2.45
N LEU A 281 -1.06 40.80 1.35
CA LEU A 281 -1.66 40.97 0.03
C LEU A 281 -2.74 39.90 -0.15
N PRO A 282 -3.94 40.26 -0.61
CA PRO A 282 -5.05 39.29 -0.66
C PRO A 282 -4.74 38.10 -1.56
N LEU A 283 -5.17 36.92 -1.11
CA LEU A 283 -4.96 35.61 -1.72
C LEU A 283 -3.48 35.23 -1.85
N LYS A 284 -2.59 35.93 -1.15
CA LYS A 284 -1.16 35.65 -1.20
C LYS A 284 -0.61 35.62 0.23
N PHE A 285 0.37 34.76 0.45
CA PHE A 285 0.97 34.68 1.77
C PHE A 285 1.85 35.91 2.01
N PRO A 286 1.88 36.46 3.23
CA PRO A 286 2.74 37.62 3.52
C PRO A 286 4.21 37.37 3.22
N ASP A 287 4.72 38.14 2.27
CA ASP A 287 6.12 38.09 1.86
C ASP A 287 6.92 39.02 2.76
N ALA A 288 8.19 38.67 2.97
CA ALA A 288 9.05 39.51 3.81
C ALA A 288 9.52 40.76 3.07
N GLU A 289 9.73 40.68 1.76
CA GLU A 289 10.37 41.75 1.02
C GLU A 289 9.39 42.81 0.53
N THR A 290 8.08 42.53 0.55
CA THR A 290 7.09 43.47 0.05
C THR A 290 6.13 43.99 1.10
N ASP A 291 6.18 43.48 2.34
CA ASP A 291 5.25 43.88 3.39
C ASP A 291 6.04 44.36 4.62
N GLN A 292 5.31 44.67 5.67
CA GLN A 292 5.90 45.08 6.93
C GLN A 292 4.98 44.66 8.07
N ILE A 293 5.58 44.53 9.27
CA ILE A 293 4.80 44.24 10.46
C ILE A 293 3.83 45.39 10.70
N MET A 294 2.57 45.07 10.99
CA MET A 294 1.65 46.13 11.35
C MET A 294 1.33 46.18 12.83
N MET A 295 1.51 45.08 13.56
CA MET A 295 1.39 45.14 15.02
C MET A 295 2.06 43.93 15.65
N ILE A 296 2.57 44.11 16.86
CA ILE A 296 3.26 43.07 17.62
C ILE A 296 2.77 43.08 19.06
N SER A 297 2.54 41.91 19.62
CA SER A 297 2.04 41.79 20.99
C SER A 297 2.86 40.75 21.75
N TYR A 298 3.29 41.09 22.96
CA TYR A 298 4.14 40.19 23.72
C TYR A 298 3.83 40.31 25.20
N MET A 299 3.84 39.16 25.88
CA MET A 299 3.64 39.08 27.32
C MET A 299 4.96 38.74 28.01
N ILE A 300 5.23 39.44 29.11
CA ILE A 300 6.37 39.18 29.96
C ILE A 300 5.84 38.93 31.38
N ASP A 301 5.95 37.69 31.84
CA ASP A 301 5.64 37.30 33.22
C ASP A 301 4.21 37.68 33.62
N GLY A 302 3.28 37.55 32.67
CA GLY A 302 1.89 37.91 32.92
C GLY A 302 1.55 39.36 32.72
N GLN A 303 2.47 40.17 32.18
CA GLN A 303 2.23 41.57 31.89
C GLN A 303 2.25 41.77 30.38
N GLY A 304 1.20 42.38 29.84
CA GLY A 304 1.06 42.53 28.42
C GLY A 304 1.67 43.81 27.86
N TYR A 305 2.12 43.74 26.61
CA TYR A 305 2.62 44.88 25.87
C TYR A 305 2.21 44.73 24.41
N LEU A 306 1.95 45.85 23.75
CA LEU A 306 1.41 45.81 22.39
C LEU A 306 1.83 47.06 21.63
N ILE A 307 2.51 46.89 20.50
CA ILE A 307 3.01 47.99 19.68
C ILE A 307 2.33 47.93 18.31
N THR A 308 1.68 49.03 17.93
CA THR A 308 0.95 49.11 16.67
C THR A 308 1.63 50.11 15.73
N ASN A 309 1.59 49.82 14.44
CA ASN A 309 2.15 50.68 13.40
C ASN A 309 1.12 51.72 12.99
N ARG A 310 1.40 52.99 13.29
CA ARG A 310 0.42 54.05 13.03
C ARG A 310 0.23 54.36 11.56
N GLU A 311 1.20 54.04 10.70
CA GLU A 311 1.01 54.29 9.28
C GLU A 311 0.05 53.29 8.63
N ILE A 312 -0.37 52.25 9.35
CA ILE A 312 -1.28 51.24 8.84
C ILE A 312 -2.61 51.23 9.57
N VAL A 313 -2.60 51.38 10.89
CA VAL A 313 -3.84 51.35 11.67
C VAL A 313 -4.60 52.67 11.51
N SER A 314 -5.88 52.67 11.91
CA SER A 314 -6.77 53.80 11.70
C SER A 314 -6.94 54.70 12.92
N GLU A 315 -7.43 54.19 14.06
CA GLU A 315 -7.52 55.03 15.25
C GLU A 315 -6.77 54.38 16.41
N ASP A 316 -6.42 55.20 17.40
CA ASP A 316 -5.64 54.74 18.53
C ASP A 316 -6.43 53.76 19.38
N ILE A 317 -5.70 52.82 20.01
CA ILE A 317 -6.29 51.84 20.90
C ILE A 317 -5.72 52.07 22.30
N GLU A 318 -6.59 51.97 23.30
CA GLU A 318 -6.21 52.26 24.67
C GLU A 318 -5.78 50.98 25.39
N ASP A 319 -5.30 51.16 26.62
CA ASP A 319 -4.92 50.03 27.45
C ASP A 319 -6.15 49.22 27.83
N PHE A 320 -6.02 47.89 27.75
CA PHE A 320 -7.20 47.05 27.97
C PHE A 320 -6.75 45.67 28.43
N GLU A 321 -7.70 44.93 28.99
CA GLU A 321 -7.41 43.61 29.55
C GLU A 321 -8.04 42.52 28.71
N PHE A 322 -7.33 41.40 28.59
CA PHE A 322 -7.84 40.19 27.97
C PHE A 322 -7.89 39.09 29.02
N THR A 323 -9.05 38.47 29.17
CA THR A 323 -9.26 37.42 30.16
C THR A 323 -10.17 36.36 29.58
N PRO A 324 -9.59 35.30 28.99
CA PRO A 324 -10.44 34.24 28.44
C PRO A 324 -11.08 33.38 29.51
N LYS A 325 -10.30 33.03 30.54
CA LYS A 325 -10.73 32.33 31.73
C LYS A 325 -10.14 33.07 32.93
N PRO A 326 -10.75 32.94 34.12
CA PRO A 326 -10.21 33.65 35.29
C PRO A 326 -8.77 33.32 35.64
N GLU A 327 -8.29 32.13 35.26
CA GLU A 327 -6.89 31.75 35.51
C GLU A 327 -5.93 32.34 34.48
N TYR A 328 -6.43 32.93 33.40
CA TYR A 328 -5.61 33.60 32.38
C TYR A 328 -5.92 35.10 32.42
N GLU A 329 -4.96 35.89 32.92
CA GLU A 329 -5.11 37.33 33.03
C GLU A 329 -4.00 38.01 32.25
N GLY A 330 -4.37 38.82 31.26
CA GLY A 330 -3.39 39.67 30.62
C GLY A 330 -3.82 41.13 30.53
N PRO A 331 -3.15 41.99 31.31
CA PRO A 331 -3.37 43.44 31.12
C PRO A 331 -2.43 44.01 30.08
N PHE A 332 -2.94 44.51 28.95
CA PHE A 332 -2.12 44.99 27.85
C PHE A 332 -2.09 46.51 27.85
N CYS A 333 -0.90 47.08 27.99
CA CYS A 333 -0.65 48.50 27.79
C CYS A 333 -0.03 48.70 26.41
N VAL A 334 -0.47 49.74 25.71
CA VAL A 334 -0.26 49.90 24.28
C VAL A 334 0.64 51.10 24.02
N PHE A 335 1.70 50.88 23.25
CA PHE A 335 2.50 51.95 22.65
C PHE A 335 2.12 52.07 21.18
N ASN A 336 2.16 53.30 20.67
CA ASN A 336 1.70 53.57 19.30
C ASN A 336 2.80 54.28 18.53
N GLU A 337 3.71 53.50 17.92
CA GLU A 337 4.81 54.08 17.17
C GLU A 337 4.33 54.55 15.79
N PRO A 338 4.84 55.68 15.28
CA PRO A 338 4.39 56.19 13.98
C PRO A 338 4.71 55.28 12.81
N ASP A 339 5.99 54.94 12.61
CA ASP A 339 6.41 54.14 11.47
C ASP A 339 7.02 52.82 11.93
N GLU A 340 7.21 51.93 10.95
CA GLU A 340 7.59 50.54 11.22
C GLU A 340 8.97 50.45 11.85
N ALA A 341 9.89 51.33 11.45
CA ALA A 341 11.20 51.40 12.08
C ALA A 341 11.07 51.72 13.57
N HIS A 342 10.17 52.63 13.93
CA HIS A 342 9.98 52.95 15.33
C HIS A 342 9.35 51.78 16.09
N LEU A 343 8.51 50.99 15.42
CA LEU A 343 7.98 49.78 16.04
C LEU A 343 9.09 48.79 16.36
N ILE A 344 10.01 48.58 15.41
CA ILE A 344 11.14 47.68 15.67
C ILE A 344 12.04 48.23 16.77
N GLN A 345 12.28 49.56 16.77
CA GLN A 345 13.09 50.17 17.81
C GLN A 345 12.45 50.02 19.18
N ARG A 346 11.13 50.20 19.26
CA ARG A 346 10.42 50.06 20.54
C ARG A 346 10.49 48.63 21.05
N TRP A 347 10.27 47.64 20.17
CA TRP A 347 10.34 46.25 20.60
C TRP A 347 11.76 45.89 21.04
N PHE A 348 12.77 46.28 20.27
CA PHE A 348 14.15 45.99 20.61
C PHE A 348 14.55 46.63 21.94
N GLU A 349 14.17 47.90 22.13
CA GLU A 349 14.51 48.61 23.35
C GLU A 349 13.81 48.01 24.56
N HIS A 350 12.55 47.59 24.40
CA HIS A 350 11.84 47.04 25.55
C HIS A 350 12.34 45.66 25.91
N VAL A 351 12.72 44.85 24.91
CA VAL A 351 13.35 43.56 25.20
C VAL A 351 14.70 43.77 25.88
N GLN A 352 15.48 44.74 25.41
CA GLN A 352 16.77 45.03 26.04
C GLN A 352 16.60 45.54 27.47
N GLU A 353 15.54 46.30 27.74
CA GLU A 353 15.29 46.80 29.09
C GLU A 353 14.83 45.69 30.02
N THR A 354 13.97 44.79 29.53
CA THR A 354 13.43 43.75 30.39
C THR A 354 14.45 42.64 30.65
N LYS A 355 15.29 42.33 29.65
CA LYS A 355 16.34 41.31 29.66
C LYS A 355 15.76 39.92 29.94
N PRO A 356 15.03 39.33 29.00
CA PRO A 356 14.51 37.98 29.23
C PRO A 356 15.50 36.89 28.86
N THR A 357 15.45 35.81 29.63
CA THR A 357 16.28 34.63 29.37
C THR A 357 15.51 33.50 28.69
N ILE A 358 14.20 33.67 28.50
CA ILE A 358 13.38 32.73 27.74
C ILE A 358 12.54 33.53 26.75
N MET A 359 12.68 33.24 25.46
CA MET A 359 11.86 33.84 24.42
C MET A 359 11.05 32.75 23.74
N VAL A 360 9.73 32.89 23.78
CA VAL A 360 8.82 31.84 23.32
C VAL A 360 7.82 32.44 22.34
N THR A 361 7.45 31.64 21.34
CA THR A 361 6.54 32.04 20.27
C THR A 361 5.82 30.77 19.81
N TYR A 362 5.18 30.84 18.64
CA TYR A 362 4.50 29.68 18.05
C TYR A 362 4.84 29.67 16.56
N ASN A 363 5.60 28.65 16.14
CA ASN A 363 6.11 28.51 14.77
C ASN A 363 6.94 29.73 14.36
N GLY A 364 7.64 30.31 15.35
CA GLY A 364 8.46 31.51 15.10
C GLY A 364 9.68 31.24 14.24
N ASP A 365 10.30 30.07 14.40
CA ASP A 365 11.56 29.76 13.66
C ASP A 365 11.35 29.92 12.15
N PHE A 366 10.14 29.65 11.66
CA PHE A 366 9.91 29.67 10.19
C PHE A 366 9.06 30.88 9.80
N PHE A 367 8.23 31.41 10.70
CA PHE A 367 7.43 32.59 10.25
C PHE A 367 7.73 33.83 11.09
N ASP A 368 7.50 33.77 12.40
CA ASP A 368 7.62 34.99 13.26
C ASP A 368 9.05 35.55 13.24
N TRP A 369 10.07 34.72 13.51
CA TRP A 369 11.45 35.26 13.64
C TRP A 369 12.00 35.82 12.31
N PRO A 370 12.01 35.06 11.18
CA PRO A 370 12.65 35.54 9.91
C PRO A 370 12.02 36.86 9.44
N PHE A 371 10.70 36.98 9.52
CA PHE A 371 10.03 38.20 8.97
C PHE A 371 10.61 39.42 9.67
N VAL A 372 10.73 39.34 11.00
CA VAL A 372 11.26 40.47 11.78
C VAL A 372 12.72 40.73 11.42
N GLU A 373 13.51 39.67 11.17
CA GLU A 373 14.89 39.84 10.75
C GLU A 373 14.99 40.57 9.42
N ALA A 374 14.15 40.19 8.46
CA ALA A 374 14.14 40.85 7.16
C ALA A 374 13.75 42.32 7.28
N ARG A 375 12.71 42.61 8.07
CA ARG A 375 12.30 44.01 8.21
C ARG A 375 13.32 44.84 8.96
N ALA A 376 14.05 44.22 9.91
CA ALA A 376 15.12 44.95 10.60
C ALA A 376 16.30 45.19 9.67
N ALA A 377 16.64 44.21 8.83
CA ALA A 377 17.78 44.37 7.92
C ALA A 377 17.50 45.37 6.82
N VAL A 378 16.25 45.46 6.34
CA VAL A 378 15.89 46.50 5.38
C VAL A 378 16.04 47.89 6.00
N HIS A 379 15.59 48.04 7.25
CA HIS A 379 15.62 49.34 7.93
C HIS A 379 16.94 49.61 8.64
N GLY A 380 18.03 48.95 8.25
CA GLY A 380 19.35 49.28 8.73
C GLY A 380 19.82 48.51 9.94
N LEU A 381 19.16 48.70 11.09
CA LEU A 381 19.61 48.11 12.34
C LEU A 381 19.33 46.61 12.33
N SER A 382 20.38 45.80 12.27
CA SER A 382 20.24 44.36 12.18
C SER A 382 19.74 43.78 13.50
N MET A 383 19.04 42.65 13.39
CA MET A 383 18.43 42.01 14.55
C MET A 383 19.44 41.26 15.41
N GLN A 384 20.48 40.70 14.80
CA GLN A 384 21.49 39.94 15.54
C GLN A 384 22.26 40.83 16.51
N GLN A 385 22.61 42.05 16.09
CA GLN A 385 23.42 42.93 16.93
C GLN A 385 22.63 43.55 18.07
N GLU A 386 21.30 43.53 18.01
CA GLU A 386 20.49 44.22 19.01
C GLU A 386 19.68 43.30 19.90
N ILE A 387 19.43 42.06 19.48
CA ILE A 387 18.74 41.06 20.30
C ILE A 387 19.62 39.82 20.51
N GLY A 388 20.08 39.22 19.40
CA GLY A 388 21.03 38.14 19.50
C GLY A 388 20.69 36.92 18.65
N PHE A 389 19.59 37.00 17.90
CA PHE A 389 19.10 35.84 17.17
C PHE A 389 19.71 35.76 15.78
N GLN A 390 19.93 34.53 15.33
CA GLN A 390 20.47 34.27 14.00
C GLN A 390 19.95 32.93 13.52
N LYS A 391 20.04 32.71 12.20
CA LYS A 391 19.50 31.49 11.62
C LYS A 391 20.35 30.25 11.95
N ASP A 392 21.61 30.46 12.35
CA ASP A 392 22.58 29.42 12.69
C ASP A 392 22.77 28.52 11.47
N SER A 393 22.54 27.22 11.54
CA SER A 393 22.83 26.32 10.43
C SER A 393 21.63 25.50 9.98
N GLN A 394 20.78 25.05 10.91
CA GLN A 394 19.66 24.18 10.57
C GLN A 394 18.34 24.94 10.45
N GLY A 395 18.40 26.22 10.11
CA GLY A 395 17.20 27.02 10.03
C GLY A 395 16.57 27.34 11.37
N GLU A 396 17.35 27.26 12.45
CA GLU A 396 16.83 27.41 13.80
C GLU A 396 17.29 28.76 14.34
N TYR A 397 16.33 29.57 14.77
CA TYR A 397 16.63 30.89 15.32
C TYR A 397 16.90 30.74 16.81
N LYS A 398 18.17 30.69 17.18
CA LYS A 398 18.56 30.55 18.57
C LYS A 398 19.57 31.63 18.93
N ALA A 399 19.55 32.02 20.19
CA ALA A 399 20.41 33.07 20.72
C ALA A 399 21.44 32.49 21.68
N PRO A 400 22.62 33.11 21.80
CA PRO A 400 23.62 32.64 22.76
C PRO A 400 23.38 33.10 24.19
N GLN A 401 22.24 33.71 24.49
CA GLN A 401 21.95 34.19 25.83
C GLN A 401 20.55 33.85 26.33
N CYS A 402 19.64 33.40 25.48
CA CYS A 402 18.30 33.08 25.93
C CYS A 402 17.76 31.90 25.15
N ILE A 403 17.07 31.01 25.85
CA ILE A 403 16.48 29.83 25.22
C ILE A 403 15.27 30.26 24.40
N HIS A 404 15.25 29.86 23.14
CA HIS A 404 14.12 30.15 22.27
C HIS A 404 13.26 28.89 22.16
N MET A 405 12.00 29.00 22.52
CA MET A 405 11.07 27.89 22.41
C MET A 405 9.86 28.29 21.58
N ASP A 406 9.42 27.38 20.73
CA ASP A 406 8.13 27.48 20.06
C ASP A 406 7.30 26.26 20.43
N CYS A 407 6.03 26.51 20.76
CA CYS A 407 5.16 25.45 21.26
C CYS A 407 4.82 24.40 20.21
N LEU A 408 5.07 24.69 18.93
CA LEU A 408 4.69 23.77 17.86
C LEU A 408 5.46 22.46 17.92
N ARG A 409 6.73 22.50 18.33
CA ARG A 409 7.52 21.27 18.44
C ARG A 409 6.93 20.33 19.49
N TRP A 410 6.52 20.89 20.64
CA TRP A 410 5.89 20.06 21.67
C TRP A 410 4.50 19.59 21.24
N VAL A 411 3.74 20.45 20.54
CA VAL A 411 2.43 20.03 20.06
C VAL A 411 2.57 18.86 19.09
N LYS A 412 3.59 18.90 18.23
CA LYS A 412 3.84 17.79 17.32
C LYS A 412 4.31 16.54 18.06
N ARG A 413 5.22 16.69 19.03
CA ARG A 413 5.84 15.50 19.61
C ARG A 413 5.09 14.96 20.84
N ASP A 414 4.95 15.77 21.88
CA ASP A 414 4.56 15.26 23.20
C ASP A 414 3.14 15.63 23.63
N SER A 415 2.35 16.24 22.76
CA SER A 415 1.01 16.62 23.19
C SER A 415 -0.01 15.51 22.99
N TYR A 416 0.31 14.54 22.13
CA TYR A 416 -0.58 13.42 21.79
C TYR A 416 -1.94 13.91 21.27
N LEU A 417 -1.90 14.97 20.48
CA LEU A 417 -3.01 15.53 19.72
C LEU A 417 -3.04 14.90 18.33
N PRO A 418 -4.24 14.73 17.75
CA PRO A 418 -4.33 14.16 16.41
C PRO A 418 -3.72 15.07 15.36
N VAL A 419 -3.23 14.45 14.28
CA VAL A 419 -2.66 15.21 13.17
C VAL A 419 -3.76 16.02 12.50
N GLY A 420 -3.47 17.29 12.23
CA GLY A 420 -4.46 18.24 11.77
C GLY A 420 -5.02 19.12 12.87
N SER A 421 -4.73 18.80 14.13
CA SER A 421 -5.08 19.65 15.26
C SER A 421 -3.86 20.32 15.88
N HIS A 422 -2.78 20.46 15.11
CA HIS A 422 -1.56 21.07 15.59
C HIS A 422 -1.59 22.59 15.51
N ASN A 423 -2.64 23.18 14.93
CA ASN A 423 -2.77 24.63 14.92
C ASN A 423 -3.07 25.14 16.32
N LEU A 424 -2.62 26.37 16.60
CA LEU A 424 -2.70 26.93 17.94
C LEU A 424 -4.14 27.13 18.40
N LYS A 425 -5.08 27.33 17.47
CA LYS A 425 -6.48 27.42 17.84
C LYS A 425 -6.99 26.10 18.42
N ALA A 426 -6.75 24.99 17.71
CA ALA A 426 -7.19 23.69 18.19
C ALA A 426 -6.41 23.25 19.41
N ALA A 427 -5.10 23.51 19.43
CA ALA A 427 -4.27 23.13 20.57
C ALA A 427 -4.65 23.91 21.82
N ALA A 428 -4.99 25.20 21.67
CA ALA A 428 -5.43 25.98 22.82
C ALA A 428 -6.84 25.62 23.24
N LYS A 429 -7.68 25.17 22.30
CA LYS A 429 -8.99 24.66 22.68
C LYS A 429 -8.87 23.36 23.46
N ALA A 430 -7.93 22.50 23.06
CA ALA A 430 -7.79 21.20 23.71
C ALA A 430 -7.08 21.32 25.06
N LYS A 431 -5.94 21.98 25.09
CA LYS A 431 -5.13 22.02 26.31
C LYS A 431 -5.63 23.08 27.28
N LEU A 432 -5.65 24.34 26.84
CA LEU A 432 -6.02 25.44 27.75
C LEU A 432 -7.51 25.45 28.06
N GLY A 433 -8.34 24.89 27.18
CA GLY A 433 -9.75 24.75 27.46
C GLY A 433 -10.65 25.84 26.91
N TYR A 434 -10.08 26.89 26.32
CA TYR A 434 -10.86 27.93 25.69
C TYR A 434 -10.50 28.02 24.21
N ASP A 435 -11.49 28.40 23.40
CA ASP A 435 -11.24 28.64 21.98
C ASP A 435 -10.87 30.10 21.75
N PRO A 436 -9.73 30.40 21.12
CA PRO A 436 -9.37 31.79 20.82
C PRO A 436 -10.27 32.38 19.74
N VAL A 437 -10.10 33.68 19.52
CA VAL A 437 -10.95 34.40 18.59
C VAL A 437 -10.63 34.00 17.16
N GLU A 438 -11.66 33.95 16.32
CA GLU A 438 -11.54 33.49 14.94
C GLU A 438 -11.55 34.68 13.99
N LEU A 439 -10.54 34.75 13.12
CA LEU A 439 -10.46 35.82 12.13
C LEU A 439 -9.62 35.32 10.97
N ASP A 440 -10.25 35.13 9.81
CA ASP A 440 -9.53 34.66 8.64
C ASP A 440 -8.59 35.73 8.13
N PRO A 441 -7.38 35.36 7.69
CA PRO A 441 -6.41 36.38 7.24
C PRO A 441 -6.80 37.12 5.97
N GLU A 442 -7.77 36.61 5.21
CA GLU A 442 -8.19 37.28 3.97
C GLU A 442 -8.76 38.66 4.26
N ASP A 443 -9.66 38.76 5.24
CA ASP A 443 -10.22 40.04 5.64
C ASP A 443 -9.53 40.64 6.87
N MET A 444 -8.26 40.32 7.07
CA MET A 444 -7.48 40.85 8.18
C MET A 444 -6.83 42.19 7.84
N CYS A 445 -6.36 42.35 6.61
CA CYS A 445 -5.81 43.64 6.17
C CYS A 445 -6.90 44.71 6.12
N ARG A 446 -8.16 44.31 5.95
CA ARG A 446 -9.27 45.25 5.99
C ARG A 446 -9.51 45.77 7.40
N MET A 447 -9.11 45.01 8.43
CA MET A 447 -9.29 45.44 9.80
C MET A 447 -8.30 46.53 10.21
N ALA A 448 -7.27 46.79 9.41
CA ALA A 448 -6.38 47.91 9.70
C ALA A 448 -7.02 49.27 9.43
N THR A 449 -8.19 49.30 8.80
CA THR A 449 -8.86 50.54 8.46
C THR A 449 -10.25 50.69 9.07
N GLU A 450 -11.06 49.63 9.06
CA GLU A 450 -12.47 49.77 9.46
C GLU A 450 -12.60 49.94 10.97
N GLN A 451 -12.18 48.93 11.75
CA GLN A 451 -11.82 49.20 13.14
C GLN A 451 -10.65 48.29 13.48
N PRO A 452 -9.64 48.79 14.20
CA PRO A 452 -8.54 47.94 14.67
C PRO A 452 -8.79 47.27 16.02
N GLN A 453 -9.99 47.41 16.60
CA GLN A 453 -10.27 46.78 17.88
C GLN A 453 -10.29 45.26 17.78
N THR A 454 -10.93 44.72 16.73
CA THR A 454 -10.95 43.27 16.52
C THR A 454 -9.56 42.73 16.23
N LEU A 455 -8.75 43.47 15.47
CA LEU A 455 -7.39 43.02 15.18
C LEU A 455 -6.51 43.07 16.43
N ALA A 456 -6.71 44.09 17.26
CA ALA A 456 -6.01 44.15 18.54
C ALA A 456 -6.40 42.99 19.44
N THR A 457 -7.69 42.67 19.48
CA THR A 457 -8.16 41.52 20.25
C THR A 457 -7.55 40.23 19.73
N TYR A 458 -7.46 40.09 18.40
CA TYR A 458 -6.85 38.90 17.80
C TYR A 458 -5.39 38.76 18.19
N SER A 459 -4.63 39.86 18.11
CA SER A 459 -3.20 39.78 18.43
C SER A 459 -2.96 39.50 19.90
N VAL A 460 -3.68 40.18 20.79
CA VAL A 460 -3.51 39.92 22.21
C VAL A 460 -3.98 38.52 22.57
N SER A 461 -5.00 38.00 21.86
CA SER A 461 -5.49 36.66 22.15
C SER A 461 -4.46 35.62 21.74
N ASP A 462 -3.81 35.82 20.58
CA ASP A 462 -2.78 34.89 20.14
C ASP A 462 -1.58 34.94 21.09
N ALA A 463 -1.25 36.14 21.59
CA ALA A 463 -0.16 36.27 22.57
C ALA A 463 -0.48 35.57 23.88
N VAL A 464 -1.71 35.73 24.38
CA VAL A 464 -2.13 35.05 25.61
C VAL A 464 -2.10 33.54 25.40
N ALA A 465 -2.59 33.07 24.25
CA ALA A 465 -2.61 31.63 23.96
C ALA A 465 -1.20 31.05 23.97
N THR A 466 -0.26 31.68 23.25
CA THR A 466 1.08 31.11 23.22
C THR A 466 1.78 31.24 24.58
N TYR A 467 1.54 32.33 25.31
CA TYR A 467 2.18 32.50 26.61
C TYR A 467 1.72 31.46 27.62
N TYR A 468 0.40 31.29 27.75
CA TYR A 468 -0.08 30.37 28.75
C TYR A 468 0.03 28.91 28.31
N LEU A 469 0.11 28.66 26.99
CA LEU A 469 0.47 27.32 26.54
C LEU A 469 1.92 27.01 26.85
N TYR A 470 2.80 28.01 26.81
CA TYR A 470 4.15 27.83 27.33
C TYR A 470 4.13 27.54 28.83
N MET A 471 3.48 28.42 29.59
CA MET A 471 3.66 28.41 31.03
C MET A 471 2.95 27.24 31.70
N LYS A 472 1.83 26.79 31.15
CA LYS A 472 1.08 25.73 31.81
C LYS A 472 1.55 24.34 31.40
N TYR A 473 1.95 24.15 30.14
CA TYR A 473 2.22 22.81 29.64
C TYR A 473 3.68 22.55 29.30
N VAL A 474 4.31 23.38 28.45
CA VAL A 474 5.61 22.96 27.92
C VAL A 474 6.74 23.35 28.86
N HIS A 475 6.54 24.34 29.74
CA HIS A 475 7.62 24.76 30.63
C HIS A 475 7.96 23.69 31.67
N PRO A 476 7.02 23.21 32.51
CA PRO A 476 7.41 22.14 33.45
C PRO A 476 7.74 20.84 32.74
N PHE A 477 7.11 20.55 31.61
CA PHE A 477 7.41 19.31 30.87
C PHE A 477 8.84 19.33 30.35
N ILE A 478 9.26 20.43 29.72
CA ILE A 478 10.59 20.47 29.12
C ILE A 478 11.65 20.63 30.20
N PHE A 479 11.34 21.29 31.31
CA PHE A 479 12.35 21.43 32.34
C PHE A 479 12.32 20.30 33.37
N ALA A 480 11.38 19.36 33.25
CA ALA A 480 11.47 18.09 33.96
C ALA A 480 12.02 16.98 33.08
N LEU A 481 11.81 17.08 31.76
CA LEU A 481 12.35 16.11 30.83
C LEU A 481 13.86 16.24 30.68
N CYS A 482 14.41 17.43 30.93
CA CYS A 482 15.81 17.68 30.64
C CYS A 482 16.68 17.59 31.90
N THR A 483 16.07 17.40 33.07
CA THR A 483 16.82 16.89 34.21
C THR A 483 17.29 15.46 33.99
N ILE A 484 16.62 14.74 33.08
CA ILE A 484 16.93 13.36 32.73
C ILE A 484 17.82 13.31 31.50
N ILE A 485 17.36 13.88 30.40
CA ILE A 485 18.13 13.91 29.16
C ILE A 485 19.20 14.99 29.28
N PRO A 486 20.46 14.70 28.94
CA PRO A 486 21.54 15.65 29.22
C PRO A 486 21.71 16.80 28.23
N MET A 487 20.70 17.08 27.41
CA MET A 487 20.82 18.10 26.37
C MET A 487 20.54 19.49 26.96
N GLU A 488 20.38 20.47 26.07
CA GLU A 488 19.93 21.83 26.35
C GLU A 488 18.41 21.86 26.30
N PRO A 489 17.76 22.82 26.97
CA PRO A 489 16.28 22.85 26.93
C PRO A 489 15.70 23.01 25.54
N ASP A 490 16.21 23.96 24.76
CA ASP A 490 15.80 24.11 23.36
C ASP A 490 16.16 22.88 22.52
N GLU A 491 17.34 22.29 22.76
CA GLU A 491 17.75 21.09 22.05
C GLU A 491 16.81 19.92 22.33
N VAL A 492 16.36 19.78 23.58
CA VAL A 492 15.34 18.79 23.92
C VAL A 492 14.05 19.10 23.17
N LEU A 493 13.72 20.39 23.02
CA LEU A 493 12.48 20.72 22.31
C LEU A 493 12.57 20.38 20.81
N ARG A 494 13.73 20.57 20.19
CA ARG A 494 13.82 20.45 18.73
C ARG A 494 13.69 19.00 18.27
N LYS A 495 14.65 18.16 18.64
CA LYS A 495 14.84 16.88 17.98
C LYS A 495 13.84 15.85 18.46
N GLY A 496 13.77 14.72 17.74
CA GLY A 496 12.81 13.68 18.06
C GLY A 496 13.22 12.87 19.28
N SER A 497 12.29 12.01 19.72
CA SER A 497 12.48 11.23 20.94
C SER A 497 13.59 10.20 20.82
N GLY A 498 13.98 9.83 19.60
CA GLY A 498 15.06 8.88 19.41
C GLY A 498 16.39 9.40 19.93
N THR A 499 16.71 10.66 19.64
CA THR A 499 17.97 11.22 20.10
C THR A 499 17.94 11.47 21.60
N LEU A 500 16.78 11.83 22.16
CA LEU A 500 16.64 11.94 23.61
C LEU A 500 16.91 10.60 24.29
N CYS A 501 16.33 9.53 23.75
CA CYS A 501 16.54 8.20 24.32
C CYS A 501 17.98 7.75 24.14
N GLU A 502 18.60 8.11 23.02
CA GLU A 502 20.01 7.79 22.82
C GLU A 502 20.90 8.51 23.82
N ALA A 503 20.61 9.79 24.09
CA ALA A 503 21.38 10.54 25.08
C ALA A 503 21.21 9.94 26.47
N LEU A 504 19.98 9.55 26.81
CA LEU A 504 19.71 8.92 28.10
C LEU A 504 20.45 7.60 28.23
N LEU A 505 20.43 6.78 27.19
CA LEU A 505 21.17 5.53 27.24
C LEU A 505 22.67 5.77 27.27
N MET A 506 23.14 6.91 26.74
CA MET A 506 24.55 7.22 26.94
C MET A 506 24.85 7.61 28.38
N VAL A 507 23.92 8.28 29.07
CA VAL A 507 24.10 8.50 30.51
C VAL A 507 24.23 7.17 31.24
N GLN A 508 23.28 6.26 30.99
CA GLN A 508 23.27 4.99 31.71
C GLN A 508 24.39 4.05 31.29
N ALA A 509 24.93 4.22 30.09
CA ALA A 509 26.04 3.39 29.63
C ALA A 509 27.40 3.96 30.01
N PHE A 510 27.50 5.27 30.25
CA PHE A 510 28.70 5.80 30.87
C PHE A 510 28.72 5.46 32.36
N HIS A 511 27.55 5.43 33.00
CA HIS A 511 27.47 5.01 34.39
C HIS A 511 27.84 3.53 34.56
N ALA A 512 27.61 2.72 33.53
CA ALA A 512 27.95 1.31 33.57
C ALA A 512 29.36 1.01 33.06
N ASN A 513 30.12 2.05 32.66
CA ASN A 513 31.50 1.93 32.19
C ASN A 513 31.63 0.98 30.99
N ILE A 514 30.75 1.13 30.02
CA ILE A 514 30.89 0.47 28.73
C ILE A 514 31.16 1.53 27.67
N ILE A 515 31.46 1.07 26.45
CA ILE A 515 31.75 1.97 25.35
C ILE A 515 30.56 1.95 24.41
N PHE A 516 30.37 3.05 23.69
CA PHE A 516 29.11 3.31 23.02
C PHE A 516 29.20 2.79 21.59
N PRO A 517 28.29 1.92 21.15
CA PRO A 517 28.31 1.47 19.75
C PRO A 517 28.02 2.61 18.79
N ASN A 518 28.66 2.56 17.62
CA ASN A 518 28.47 3.60 16.62
C ASN A 518 27.06 3.55 16.04
N LYS A 519 26.66 4.66 15.42
CA LYS A 519 25.36 4.74 14.78
C LYS A 519 25.29 3.74 13.62
N GLN A 520 24.09 3.17 13.43
CA GLN A 520 23.89 2.07 12.50
C GLN A 520 23.99 2.58 11.06
N GLU A 521 25.16 2.40 10.45
CA GLU A 521 25.34 2.78 9.05
C GLU A 521 24.59 1.78 8.17
N GLN A 522 23.68 2.30 7.34
CA GLN A 522 22.81 1.44 6.55
C GLN A 522 23.62 0.76 5.43
N GLU A 523 23.65 -0.57 5.46
CA GLU A 523 24.30 -1.32 4.39
C GLU A 523 23.44 -1.31 3.14
N PHE A 524 24.07 -1.07 2.00
CA PHE A 524 23.38 -0.93 0.73
C PHE A 524 23.34 -2.29 0.03
N ASN A 525 22.13 -2.85 -0.09
CA ASN A 525 21.87 -4.11 -0.81
C ASN A 525 22.68 -5.26 -0.25
N LYS A 526 22.43 -5.59 1.01
CA LYS A 526 23.07 -6.74 1.64
C LYS A 526 22.45 -8.03 1.12
N LEU A 527 23.29 -9.07 1.06
CA LEU A 527 22.89 -10.37 0.53
C LEU A 527 22.38 -11.25 1.67
N THR A 528 21.18 -11.81 1.49
CA THR A 528 20.58 -12.67 2.49
C THR A 528 21.25 -14.05 2.43
N ASP A 529 20.79 -14.97 3.29
CA ASP A 529 21.53 -16.20 3.57
C ASP A 529 21.60 -17.14 2.38
N ASP A 530 20.58 -17.18 1.53
CA ASP A 530 20.65 -18.01 0.34
C ASP A 530 21.23 -17.28 -0.87
N GLY A 531 21.67 -16.04 -0.70
CA GLY A 531 22.46 -15.34 -1.70
C GLY A 531 21.75 -14.23 -2.44
N HIS A 532 20.43 -14.10 -2.32
CA HIS A 532 19.71 -13.09 -3.07
C HIS A 532 19.98 -11.70 -2.52
N VAL A 533 19.86 -10.70 -3.39
CA VAL A 533 20.14 -9.31 -3.04
C VAL A 533 18.87 -8.68 -2.48
N LEU A 534 18.92 -8.27 -1.21
CA LEU A 534 17.76 -7.72 -0.53
C LEU A 534 17.61 -6.24 -0.83
N ASP A 535 16.54 -5.86 -1.51
CA ASP A 535 16.21 -4.45 -1.63
C ASP A 535 15.19 -3.97 -0.61
N SER A 536 14.70 -4.87 0.25
CA SER A 536 13.89 -4.45 1.39
C SER A 536 13.98 -5.51 2.48
N GLU A 537 14.12 -5.06 3.72
CA GLU A 537 14.30 -5.95 4.85
C GLU A 537 13.63 -5.33 6.06
N THR A 538 12.67 -6.03 6.67
CA THR A 538 11.94 -5.45 7.79
C THR A 538 11.34 -6.58 8.62
N TYR A 539 10.67 -6.20 9.70
CA TYR A 539 9.93 -7.08 10.59
C TYR A 539 8.44 -6.94 10.35
N VAL A 540 7.71 -8.03 10.60
CA VAL A 540 6.26 -8.04 10.43
C VAL A 540 5.63 -7.44 11.67
N GLY A 541 5.43 -6.12 11.67
CA GLY A 541 4.78 -5.47 12.78
C GLY A 541 3.28 -5.67 12.76
N GLY A 542 2.69 -5.61 13.96
CA GLY A 542 1.25 -5.75 14.08
C GLY A 542 0.50 -4.58 13.47
N HIS A 543 -0.74 -4.83 13.10
CA HIS A 543 -1.59 -3.84 12.46
C HIS A 543 -2.92 -3.76 13.20
N VAL A 544 -3.80 -2.90 12.69
CA VAL A 544 -5.16 -2.74 13.23
C VAL A 544 -6.12 -3.37 12.24
N GLU A 545 -7.18 -4.00 12.76
CA GLU A 545 -8.21 -4.58 11.92
C GLU A 545 -9.53 -4.55 12.68
N ALA A 546 -10.61 -4.23 11.95
CA ALA A 546 -11.94 -4.10 12.52
C ALA A 546 -12.68 -5.42 12.29
N LEU A 547 -12.82 -6.21 13.35
CA LEU A 547 -13.48 -7.51 13.22
C LEU A 547 -14.99 -7.38 13.01
N GLU A 548 -15.57 -6.24 13.37
CA GLU A 548 -16.99 -6.00 13.13
C GLU A 548 -17.23 -4.50 13.07
N SER A 549 -18.06 -4.08 12.11
CA SER A 549 -18.35 -2.68 11.88
C SER A 549 -19.83 -2.43 12.13
N GLY A 550 -20.14 -1.38 12.87
CA GLY A 550 -21.49 -1.05 13.23
C GLY A 550 -21.50 -0.28 14.53
N VAL A 551 -22.69 -0.16 15.10
CA VAL A 551 -22.87 0.47 16.40
C VAL A 551 -23.02 -0.61 17.46
N PHE A 552 -22.46 -0.38 18.64
CA PHE A 552 -22.55 -1.33 19.75
C PHE A 552 -22.80 -0.52 21.01
N ARG A 553 -24.03 -0.59 21.49
CA ARG A 553 -24.48 0.19 22.65
C ARG A 553 -24.91 -0.75 23.76
N SER A 554 -24.70 -0.32 25.00
CA SER A 554 -25.08 -1.12 26.16
C SER A 554 -26.59 -1.30 26.28
N ASP A 555 -27.38 -0.50 25.59
CA ASP A 555 -28.84 -0.62 25.64
C ASP A 555 -29.36 -1.60 24.58
N ILE A 556 -28.78 -1.60 23.39
CA ILE A 556 -29.24 -2.48 22.33
C ILE A 556 -28.68 -3.89 22.55
N PRO A 557 -29.53 -4.92 22.55
CA PRO A 557 -29.03 -6.29 22.78
C PRO A 557 -28.29 -6.84 21.57
N CYS A 558 -27.24 -7.61 21.84
CA CYS A 558 -26.46 -8.29 20.81
C CYS A 558 -26.61 -9.79 20.94
N ARG A 559 -26.41 -10.48 19.83
CA ARG A 559 -26.47 -11.94 19.75
C ARG A 559 -25.09 -12.53 20.07
N PHE A 560 -25.04 -13.44 21.04
CA PHE A 560 -23.81 -14.08 21.47
C PHE A 560 -23.90 -15.57 21.22
N ARG A 561 -22.93 -16.09 20.47
CA ARG A 561 -22.77 -17.52 20.24
C ARG A 561 -21.47 -17.95 20.91
N MET A 562 -21.57 -18.77 21.95
CA MET A 562 -20.45 -19.13 22.80
C MET A 562 -20.30 -20.64 22.86
N ASN A 563 -19.10 -21.09 23.15
CA ASN A 563 -18.93 -22.51 23.42
C ASN A 563 -18.71 -22.77 24.91
N PRO A 564 -19.22 -23.89 25.44
CA PRO A 564 -19.07 -24.16 26.88
C PRO A 564 -17.76 -24.83 27.26
N ALA A 565 -16.91 -25.18 26.29
CA ALA A 565 -15.58 -25.70 26.61
C ALA A 565 -14.74 -24.63 27.30
N ALA A 566 -14.79 -23.40 26.81
CA ALA A 566 -14.16 -22.29 27.51
C ALA A 566 -14.82 -22.00 28.86
N PHE A 567 -16.08 -22.39 29.03
CA PHE A 567 -16.72 -22.20 30.33
C PHE A 567 -16.21 -23.21 31.35
N ASP A 568 -15.87 -24.42 30.90
CA ASP A 568 -15.12 -25.35 31.75
C ASP A 568 -13.69 -24.88 31.98
N PHE A 569 -13.10 -24.21 30.98
CA PHE A 569 -11.79 -23.60 31.15
C PHE A 569 -11.81 -22.53 32.23
N LEU A 570 -12.91 -21.79 32.34
CA LEU A 570 -13.04 -20.71 33.33
C LEU A 570 -13.93 -21.08 34.50
N LEU A 571 -13.96 -22.35 34.92
CA LEU A 571 -14.75 -22.73 36.07
C LEU A 571 -13.92 -23.28 37.22
N GLN A 572 -13.09 -24.31 36.97
CA GLN A 572 -12.22 -24.83 38.02
C GLN A 572 -11.01 -23.96 38.27
N ARG A 573 -10.74 -23.00 37.40
CA ARG A 573 -9.60 -22.09 37.53
C ARG A 573 -9.99 -20.74 38.13
N VAL A 574 -11.20 -20.63 38.68
CA VAL A 574 -11.64 -19.38 39.29
C VAL A 574 -10.90 -19.11 40.59
N GLU A 575 -10.68 -20.15 41.40
CA GLU A 575 -9.93 -20.00 42.64
C GLU A 575 -8.50 -19.56 42.36
N LYS A 576 -7.85 -20.17 41.36
CA LYS A 576 -6.52 -19.74 40.96
C LYS A 576 -6.54 -18.34 40.39
N THR A 577 -7.62 -17.97 39.69
CA THR A 577 -7.78 -16.62 39.16
C THR A 577 -7.74 -15.59 40.29
N LEU A 578 -8.56 -15.79 41.32
CA LEU A 578 -8.64 -14.82 42.40
C LEU A 578 -7.37 -14.82 43.25
N ARG A 579 -6.76 -16.00 43.46
CA ARG A 579 -5.51 -16.07 44.22
C ARG A 579 -4.38 -15.34 43.50
N HIS A 580 -4.27 -15.53 42.17
CA HIS A 580 -3.26 -14.83 41.40
C HIS A 580 -3.55 -13.33 41.34
N ALA A 581 -4.82 -12.95 41.23
CA ALA A 581 -5.17 -11.53 41.17
C ALA A 581 -4.92 -10.84 42.51
N LEU A 582 -5.00 -11.56 43.62
CA LEU A 582 -4.73 -10.98 44.92
C LEU A 582 -3.26 -11.09 45.34
N GLU A 583 -2.49 -11.99 44.74
CA GLU A 583 -1.16 -12.29 45.27
C GLU A 583 -0.18 -11.15 45.01
N GLU A 584 0.02 -10.77 43.75
CA GLU A 584 0.96 -9.71 43.42
C GLU A 584 0.33 -8.48 42.77
N GLU A 585 -0.90 -8.59 42.24
CA GLU A 585 -1.51 -7.43 41.61
C GLU A 585 -2.01 -6.43 42.65
N GLU A 586 -2.43 -6.91 43.82
CA GLU A 586 -2.77 -6.04 44.94
C GLU A 586 -1.82 -6.18 46.12
N LYS A 587 -0.89 -7.15 46.07
CA LYS A 587 0.07 -7.42 47.15
C LYS A 587 -0.62 -7.66 48.49
N VAL A 588 -1.71 -8.40 48.46
CA VAL A 588 -2.50 -8.73 49.65
C VAL A 588 -2.41 -10.23 49.87
N PRO A 589 -1.86 -10.69 51.00
CA PRO A 589 -1.89 -12.13 51.31
C PRO A 589 -3.32 -12.63 51.46
N VAL A 590 -3.53 -13.87 51.02
CA VAL A 590 -4.86 -14.43 50.84
C VAL A 590 -5.39 -15.09 52.12
N GLU A 591 -4.70 -14.89 53.23
CA GLU A 591 -5.16 -15.43 54.50
C GLU A 591 -6.03 -14.46 55.28
N GLN A 592 -5.79 -13.15 55.13
CA GLN A 592 -6.53 -12.12 55.86
C GLN A 592 -7.77 -11.64 55.13
N VAL A 593 -8.36 -12.46 54.28
CA VAL A 593 -9.62 -12.13 53.61
C VAL A 593 -10.74 -12.91 54.28
N THR A 594 -11.96 -12.41 54.13
CA THR A 594 -13.12 -12.97 54.82
C THR A 594 -14.15 -13.59 53.89
N ASN A 595 -14.33 -13.04 52.69
CA ASN A 595 -15.37 -13.50 51.77
C ASN A 595 -14.79 -14.13 50.50
N PHE A 596 -13.67 -14.85 50.64
CA PHE A 596 -13.06 -15.53 49.50
C PHE A 596 -13.96 -16.65 48.98
N GLU A 597 -14.42 -17.52 49.88
CA GLU A 597 -15.31 -18.61 49.46
C GLU A 597 -16.64 -18.07 48.96
N GLU A 598 -17.12 -16.96 49.51
CA GLU A 598 -18.38 -16.38 49.07
C GLU A 598 -18.27 -15.87 47.63
N VAL A 599 -17.20 -15.14 47.31
CA VAL A 599 -17.05 -14.64 45.95
C VAL A 599 -16.75 -15.77 44.98
N CYS A 600 -16.04 -16.82 45.44
CA CYS A 600 -15.82 -17.98 44.57
C CYS A 600 -17.13 -18.67 44.21
N ASP A 601 -18.00 -18.91 45.20
CA ASP A 601 -19.29 -19.53 44.85
C ASP A 601 -20.18 -18.58 44.07
N GLU A 602 -20.02 -17.26 44.26
CA GLU A 602 -20.76 -16.31 43.43
C GLU A 602 -20.33 -16.40 41.97
N ILE A 603 -19.03 -16.52 41.72
CA ILE A 603 -18.56 -16.67 40.34
C ILE A 603 -18.99 -18.01 39.77
N LYS A 604 -19.02 -19.06 40.61
CA LYS A 604 -19.56 -20.35 40.17
C LYS A 604 -21.04 -20.24 39.79
N SER A 605 -21.84 -19.53 40.59
CA SER A 605 -23.25 -19.39 40.28
C SER A 605 -23.46 -18.60 38.99
N LYS A 606 -22.69 -17.52 38.79
CA LYS A 606 -22.83 -16.74 37.56
C LYS A 606 -22.43 -17.55 36.33
N LEU A 607 -21.30 -18.26 36.41
CA LEU A 607 -20.86 -19.06 35.27
C LEU A 607 -21.71 -20.31 35.06
N ALA A 608 -22.43 -20.76 36.09
CA ALA A 608 -23.34 -21.88 35.93
C ALA A 608 -24.68 -21.45 35.34
N SER A 609 -25.16 -20.27 35.72
CA SER A 609 -26.32 -19.71 35.06
C SER A 609 -26.02 -19.38 33.59
N LEU A 610 -24.79 -18.92 33.32
CA LEU A 610 -24.38 -18.67 31.95
C LEU A 610 -24.00 -19.97 31.22
N LYS A 611 -23.79 -21.06 31.96
CA LYS A 611 -23.38 -22.33 31.38
C LYS A 611 -24.46 -22.95 30.50
N ASP A 612 -25.67 -23.05 31.03
CA ASP A 612 -26.73 -23.82 30.37
C ASP A 612 -27.26 -23.15 29.11
N VAL A 613 -27.04 -21.84 28.95
CA VAL A 613 -27.46 -21.15 27.75
C VAL A 613 -26.20 -20.59 27.08
N PRO A 614 -25.58 -21.33 26.15
CA PRO A 614 -24.38 -20.81 25.49
C PRO A 614 -24.66 -19.85 24.35
N SER A 615 -25.85 -19.89 23.76
CA SER A 615 -26.24 -18.95 22.72
C SER A 615 -27.41 -18.12 23.23
N ARG A 616 -27.23 -16.80 23.27
CA ARG A 616 -28.21 -15.93 23.91
C ARG A 616 -28.27 -14.60 23.19
N ILE A 617 -29.16 -13.73 23.68
CA ILE A 617 -29.30 -12.36 23.22
C ILE A 617 -29.24 -11.50 24.47
N GLU A 618 -28.15 -10.75 24.65
CA GLU A 618 -27.92 -10.01 25.89
C GLU A 618 -27.24 -8.69 25.60
N CYS A 619 -27.31 -7.78 26.56
CA CYS A 619 -26.72 -6.46 26.38
C CYS A 619 -25.20 -6.54 26.47
N PRO A 620 -24.48 -5.74 25.69
CA PRO A 620 -23.02 -5.81 25.70
C PRO A 620 -22.42 -5.06 26.88
N LEU A 621 -21.12 -5.31 27.09
CA LEU A 621 -20.29 -4.55 28.03
C LEU A 621 -19.01 -4.20 27.26
N ILE A 622 -19.00 -3.02 26.64
CA ILE A 622 -17.90 -2.65 25.76
C ILE A 622 -16.66 -2.40 26.62
N TYR A 623 -15.69 -3.30 26.53
CA TYR A 623 -14.45 -3.24 27.29
C TYR A 623 -13.29 -2.90 26.37
N HIS A 624 -12.26 -2.29 26.95
CA HIS A 624 -11.02 -2.01 26.25
C HIS A 624 -9.90 -2.68 27.04
N LEU A 625 -9.62 -3.94 26.72
CA LEU A 625 -8.50 -4.64 27.32
C LEU A 625 -7.21 -4.07 26.74
N ASP A 626 -6.64 -3.09 27.42
CA ASP A 626 -5.44 -2.41 26.96
C ASP A 626 -4.29 -2.82 27.87
N VAL A 627 -3.20 -3.29 27.30
CA VAL A 627 -2.08 -3.69 28.13
C VAL A 627 -1.31 -2.43 28.50
N GLY A 628 -0.91 -2.33 29.77
CA GLY A 628 -0.42 -1.11 30.36
C GLY A 628 1.02 -0.79 29.98
N ALA A 629 1.24 -0.19 28.81
CA ALA A 629 2.56 0.01 28.19
C ALA A 629 3.22 -1.35 27.94
N MET A 630 2.60 -2.05 26.96
CA MET A 630 2.91 -3.45 26.68
C MET A 630 4.37 -3.66 26.31
N TYR A 631 4.94 -2.76 25.53
CA TYR A 631 6.25 -3.00 24.93
C TYR A 631 7.39 -2.86 25.95
N PRO A 632 7.46 -1.82 26.80
CA PRO A 632 8.46 -1.88 27.89
C PRO A 632 8.25 -3.05 28.84
N ASN A 633 7.01 -3.46 29.07
CA ASN A 633 6.76 -4.63 29.91
C ASN A 633 7.32 -5.90 29.29
N ILE A 634 7.18 -6.03 27.96
CA ILE A 634 7.75 -7.19 27.25
C ILE A 634 9.27 -7.16 27.33
N ILE A 635 9.86 -5.97 27.16
CA ILE A 635 11.32 -5.86 27.24
C ILE A 635 11.81 -6.22 28.64
N LEU A 636 11.09 -5.78 29.68
CA LEU A 636 11.46 -6.13 31.05
C LEU A 636 11.28 -7.61 31.33
N THR A 637 10.20 -8.21 30.83
CA THR A 637 9.90 -9.61 31.10
C THR A 637 10.90 -10.53 30.42
N ASN A 638 11.17 -10.30 29.14
CA ASN A 638 11.99 -11.19 28.35
C ASN A 638 13.47 -10.80 28.35
N ARG A 639 13.83 -9.71 29.01
CA ARG A 639 15.21 -9.21 29.11
C ARG A 639 15.82 -8.95 27.73
N LEU A 640 15.05 -8.29 26.87
CA LEU A 640 15.50 -7.99 25.52
C LEU A 640 16.42 -6.77 25.55
N GLN A 641 17.70 -7.02 25.32
CA GLN A 641 18.75 -6.01 25.19
C GLN A 641 19.32 -6.02 23.79
N PRO A 642 19.83 -4.90 23.28
CA PRO A 642 20.28 -4.87 21.88
C PRO A 642 21.48 -5.77 21.59
N SER A 643 22.24 -6.17 22.61
CA SER A 643 23.27 -7.18 22.47
C SER A 643 22.88 -8.52 23.09
N ALA A 644 21.63 -8.66 23.53
CA ALA A 644 21.19 -9.95 24.06
C ALA A 644 20.92 -10.95 22.95
N MET A 645 20.42 -10.51 21.81
CA MET A 645 20.19 -11.43 20.70
C MET A 645 21.52 -11.95 20.19
N VAL A 646 21.73 -13.25 20.32
CA VAL A 646 23.03 -13.85 20.06
C VAL A 646 22.83 -15.01 19.09
N ASP A 647 23.88 -15.33 18.34
CA ASP A 647 23.88 -16.42 17.39
C ASP A 647 25.00 -17.38 17.78
N GLU A 648 24.86 -18.63 17.33
CA GLU A 648 25.71 -19.73 17.80
C GLU A 648 27.20 -19.54 17.47
N ALA A 649 27.53 -18.67 16.51
CA ALA A 649 28.94 -18.41 16.20
C ALA A 649 29.67 -17.72 17.35
N THR A 650 28.97 -16.94 18.17
CA THR A 650 29.57 -16.32 19.34
C THR A 650 28.89 -16.67 20.66
N CYS A 651 27.71 -17.30 20.62
CA CYS A 651 27.09 -17.83 21.82
C CYS A 651 27.88 -19.01 22.37
N ALA A 652 28.50 -19.80 21.50
CA ALA A 652 29.29 -20.95 21.93
C ALA A 652 30.68 -20.56 22.39
N ALA A 653 31.11 -19.32 22.15
CA ALA A 653 32.46 -18.90 22.47
C ALA A 653 32.63 -18.44 23.92
N CYS A 654 31.56 -18.44 24.71
CA CYS A 654 31.65 -18.06 26.11
C CYS A 654 31.68 -19.31 26.99
N ASP A 655 31.82 -19.08 28.29
CA ASP A 655 32.05 -20.13 29.26
C ASP A 655 30.79 -20.53 30.03
N PHE A 656 29.61 -20.11 29.56
CA PHE A 656 28.35 -20.45 30.21
C PHE A 656 27.44 -21.26 29.30
N ASN A 657 27.98 -21.87 28.25
CA ASN A 657 27.21 -22.76 27.38
C ASN A 657 27.31 -24.22 27.84
N LYS A 658 27.07 -24.45 29.11
CA LYS A 658 27.19 -25.79 29.67
C LYS A 658 25.95 -26.62 29.35
N PRO A 659 26.06 -27.94 29.37
CA PRO A 659 24.86 -28.78 29.26
C PRO A 659 23.97 -28.59 30.49
N GLY A 660 22.69 -28.34 30.25
CA GLY A 660 21.78 -28.02 31.33
C GLY A 660 21.77 -26.57 31.77
N ALA A 661 22.56 -25.70 31.13
CA ALA A 661 22.55 -24.28 31.47
C ALA A 661 21.21 -23.67 31.08
N ASN A 662 20.67 -22.85 31.97
CA ASN A 662 19.33 -22.28 31.80
C ASN A 662 19.43 -20.84 31.31
N CYS A 663 20.38 -20.56 30.42
CA CYS A 663 20.73 -19.19 30.06
C CYS A 663 20.09 -18.70 28.77
N GLN A 664 19.96 -19.56 27.76
CA GLN A 664 19.34 -19.14 26.50
C GLN A 664 17.84 -18.88 26.70
N ARG A 665 17.30 -18.04 25.81
CA ARG A 665 15.86 -17.96 25.61
C ARG A 665 15.54 -17.99 24.13
N LYS A 666 14.84 -19.01 23.69
CA LYS A 666 14.49 -19.16 22.28
C LYS A 666 13.16 -18.45 22.05
N MET A 667 13.20 -17.29 21.37
CA MET A 667 12.00 -16.54 21.08
C MET A 667 11.86 -16.34 19.58
N ALA A 668 10.63 -16.47 19.09
CA ALA A 668 10.34 -16.43 17.68
C ALA A 668 9.82 -15.06 17.27
N TRP A 669 10.13 -14.67 16.03
CA TRP A 669 9.57 -13.49 15.42
C TRP A 669 9.34 -13.78 13.94
N GLN A 670 8.77 -12.82 13.22
CA GLN A 670 8.38 -13.04 11.84
C GLN A 670 9.01 -11.95 10.97
N TRP A 671 9.79 -12.37 9.99
CA TRP A 671 10.64 -11.49 9.19
C TRP A 671 10.03 -11.33 7.80
N ARG A 672 10.22 -10.15 7.20
CA ARG A 672 9.58 -9.79 5.94
C ARG A 672 10.63 -9.19 5.01
N GLY A 673 10.92 -9.89 3.91
CA GLY A 673 11.96 -9.45 3.00
C GLY A 673 11.46 -9.36 1.58
N GLU A 674 11.98 -8.38 0.84
CA GLU A 674 11.81 -8.28 -0.59
C GLU A 674 13.20 -8.33 -1.21
N PHE A 675 13.36 -9.18 -2.22
CA PHE A 675 14.69 -9.38 -2.79
C PHE A 675 14.57 -9.76 -4.26
N MET A 676 15.64 -9.51 -5.00
CA MET A 676 15.72 -9.90 -6.39
C MET A 676 15.97 -11.41 -6.50
N PRO A 677 15.44 -12.06 -7.54
CA PRO A 677 15.64 -13.52 -7.70
C PRO A 677 16.92 -13.85 -8.46
N ALA A 678 18.06 -13.40 -7.93
CA ALA A 678 19.36 -13.72 -8.50
C ALA A 678 20.24 -14.34 -7.43
N SER A 679 21.08 -15.30 -7.84
CA SER A 679 21.93 -16.03 -6.92
C SER A 679 23.20 -15.23 -6.61
N ARG A 680 24.10 -15.85 -5.85
CA ARG A 680 25.41 -15.25 -5.60
C ARG A 680 26.21 -15.11 -6.89
N SER A 681 26.19 -16.15 -7.73
CA SER A 681 26.97 -16.15 -8.96
C SER A 681 26.48 -15.08 -9.92
N GLU A 682 25.16 -14.89 -9.99
CA GLU A 682 24.60 -13.85 -10.86
C GLU A 682 25.04 -12.46 -10.43
N TYR A 683 25.03 -12.19 -9.12
CA TYR A 683 25.41 -10.86 -8.64
C TYR A 683 26.91 -10.64 -8.80
N HIS A 684 27.71 -11.68 -8.57
CA HIS A 684 29.15 -11.56 -8.79
C HIS A 684 29.46 -11.35 -10.27
N ARG A 685 28.76 -12.05 -11.16
CA ARG A 685 29.05 -11.90 -12.58
C ARG A 685 28.54 -10.57 -13.13
N ILE A 686 27.46 -10.02 -12.57
CA ILE A 686 27.03 -8.70 -13.05
C ILE A 686 27.97 -7.63 -12.49
N GLN A 687 28.57 -7.86 -11.30
CA GLN A 687 29.64 -6.96 -10.86
C GLN A 687 30.87 -7.05 -11.76
N HIS A 688 31.25 -8.26 -12.20
CA HIS A 688 32.40 -8.37 -13.09
C HIS A 688 32.12 -7.77 -14.47
N GLN A 689 30.88 -7.84 -14.93
CA GLN A 689 30.51 -7.11 -16.14
C GLN A 689 30.52 -5.60 -15.90
N LEU A 690 30.15 -5.16 -14.70
CA LEU A 690 30.16 -3.73 -14.39
C LEU A 690 31.57 -3.17 -14.31
N GLU A 691 32.52 -3.95 -13.80
CA GLU A 691 33.87 -3.45 -13.61
C GLU A 691 34.69 -3.43 -14.90
N SER A 692 34.17 -3.98 -15.99
CA SER A 692 34.88 -3.96 -17.27
C SER A 692 34.74 -2.63 -18.00
N GLU A 693 33.90 -1.71 -17.50
CA GLU A 693 33.65 -0.44 -18.15
C GLU A 693 33.59 0.66 -17.10
N LYS A 694 33.99 1.86 -17.50
CA LYS A 694 34.08 2.99 -16.58
C LYS A 694 32.74 3.71 -16.47
N PHE A 695 32.43 4.17 -15.26
CA PHE A 695 31.17 4.83 -14.99
C PHE A 695 31.09 6.18 -15.70
N PRO A 696 29.91 6.57 -16.18
CA PRO A 696 29.74 7.90 -16.76
C PRO A 696 29.82 8.98 -15.69
N PRO A 697 30.15 10.22 -16.07
CA PRO A 697 30.20 11.31 -15.08
C PRO A 697 28.80 11.62 -14.56
N LEU A 698 28.67 11.61 -13.23
CA LEU A 698 27.37 11.83 -12.61
C LEU A 698 26.93 13.28 -12.74
N PHE A 699 27.85 14.22 -12.61
CA PHE A 699 27.60 15.64 -12.72
C PHE A 699 28.59 16.24 -13.72
N PRO A 700 28.19 17.29 -14.44
CA PRO A 700 29.07 17.87 -15.46
C PRO A 700 30.20 18.73 -14.93
N GLU A 701 30.48 18.70 -13.62
CA GLU A 701 31.62 19.40 -13.03
C GLU A 701 32.81 18.49 -12.80
N GLY A 702 32.98 17.45 -13.63
CA GLY A 702 34.09 16.55 -13.52
C GLY A 702 34.13 15.49 -14.60
N PRO A 703 35.25 14.77 -14.69
CA PRO A 703 35.38 13.73 -15.72
C PRO A 703 34.70 12.41 -15.32
N ALA A 704 34.92 11.38 -16.12
CA ALA A 704 34.38 10.05 -15.82
C ALA A 704 34.98 9.50 -14.53
N ARG A 705 34.20 8.68 -13.84
CA ARG A 705 34.49 8.27 -12.48
C ARG A 705 35.20 6.92 -12.44
N ALA A 706 36.31 6.86 -11.71
CA ALA A 706 37.01 5.62 -11.44
C ALA A 706 36.31 4.88 -10.30
N PHE A 707 36.82 3.71 -9.96
CA PHE A 707 36.14 2.85 -8.99
C PHE A 707 36.29 3.35 -7.57
N HIS A 708 37.33 4.13 -7.28
CA HIS A 708 37.50 4.80 -6.00
C HIS A 708 36.98 6.23 -6.01
N GLU A 709 36.34 6.65 -7.11
CA GLU A 709 35.87 8.02 -7.24
C GLU A 709 34.43 8.21 -6.79
N LEU A 710 33.51 7.41 -7.31
CA LEU A 710 32.11 7.56 -6.92
C LEU A 710 31.86 6.90 -5.57
N SER A 711 30.72 7.24 -4.97
CA SER A 711 30.39 6.78 -3.62
C SER A 711 29.60 5.48 -3.69
N ARG A 712 29.22 4.98 -2.51
CA ARG A 712 28.57 3.68 -2.41
C ARG A 712 27.10 3.72 -2.81
N GLU A 713 26.40 4.81 -2.47
CA GLU A 713 24.95 4.84 -2.67
C GLU A 713 24.57 4.96 -4.15
N GLU A 714 25.30 5.77 -4.92
CA GLU A 714 25.00 5.90 -6.34
C GLU A 714 25.33 4.62 -7.10
N GLN A 715 26.44 3.97 -6.76
CA GLN A 715 26.76 2.70 -7.40
C GLN A 715 25.79 1.60 -6.96
N ALA A 716 25.25 1.70 -5.74
CA ALA A 716 24.25 0.74 -5.30
C ALA A 716 22.94 0.92 -6.07
N LYS A 717 22.53 2.17 -6.29
CA LYS A 717 21.34 2.44 -7.10
C LYS A 717 21.54 1.97 -8.53
N TYR A 718 22.72 2.22 -9.10
CA TYR A 718 23.01 1.78 -10.46
C TYR A 718 23.01 0.25 -10.56
N GLU A 719 23.58 -0.43 -9.56
CA GLU A 719 23.56 -1.89 -9.54
C GLU A 719 22.15 -2.42 -9.38
N LYS A 720 21.32 -1.74 -8.58
CA LYS A 720 19.92 -2.13 -8.43
C LYS A 720 19.19 -2.04 -9.76
N ARG A 721 19.36 -0.93 -10.48
CA ARG A 721 18.70 -0.77 -11.78
C ARG A 721 19.22 -1.78 -12.80
N ARG A 722 20.53 -2.02 -12.81
CA ARG A 722 21.14 -2.89 -13.81
C ARG A 722 20.87 -4.37 -13.52
N LEU A 723 20.58 -4.71 -12.26
CA LEU A 723 20.08 -6.05 -11.97
C LEU A 723 18.58 -6.16 -12.22
N ALA A 724 17.82 -5.08 -11.99
CA ALA A 724 16.38 -5.12 -12.20
C ALA A 724 16.02 -5.28 -13.67
N ASP A 725 16.69 -4.53 -14.55
CA ASP A 725 16.36 -4.66 -15.97
C ASP A 725 16.94 -5.92 -16.60
N TYR A 726 17.80 -6.65 -15.87
CA TYR A 726 18.25 -7.97 -16.30
C TYR A 726 17.27 -9.06 -15.84
N CYS A 727 16.91 -9.05 -14.56
CA CYS A 727 15.96 -10.03 -14.04
C CYS A 727 14.53 -9.77 -14.51
N ARG A 728 14.26 -8.63 -15.14
CA ARG A 728 12.97 -8.41 -15.78
C ARG A 728 12.72 -9.41 -16.89
N LYS A 729 13.74 -9.67 -17.71
CA LYS A 729 13.63 -10.58 -18.84
C LYS A 729 14.35 -11.91 -18.62
N ALA A 730 15.10 -12.07 -17.53
CA ALA A 730 15.74 -13.34 -17.24
C ALA A 730 14.96 -14.21 -16.27
N TYR A 731 14.07 -13.62 -15.47
CA TYR A 731 13.28 -14.36 -14.49
C TYR A 731 11.83 -13.91 -14.54
N LYS A 732 10.93 -14.82 -14.14
CA LYS A 732 9.47 -14.50 -14.19
C LYS A 732 9.18 -13.35 -13.22
N LYS A 733 9.53 -13.53 -11.94
CA LYS A 733 9.26 -12.49 -10.92
C LYS A 733 10.41 -11.48 -10.90
N ILE A 734 10.12 -10.23 -10.51
CA ILE A 734 11.18 -9.19 -10.38
C ILE A 734 11.48 -9.01 -8.89
N HIS A 735 10.43 -8.95 -8.05
CA HIS A 735 10.63 -8.81 -6.62
C HIS A 735 9.95 -9.99 -5.93
N ILE A 736 10.73 -10.85 -5.31
CA ILE A 736 10.20 -11.94 -4.50
C ILE A 736 10.07 -11.46 -3.07
N THR A 737 8.86 -11.61 -2.51
CA THR A 737 8.57 -11.26 -1.13
C THR A 737 8.45 -12.54 -0.31
N LYS A 738 9.29 -12.68 0.71
CA LYS A 738 9.27 -13.84 1.59
C LYS A 738 8.99 -13.37 3.00
N VAL A 739 7.93 -13.90 3.60
CA VAL A 739 7.58 -13.62 4.98
C VAL A 739 7.79 -14.92 5.76
N GLU A 740 8.91 -15.00 6.46
CA GLU A 740 9.32 -16.23 7.12
C GLU A 740 9.24 -16.09 8.64
N GLU A 741 9.47 -17.21 9.33
CA GLU A 741 9.34 -17.29 10.79
C GLU A 741 10.70 -17.61 11.38
N ARG A 742 11.39 -16.60 11.90
CA ARG A 742 12.71 -16.74 12.46
C ARG A 742 12.65 -16.93 13.97
N LEU A 743 13.77 -17.35 14.55
CA LEU A 743 13.85 -17.64 15.97
C LEU A 743 15.25 -17.29 16.46
N THR A 744 15.33 -16.42 17.46
CA THR A 744 16.61 -15.94 17.98
C THR A 744 16.70 -16.16 19.48
N THR A 745 17.94 -16.17 19.96
CA THR A 745 18.26 -16.51 21.34
C THR A 745 18.58 -15.23 22.11
N ILE A 746 17.79 -14.95 23.14
CA ILE A 746 18.06 -13.86 24.07
C ILE A 746 18.96 -14.40 25.17
N CYS A 747 20.10 -13.73 25.38
CA CYS A 747 21.05 -14.12 26.42
C CYS A 747 20.56 -13.51 27.74
N GLN A 748 20.18 -14.37 28.68
CA GLN A 748 19.48 -13.93 29.87
C GLN A 748 20.41 -13.50 31.00
N ARG A 749 21.72 -13.56 30.81
CA ARG A 749 22.66 -13.08 31.81
C ARG A 749 23.60 -12.03 31.24
N GLU A 750 23.10 -11.27 30.26
CA GLU A 750 23.83 -10.16 29.65
C GLU A 750 23.94 -8.99 30.63
N ASN A 751 24.94 -8.14 30.40
CA ASN A 751 25.09 -6.90 31.16
C ASN A 751 23.80 -6.08 31.08
N SER A 752 23.26 -5.73 32.25
CA SER A 752 21.84 -5.40 32.36
C SER A 752 21.57 -3.89 32.43
N PHE A 753 22.35 -3.07 31.74
CA PHE A 753 22.14 -1.62 31.86
C PHE A 753 20.85 -1.19 31.18
N TYR A 754 20.50 -1.81 30.04
CA TYR A 754 19.29 -1.43 29.32
C TYR A 754 18.05 -1.80 30.12
N VAL A 755 18.00 -3.05 30.60
CA VAL A 755 16.83 -3.55 31.29
C VAL A 755 16.62 -2.81 32.61
N ASP A 756 17.68 -2.60 33.39
CA ASP A 756 17.45 -1.88 34.63
C ASP A 756 17.25 -0.38 34.42
N THR A 757 17.70 0.19 33.29
CA THR A 757 17.26 1.55 32.94
C THR A 757 15.75 1.61 32.73
N VAL A 758 15.22 0.69 31.91
CA VAL A 758 13.78 0.70 31.67
C VAL A 758 13.00 0.38 32.94
N ARG A 759 13.53 -0.51 33.79
CA ARG A 759 12.82 -0.85 35.03
C ARG A 759 12.89 0.28 36.04
N ALA A 760 14.04 0.95 36.14
CA ALA A 760 14.15 2.11 37.01
C ALA A 760 13.26 3.25 36.54
N PHE A 761 13.10 3.40 35.22
CA PHE A 761 12.22 4.44 34.73
C PHE A 761 10.75 4.09 34.96
N ARG A 762 10.39 2.81 34.86
CA ARG A 762 9.03 2.39 35.22
C ARG A 762 8.76 2.61 36.71
N ASP A 763 9.73 2.26 37.56
CA ASP A 763 9.58 2.44 39.00
C ASP A 763 9.53 3.92 39.37
N ARG A 764 10.35 4.75 38.73
CA ARG A 764 10.33 6.18 39.01
C ARG A 764 9.04 6.82 38.52
N ARG A 765 8.51 6.35 37.38
CA ARG A 765 7.19 6.80 36.94
C ARG A 765 6.12 6.42 37.95
N TYR A 766 6.20 5.20 38.50
CA TYR A 766 5.23 4.77 39.51
C TYR A 766 5.32 5.63 40.77
N GLU A 767 6.55 5.90 41.25
CA GLU A 767 6.71 6.67 42.47
C GLU A 767 6.35 8.14 42.26
N PHE A 768 6.60 8.69 41.06
CA PHE A 768 6.20 10.06 40.78
C PHE A 768 4.70 10.18 40.60
N LYS A 769 4.05 9.13 40.06
CA LYS A 769 2.60 9.10 40.04
C LYS A 769 2.02 9.07 41.46
N GLY A 770 2.63 8.28 42.34
CA GLY A 770 2.18 8.24 43.73
C GLY A 770 2.34 9.59 44.43
N LEU A 771 3.51 10.21 44.27
CA LEU A 771 3.73 11.54 44.85
C LEU A 771 2.80 12.57 44.24
N HIS A 772 2.51 12.45 42.94
CA HIS A 772 1.58 13.34 42.27
C HIS A 772 0.17 13.22 42.85
N LYS A 773 -0.27 11.98 43.12
CA LYS A 773 -1.59 11.80 43.74
C LYS A 773 -1.63 12.37 45.15
N VAL A 774 -0.57 12.15 45.93
CA VAL A 774 -0.52 12.67 47.31
C VAL A 774 -0.54 14.20 47.29
N TRP A 775 0.25 14.82 46.42
CA TRP A 775 0.29 16.27 46.36
C TRP A 775 -0.97 16.85 45.72
N LYS A 776 -1.66 16.10 44.86
CA LYS A 776 -2.96 16.53 44.37
C LYS A 776 -3.99 16.55 45.49
N LYS A 777 -3.97 15.53 46.36
CA LYS A 777 -4.84 15.53 47.53
C LYS A 777 -4.50 16.69 48.46
N LYS A 778 -3.21 16.96 48.64
CA LYS A 778 -2.79 18.08 49.47
C LYS A 778 -3.21 19.41 48.85
N LEU A 779 -3.15 19.51 47.52
CA LEU A 779 -3.62 20.71 46.83
C LEU A 779 -5.13 20.89 46.99
N SER A 780 -5.89 19.80 46.94
CA SER A 780 -7.33 19.88 47.18
C SER A 780 -7.62 20.36 48.60
N ALA A 781 -6.88 19.85 49.58
CA ALA A 781 -7.03 20.33 50.96
C ALA A 781 -6.63 21.79 51.08
N ALA A 782 -5.59 22.19 50.36
CA ALA A 782 -5.09 23.57 50.41
C ALA A 782 -6.11 24.54 49.82
N VAL A 783 -6.71 24.20 48.68
CA VAL A 783 -7.72 25.08 48.11
C VAL A 783 -9.04 24.99 48.88
N GLU A 784 -9.23 23.94 49.68
CA GLU A 784 -10.36 23.90 50.62
C GLU A 784 -10.16 24.87 51.79
N VAL A 785 -8.95 24.89 52.37
CA VAL A 785 -8.72 25.78 53.52
C VAL A 785 -8.43 27.22 53.08
N GLY A 786 -7.77 27.42 51.95
CA GLY A 786 -7.57 28.73 51.35
C GLY A 786 -6.50 29.59 51.99
N ASP A 787 -5.28 29.04 52.13
CA ASP A 787 -4.14 29.82 52.61
C ASP A 787 -3.43 30.45 51.41
N ALA A 788 -2.22 30.98 51.64
CA ALA A 788 -1.46 31.64 50.58
C ALA A 788 -0.16 30.94 50.25
N ALA A 789 0.73 30.76 51.23
CA ALA A 789 2.06 30.21 50.95
C ALA A 789 2.03 28.71 50.70
N GLU A 790 1.28 27.96 51.52
CA GLU A 790 1.25 26.52 51.35
C GLU A 790 0.50 26.12 50.09
N VAL A 791 -0.47 26.92 49.66
CA VAL A 791 -1.19 26.65 48.41
C VAL A 791 -0.25 26.73 47.22
N LYS A 792 0.55 27.81 47.14
CA LYS A 792 1.47 27.93 46.02
C LYS A 792 2.61 26.92 46.11
N ARG A 793 3.05 26.59 47.33
CA ARG A 793 4.10 25.57 47.48
C ARG A 793 3.62 24.20 47.02
N CYS A 794 2.40 23.81 47.41
CA CYS A 794 1.88 22.52 47.00
C CYS A 794 1.49 22.51 45.53
N LYS A 795 1.06 23.65 44.98
CA LYS A 795 0.83 23.74 43.54
C LYS A 795 2.12 23.54 42.75
N ASN A 796 3.21 24.18 43.21
CA ASN A 796 4.51 23.99 42.57
C ASN A 796 4.97 22.54 42.65
N MET A 797 4.81 21.92 43.82
CA MET A 797 5.21 20.53 43.96
C MET A 797 4.36 19.61 43.09
N GLU A 798 3.05 19.88 43.01
CA GLU A 798 2.15 19.05 42.22
C GLU A 798 2.48 19.15 40.74
N VAL A 799 2.72 20.37 40.23
CA VAL A 799 3.06 20.48 38.81
C VAL A 799 4.45 19.90 38.54
N LEU A 800 5.36 19.97 39.51
CA LEU A 800 6.68 19.35 39.35
C LEU A 800 6.56 17.83 39.21
N TYR A 801 5.76 17.20 40.08
CA TYR A 801 5.64 15.74 40.02
C TYR A 801 4.82 15.29 38.82
N ASP A 802 3.80 16.06 38.45
CA ASP A 802 3.03 15.75 37.24
C ASP A 802 3.90 15.85 35.99
N SER A 803 4.73 16.90 35.89
CA SER A 803 5.63 17.04 34.75
C SER A 803 6.67 15.92 34.74
N LEU A 804 7.18 15.54 35.92
CA LEU A 804 8.18 14.47 35.97
C LEU A 804 7.59 13.13 35.54
N GLN A 805 6.36 12.82 35.98
CA GLN A 805 5.78 11.54 35.58
C GLN A 805 5.39 11.56 34.11
N LEU A 806 4.99 12.73 33.58
CA LEU A 806 4.72 12.83 32.14
C LEU A 806 5.99 12.61 31.33
N ALA A 807 7.11 13.20 31.78
CA ALA A 807 8.38 13.00 31.10
C ALA A 807 8.80 11.54 31.15
N HIS A 808 8.59 10.88 32.30
CA HIS A 808 8.96 9.47 32.41
C HIS A 808 8.07 8.59 31.53
N LYS A 809 6.79 8.93 31.41
CA LYS A 809 5.90 8.22 30.51
C LYS A 809 6.34 8.37 29.06
N CYS A 810 6.74 9.59 28.68
CA CYS A 810 7.19 9.82 27.30
C CYS A 810 8.47 9.06 27.00
N ILE A 811 9.42 9.03 27.93
CA ILE A 811 10.65 8.27 27.72
C ILE A 811 10.36 6.78 27.66
N LEU A 812 9.47 6.29 28.53
CA LEU A 812 9.09 4.87 28.49
C LEU A 812 8.47 4.50 27.15
N ASN A 813 7.65 5.39 26.60
CA ASN A 813 7.10 5.16 25.27
C ASN A 813 8.18 5.26 24.19
N SER A 814 9.23 6.06 24.42
CA SER A 814 10.24 6.24 23.38
C SER A 814 11.29 5.12 23.34
N PHE A 815 11.44 4.33 24.42
CA PHE A 815 12.43 3.24 24.38
C PHE A 815 12.13 2.26 23.25
N TYR A 816 10.86 1.91 23.05
CA TYR A 816 10.51 0.96 22.01
C TYR A 816 10.76 1.54 20.62
N GLY A 817 10.43 2.82 20.42
CA GLY A 817 10.65 3.43 19.13
C GLY A 817 12.10 3.70 18.80
N TYR A 818 12.96 3.77 19.82
CA TYR A 818 14.37 4.10 19.57
C TYR A 818 15.11 2.96 18.86
N VAL A 819 14.82 1.71 19.22
CA VAL A 819 15.64 0.60 18.71
C VAL A 819 15.38 0.37 17.23
N MET A 820 14.14 0.53 16.78
CA MET A 820 13.84 0.33 15.36
C MET A 820 14.25 1.50 14.49
N ARG A 821 14.63 2.64 15.10
CA ARG A 821 15.09 3.80 14.34
C ARG A 821 16.33 3.46 13.53
N LYS A 822 16.30 3.81 12.24
CA LYS A 822 17.46 3.60 11.38
C LYS A 822 18.56 4.56 11.78
N GLY A 823 19.77 4.04 11.94
CA GLY A 823 20.89 4.84 12.37
C GLY A 823 21.03 4.99 13.87
N ALA A 824 20.20 4.30 14.66
CA ALA A 824 20.36 4.32 16.11
C ALA A 824 21.58 3.53 16.53
N ARG A 825 22.22 3.99 17.62
CA ARG A 825 23.38 3.28 18.14
C ARG A 825 23.02 1.89 18.62
N TRP A 826 21.94 1.78 19.39
CA TRP A 826 21.42 0.49 19.83
C TRP A 826 20.26 0.08 18.92
N TYR A 827 20.62 -0.25 17.68
CA TYR A 827 19.64 -0.64 16.68
C TYR A 827 19.42 -2.14 16.74
N SER A 828 18.15 -2.55 16.65
CA SER A 828 17.80 -3.96 16.72
C SER A 828 16.52 -4.18 15.92
N MET A 829 16.65 -4.76 14.73
CA MET A 829 15.49 -5.29 14.03
C MET A 829 14.93 -6.52 14.76
N GLU A 830 15.81 -7.25 15.45
CA GLU A 830 15.40 -8.45 16.17
C GLU A 830 14.44 -8.11 17.32
N MET A 831 14.75 -7.04 18.05
CA MET A 831 13.83 -6.61 19.14
C MET A 831 12.49 -6.18 18.52
N ALA A 832 12.53 -5.43 17.41
CA ALA A 832 11.30 -4.94 16.81
C ALA A 832 10.39 -6.10 16.41
N GLY A 833 10.98 -7.10 15.75
CA GLY A 833 10.22 -8.29 15.40
C GLY A 833 9.74 -9.06 16.62
N ILE A 834 10.59 -9.19 17.63
CA ILE A 834 10.26 -10.00 18.80
C ILE A 834 9.15 -9.35 19.61
N VAL A 835 9.23 -8.05 19.85
CA VAL A 835 8.21 -7.34 20.62
C VAL A 835 6.91 -7.29 19.83
N CYS A 836 6.96 -7.08 18.51
CA CYS A 836 5.72 -7.09 17.74
C CYS A 836 5.09 -8.47 17.70
N PHE A 837 5.90 -9.53 17.60
CA PHE A 837 5.32 -10.87 17.59
C PHE A 837 4.79 -11.28 18.95
N THR A 838 5.46 -10.90 20.04
CA THR A 838 4.94 -11.19 21.37
C THR A 838 3.67 -10.39 21.66
N GLY A 839 3.64 -9.13 21.23
CA GLY A 839 2.42 -8.36 21.35
C GLY A 839 1.29 -8.94 20.52
N ALA A 840 1.58 -9.35 19.29
CA ALA A 840 0.58 -9.98 18.45
C ALA A 840 0.12 -11.31 19.02
N ASN A 841 1.02 -12.04 19.69
CA ASN A 841 0.64 -13.30 20.33
C ASN A 841 -0.29 -13.04 21.50
N ILE A 842 -0.02 -12.01 22.28
CA ILE A 842 -0.90 -11.65 23.39
C ILE A 842 -2.27 -11.22 22.86
N ILE A 843 -2.28 -10.41 21.80
CA ILE A 843 -3.55 -9.96 21.23
C ILE A 843 -4.31 -11.14 20.61
N THR A 844 -3.59 -12.10 20.01
CA THR A 844 -4.24 -13.28 19.43
C THR A 844 -4.84 -14.18 20.50
N GLN A 845 -4.09 -14.47 21.57
CA GLN A 845 -4.63 -15.33 22.62
C GLN A 845 -5.77 -14.65 23.36
N ALA A 846 -5.71 -13.33 23.52
CA ALA A 846 -6.86 -12.58 24.03
C ALA A 846 -8.02 -12.64 23.05
N ARG A 847 -7.74 -12.60 21.75
CA ARG A 847 -8.80 -12.72 20.74
C ARG A 847 -9.50 -14.06 20.86
N GLU A 848 -8.76 -15.15 21.05
CA GLU A 848 -9.41 -16.45 21.25
C GLU A 848 -10.20 -16.49 22.56
N LEU A 849 -9.65 -15.90 23.63
CA LEU A 849 -10.29 -16.01 24.94
C LEU A 849 -11.58 -15.20 25.01
N ILE A 850 -11.60 -14.00 24.42
CA ILE A 850 -12.84 -13.24 24.43
C ILE A 850 -13.74 -13.64 23.25
N GLU A 851 -13.17 -14.09 22.12
CA GLU A 851 -13.97 -14.54 20.99
C GLU A 851 -14.83 -15.76 21.34
N GLN A 852 -14.36 -16.61 22.25
CA GLN A 852 -15.17 -17.76 22.65
C GLN A 852 -16.31 -17.40 23.61
N ILE A 853 -16.16 -16.35 24.43
CA ILE A 853 -17.18 -15.97 25.41
C ILE A 853 -17.91 -14.68 25.04
N GLY A 854 -17.57 -14.05 23.93
CA GLY A 854 -18.19 -12.81 23.48
C GLY A 854 -17.76 -12.44 22.07
N ARG A 855 -17.78 -11.15 21.75
CA ARG A 855 -17.45 -10.67 20.41
C ARG A 855 -16.35 -9.61 20.49
N PRO A 856 -15.15 -9.89 19.98
CA PRO A 856 -14.11 -8.85 19.89
C PRO A 856 -14.40 -7.87 18.75
N LEU A 857 -14.76 -6.64 19.11
CA LEU A 857 -15.15 -5.63 18.12
C LEU A 857 -13.98 -5.20 17.26
N GLU A 858 -12.81 -4.95 17.86
CA GLU A 858 -11.67 -4.43 17.11
C GLU A 858 -10.37 -4.86 17.77
N LEU A 859 -9.38 -5.20 16.95
CA LEU A 859 -8.03 -5.53 17.41
C LEU A 859 -7.10 -4.38 17.07
N ASP A 860 -6.64 -3.66 18.09
CA ASP A 860 -5.63 -2.63 17.89
C ASP A 860 -4.24 -3.22 18.13
N THR A 861 -3.21 -2.40 17.91
CA THR A 861 -1.85 -2.83 18.19
C THR A 861 -1.55 -2.83 19.68
N ASP A 862 -2.28 -2.05 20.47
CA ASP A 862 -2.04 -1.93 21.90
C ASP A 862 -3.05 -2.71 22.75
N GLY A 863 -4.23 -2.99 22.24
CA GLY A 863 -5.23 -3.66 23.04
C GLY A 863 -6.38 -4.13 22.19
N ILE A 864 -7.44 -4.58 22.86
CA ILE A 864 -8.61 -5.15 22.22
C ILE A 864 -9.83 -4.37 22.68
N TRP A 865 -10.62 -3.88 21.72
CA TRP A 865 -11.96 -3.41 22.01
C TRP A 865 -12.88 -4.62 21.85
N CYS A 866 -13.52 -5.04 22.93
CA CYS A 866 -14.27 -6.29 22.91
C CYS A 866 -15.54 -6.17 23.74
N VAL A 867 -16.27 -7.27 23.81
CA VAL A 867 -17.52 -7.36 24.55
C VAL A 867 -17.52 -8.63 25.40
N PRO A 869 -21.24 -9.81 27.69
CA PRO A 869 -22.61 -10.20 28.07
C PRO A 869 -23.07 -9.50 29.34
N ASN A 870 -24.38 -9.26 29.45
CA ASN A 870 -24.92 -8.56 30.61
C ASN A 870 -24.83 -9.37 31.88
N SER A 871 -24.82 -10.70 31.77
CA SER A 871 -24.72 -11.58 32.94
C SER A 871 -23.28 -11.95 33.29
N PHE A 872 -22.31 -11.37 32.61
CA PHE A 872 -20.92 -11.73 32.82
C PHE A 872 -20.38 -10.98 34.04
N PRO A 873 -19.55 -11.62 34.88
CA PRO A 873 -19.04 -10.95 36.09
C PRO A 873 -18.12 -9.79 35.74
N GLU A 874 -18.32 -8.66 36.41
CA GLU A 874 -17.61 -7.42 36.11
C GLU A 874 -16.54 -7.09 37.13
N ASN A 875 -16.93 -6.89 38.40
CA ASN A 875 -16.04 -6.43 39.46
C ASN A 875 -16.53 -7.01 40.78
N PHE A 876 -15.60 -7.19 41.71
CA PHE A 876 -15.94 -7.75 43.02
C PHE A 876 -15.11 -7.09 44.10
N VAL A 877 -15.73 -6.93 45.27
CA VAL A 877 -15.10 -6.28 46.42
C VAL A 877 -14.79 -7.34 47.47
N PHE A 878 -13.59 -7.24 48.05
CA PHE A 878 -13.10 -8.17 49.06
C PHE A 878 -12.86 -7.40 50.35
N LYS A 879 -13.39 -7.93 51.46
CA LYS A 879 -13.18 -7.34 52.77
C LYS A 879 -11.91 -7.91 53.38
N THR A 880 -10.99 -7.02 53.77
CA THR A 880 -9.69 -7.40 54.28
C THR A 880 -9.55 -6.90 55.72
N THR A 881 -8.94 -7.74 56.58
CA THR A 881 -8.69 -7.35 57.96
C THR A 881 -7.60 -6.29 58.10
N ASN A 882 -6.87 -6.00 57.03
CA ASN A 882 -5.83 -4.97 57.07
C ASN A 882 -6.45 -3.59 57.26
N VAL A 883 -5.85 -2.78 58.12
CA VAL A 883 -6.37 -1.46 58.40
C VAL A 883 -6.05 -0.48 57.27
N LYS A 884 -4.97 -0.74 56.53
CA LYS A 884 -4.57 0.18 55.46
C LYS A 884 -5.46 0.05 54.23
N LYS A 885 -5.95 -1.15 53.92
CA LYS A 885 -6.84 -1.40 52.78
C LYS A 885 -8.00 -2.26 53.26
N PRO A 886 -9.04 -1.65 53.84
CA PRO A 886 -10.22 -2.43 54.26
C PRO A 886 -10.96 -3.10 53.11
N LYS A 887 -10.94 -2.50 51.92
CA LYS A 887 -11.64 -3.04 50.76
C LYS A 887 -10.67 -3.18 49.60
N VAL A 888 -10.85 -4.25 48.82
CA VAL A 888 -10.06 -4.48 47.62
C VAL A 888 -11.01 -4.70 46.45
N THR A 889 -10.90 -3.87 45.41
CA THR A 889 -11.74 -3.99 44.24
C THR A 889 -10.97 -4.69 43.13
N ILE A 890 -11.54 -5.77 42.60
CA ILE A 890 -10.85 -6.58 41.60
C ILE A 890 -11.75 -6.73 40.39
N SER A 891 -11.12 -6.86 39.22
CA SER A 891 -11.78 -6.95 37.93
C SER A 891 -11.57 -8.35 37.38
N TYR A 892 -12.65 -9.13 37.29
CA TYR A 892 -12.57 -10.48 36.73
C TYR A 892 -12.12 -10.52 35.27
N PRO A 893 -12.63 -9.69 34.33
CA PRO A 893 -12.05 -9.71 32.98
C PRO A 893 -10.58 -9.33 32.92
N GLY A 894 -10.11 -8.46 33.81
CA GLY A 894 -8.67 -8.22 33.91
C GLY A 894 -7.93 -9.43 34.45
N ALA A 895 -8.51 -10.10 35.45
CA ALA A 895 -7.82 -11.17 36.16
C ALA A 895 -7.69 -12.43 35.30
N MET A 896 -8.70 -12.73 34.48
CA MET A 896 -8.61 -13.91 33.63
C MET A 896 -7.53 -13.74 32.57
N LEU A 897 -7.41 -12.54 31.98
CA LEU A 897 -6.31 -12.27 31.07
C LEU A 897 -4.98 -12.23 31.80
N ASN A 898 -4.97 -11.80 33.06
CA ASN A 898 -3.75 -11.81 33.85
C ASN A 898 -3.24 -13.23 34.09
N ILE A 899 -4.14 -14.16 34.41
CA ILE A 899 -3.67 -15.54 34.60
C ILE A 899 -3.38 -16.20 33.25
N MET A 900 -4.03 -15.75 32.17
CA MET A 900 -3.70 -16.27 30.84
C MET A 900 -2.26 -15.90 30.47
N VAL A 901 -1.87 -14.65 30.68
CA VAL A 901 -0.49 -14.26 30.40
C VAL A 901 0.46 -14.81 31.47
N LYS A 902 -0.07 -15.13 32.66
CA LYS A 902 0.75 -15.80 33.68
C LYS A 902 1.12 -17.21 33.24
N GLU A 903 0.18 -17.94 32.65
CA GLU A 903 0.53 -19.27 32.16
C GLU A 903 1.37 -19.18 30.89
N GLY A 904 1.03 -18.24 30.00
CA GLY A 904 1.68 -18.21 28.70
C GLY A 904 3.06 -17.59 28.63
N PHE A 905 3.18 -16.33 29.04
CA PHE A 905 4.35 -15.53 28.73
C PHE A 905 5.26 -15.25 29.92
N THR A 906 5.09 -15.95 31.04
CA THR A 906 5.97 -15.75 32.19
C THR A 906 7.35 -16.33 31.91
N ASN A 907 8.38 -15.52 32.13
CA ASN A 907 9.76 -15.92 31.84
C ASN A 907 10.33 -16.57 33.09
N ASP A 908 10.42 -17.90 33.07
CA ASP A 908 10.83 -18.69 34.23
C ASP A 908 12.33 -18.85 34.34
N GLN A 909 13.10 -18.12 33.53
CA GLN A 909 14.55 -18.28 33.40
C GLN A 909 15.21 -16.91 33.39
N TYR A 910 14.65 -15.98 34.16
CA TYR A 910 15.08 -14.58 34.16
C TYR A 910 16.28 -14.44 35.10
N GLN A 911 17.48 -14.36 34.54
CA GLN A 911 18.70 -14.46 35.34
C GLN A 911 19.28 -13.09 35.65
N GLU A 912 19.54 -12.83 36.93
CA GLU A 912 20.20 -11.60 37.37
C GLU A 912 21.47 -11.92 38.14
N LEU A 913 22.52 -11.14 37.88
CA LEU A 913 23.80 -11.32 38.57
C LEU A 913 23.66 -10.88 40.02
N ALA A 914 23.67 -11.84 40.95
CA ALA A 914 23.50 -11.50 42.36
C ALA A 914 24.76 -10.84 42.92
N GLU A 915 25.92 -11.41 42.63
CA GLU A 915 27.18 -10.86 43.12
C GLU A 915 28.28 -11.11 42.09
N PRO A 916 29.15 -10.12 41.85
CA PRO A 916 30.19 -10.26 40.82
C PRO A 916 31.48 -10.92 41.30
N SER A 917 31.50 -11.52 42.49
CA SER A 917 32.72 -12.13 43.00
C SER A 917 32.90 -13.57 42.50
N SER A 918 31.85 -14.38 42.56
CA SER A 918 31.91 -15.77 42.12
C SER A 918 31.08 -16.00 40.86
N LEU A 919 30.63 -14.92 40.21
CA LEU A 919 29.79 -14.97 39.00
C LEU A 919 28.53 -15.80 39.25
N THR A 920 27.83 -15.47 40.34
CA THR A 920 26.62 -16.18 40.72
C THR A 920 25.40 -15.45 40.17
N TYR A 921 24.59 -16.17 39.40
CA TYR A 921 23.40 -15.61 38.77
C TYR A 921 22.18 -16.32 39.35
N VAL A 922 21.25 -15.54 39.87
CA VAL A 922 20.00 -16.05 40.43
C VAL A 922 18.94 -16.06 39.34
N THR A 923 18.32 -17.23 39.15
CA THR A 923 17.17 -17.36 38.26
C THR A 923 15.90 -16.96 38.99
N ARG A 924 15.07 -16.16 38.32
CA ARG A 924 13.82 -15.68 38.89
C ARG A 924 12.75 -15.73 37.82
N SER A 925 11.49 -15.81 38.26
CA SER A 925 10.32 -15.85 37.40
C SER A 925 9.61 -14.50 37.44
N GLU A 926 9.73 -13.72 36.37
CA GLU A 926 9.21 -12.36 36.30
C GLU A 926 8.24 -12.21 35.14
N ASN A 927 7.10 -11.55 35.41
CA ASN A 927 6.10 -11.27 34.39
C ASN A 927 5.38 -9.99 34.80
N SER A 928 5.77 -8.88 34.19
CA SER A 928 5.18 -7.59 34.49
C SER A 928 4.17 -7.16 33.43
N ILE A 929 3.81 -8.04 32.51
CA ILE A 929 2.82 -7.76 31.47
C ILE A 929 1.44 -7.91 32.11
N PHE A 930 0.71 -6.81 32.22
CA PHE A 930 -0.60 -6.82 32.85
C PHE A 930 -1.62 -6.14 31.96
N PHE A 931 -2.86 -6.61 32.01
CA PHE A 931 -3.94 -6.00 31.26
C PHE A 931 -4.63 -4.93 32.09
N GLU A 932 -5.39 -4.08 31.41
CA GLU A 932 -6.17 -3.04 32.06
C GLU A 932 -7.54 -2.99 31.39
N VAL A 933 -8.58 -2.92 32.22
CA VAL A 933 -9.96 -2.84 31.74
C VAL A 933 -10.40 -1.38 31.82
N ASP A 934 -10.77 -0.80 30.69
CA ASP A 934 -11.15 0.61 30.66
C ASP A 934 -12.66 0.80 30.77
N GLY A 935 -13.26 0.16 31.77
CA GLY A 935 -14.65 0.40 32.12
C GLY A 935 -15.66 -0.08 31.09
N PRO A 936 -16.91 -0.21 31.53
CA PRO A 936 -17.98 -0.51 30.58
C PRO A 936 -18.47 0.72 29.85
N TYR A 937 -17.81 1.07 28.74
CA TYR A 937 -18.19 2.22 27.93
C TYR A 937 -19.62 2.07 27.43
N LEU A 938 -20.29 3.22 27.28
CA LEU A 938 -21.69 3.20 26.85
C LEU A 938 -21.81 2.78 25.39
N ALA A 939 -21.01 3.37 24.51
CA ALA A 939 -21.20 3.09 23.09
C ALA A 939 -19.85 2.97 22.38
N MET A 940 -19.87 2.23 21.28
CA MET A 940 -18.73 2.21 20.36
C MET A 940 -19.24 2.06 18.94
N ILE A 941 -18.84 2.99 18.07
CA ILE A 941 -19.25 3.00 16.66
C ILE A 941 -18.00 2.78 15.82
N LEU A 942 -18.03 1.75 14.99
CA LEU A 942 -16.96 1.44 14.06
C LEU A 942 -17.47 1.60 12.64
N PRO A 943 -16.81 2.39 11.81
CA PRO A 943 -17.22 2.50 10.40
C PRO A 943 -16.61 1.42 9.55
N ALA A 944 -16.93 1.40 8.26
CA ALA A 944 -16.45 0.39 7.34
C ALA A 944 -15.70 1.05 6.18
N SER A 945 -14.61 0.41 5.75
CA SER A 945 -13.76 0.96 4.71
C SER A 945 -13.57 -0.08 3.61
N LYS A 946 -13.27 0.41 2.40
CA LYS A 946 -13.09 -0.47 1.25
C LYS A 946 -11.81 -1.28 1.34
N GLU A 947 -10.84 -0.85 2.13
CA GLU A 947 -9.51 -1.43 2.15
C GLU A 947 -9.34 -2.29 3.39
N GLU A 948 -8.88 -3.53 3.20
CA GLU A 948 -8.58 -4.44 4.29
C GLU A 948 -7.14 -4.91 4.15
N GLY A 949 -6.40 -4.83 5.23
CA GLY A 949 -5.00 -5.23 5.22
C GLY A 949 -4.23 -4.43 6.24
N LYS A 950 -2.92 -4.27 5.98
CA LYS A 950 -2.05 -3.55 6.88
C LYS A 950 -2.12 -2.04 6.72
N LYS A 951 -2.84 -1.54 5.70
CA LYS A 951 -3.00 -0.11 5.50
C LYS A 951 -4.30 0.42 6.08
N LEU A 952 -5.03 -0.42 6.81
CA LEU A 952 -6.27 0.02 7.45
C LEU A 952 -5.95 1.02 8.56
N LYS A 953 -6.81 2.02 8.70
CA LYS A 953 -6.62 3.08 9.68
C LYS A 953 -7.45 2.81 10.93
N LYS A 954 -6.93 3.22 12.08
CA LYS A 954 -7.59 3.05 13.38
C LYS A 954 -8.69 4.10 13.51
N ARG A 955 -9.89 3.75 13.06
CA ARG A 955 -11.02 4.67 12.99
C ARG A 955 -12.20 4.10 13.78
N TYR A 956 -12.62 4.82 14.82
CA TYR A 956 -13.77 4.43 15.64
C TYR A 956 -14.16 5.62 16.50
N ALA A 957 -15.26 5.47 17.24
CA ALA A 957 -15.73 6.49 18.16
C ALA A 957 -16.35 5.82 19.39
N VAL A 958 -15.77 6.03 20.55
CA VAL A 958 -16.19 5.40 21.80
C VAL A 958 -16.75 6.47 22.71
N PHE A 959 -17.95 6.23 23.25
CA PHE A 959 -18.67 7.18 24.07
C PHE A 959 -18.79 6.66 25.49
N ASN A 960 -18.37 7.49 26.45
CA ASN A 960 -18.43 7.21 27.88
C ASN A 960 -19.87 6.99 28.37
N GLU A 961 -19.98 6.48 29.59
CA GLU A 961 -21.28 6.17 30.17
C GLU A 961 -22.10 7.42 30.44
N ASP A 962 -21.44 8.52 30.81
CA ASP A 962 -22.14 9.79 31.05
C ASP A 962 -22.66 10.44 29.77
N GLY A 963 -22.25 9.96 28.60
CA GLY A 963 -22.73 10.48 27.33
C GLY A 963 -21.78 11.38 26.59
N SER A 964 -20.56 11.58 27.09
CA SER A 964 -19.58 12.43 26.43
C SER A 964 -18.82 11.61 25.38
N LEU A 965 -17.75 12.19 24.86
CA LEU A 965 -16.86 11.50 23.93
C LEU A 965 -15.67 10.95 24.71
N ALA A 966 -15.68 9.63 24.94
CA ALA A 966 -14.55 8.99 25.61
C ALA A 966 -13.31 9.06 24.73
N GLU A 967 -13.40 8.57 23.49
CA GLU A 967 -12.30 8.63 22.54
C GLU A 967 -12.88 8.66 21.13
N LEU A 968 -12.08 9.17 20.19
CA LEU A 968 -12.49 9.21 18.79
C LEU A 968 -11.21 9.20 17.95
N LYS A 969 -11.06 8.18 17.12
CA LYS A 969 -9.86 8.01 16.32
C LYS A 969 -10.23 7.87 14.85
N GLY A 970 -9.33 8.33 13.98
CA GLY A 970 -9.46 8.16 12.55
C GLY A 970 -10.32 9.19 11.85
N PHE A 971 -11.16 9.91 12.58
CA PHE A 971 -12.00 10.95 12.01
C PHE A 971 -11.38 12.33 12.24
N GLU A 972 -10.20 12.52 11.66
CA GLU A 972 -9.47 13.77 11.78
C GLU A 972 -9.91 14.66 10.62
N VAL A 973 -10.76 15.64 10.92
CA VAL A 973 -11.21 16.57 9.89
C VAL A 973 -10.06 17.46 9.48
N LYS A 974 -9.88 17.64 8.17
CA LYS A 974 -8.75 18.37 7.65
C LYS A 974 -9.04 19.86 7.70
N ARG A 975 -7.99 20.66 7.93
CA ARG A 975 -8.20 22.07 8.22
C ARG A 975 -8.71 22.82 6.99
N ARG A 976 -8.17 22.49 5.81
CA ARG A 976 -8.66 23.06 4.57
C ARG A 976 -8.87 22.04 3.47
N GLY A 977 -8.42 20.80 3.63
CA GLY A 977 -8.49 19.83 2.56
C GLY A 977 -9.80 19.10 2.45
N GLU A 978 -10.83 19.55 3.17
CA GLU A 978 -12.14 18.91 3.15
C GLU A 978 -13.21 19.99 3.06
N LEU A 979 -14.37 19.61 2.53
CA LEU A 979 -15.51 20.51 2.50
C LEU A 979 -16.07 20.71 3.89
N GLN A 980 -16.68 21.87 4.11
CA GLN A 980 -17.35 22.12 5.39
C GLN A 980 -18.56 21.21 5.58
N LEU A 981 -19.16 20.77 4.48
CA LEU A 981 -20.30 19.87 4.52
C LEU A 981 -19.94 18.54 5.18
N ILE A 982 -18.79 17.98 4.81
CA ILE A 982 -18.34 16.71 5.38
C ILE A 982 -18.07 16.85 6.87
N LYS A 983 -17.42 17.94 7.27
CA LYS A 983 -17.08 18.15 8.67
C LYS A 983 -18.33 18.31 9.53
N ILE A 984 -19.28 19.12 9.08
CA ILE A 984 -20.50 19.31 9.87
C ILE A 984 -21.35 18.04 9.88
N PHE A 985 -21.35 17.28 8.78
CA PHE A 985 -22.07 16.02 8.75
C PHE A 985 -21.49 15.02 9.75
N GLN A 986 -20.15 14.94 9.82
CA GLN A 986 -19.52 14.03 10.79
C GLN A 986 -19.80 14.47 12.21
N SER A 987 -19.68 15.77 12.49
CA SER A 987 -19.90 16.30 13.83
C SER A 987 -21.34 16.12 14.28
N SER A 988 -22.28 16.06 13.33
CA SER A 988 -23.65 15.79 13.72
C SER A 988 -23.94 14.29 13.85
N VAL A 989 -23.39 13.46 12.96
CA VAL A 989 -23.73 12.04 12.94
C VAL A 989 -23.19 11.34 14.19
N PHE A 990 -22.03 11.77 14.68
CA PHE A 990 -21.44 11.10 15.85
C PHE A 990 -22.29 11.33 17.10
N GLU A 991 -22.74 12.56 17.32
CA GLU A 991 -23.67 12.81 18.42
C GLU A 991 -25.06 12.26 18.14
N ALA A 992 -25.36 11.94 16.87
CA ALA A 992 -26.66 11.39 16.52
C ALA A 992 -26.78 9.89 16.76
N PHE A 993 -25.66 9.16 16.79
CA PHE A 993 -25.73 7.71 17.08
C PHE A 993 -26.40 7.38 18.40
N LEU A 994 -26.27 8.24 19.42
CA LEU A 994 -26.71 7.85 20.75
C LEU A 994 -28.22 7.97 20.97
N LYS A 995 -28.97 8.47 19.99
CA LYS A 995 -30.41 8.51 20.11
C LYS A 995 -31.02 7.14 19.85
N GLY A 996 -32.31 7.00 20.16
CA GLY A 996 -33.04 5.79 19.91
C GLY A 996 -32.94 4.77 21.03
N SER A 997 -33.74 3.71 20.90
CA SER A 997 -33.81 2.66 21.90
C SER A 997 -33.26 1.33 21.39
N THR A 998 -33.84 0.79 20.32
CA THR A 998 -33.35 -0.43 19.71
C THR A 998 -32.43 -0.09 18.54
N LEU A 999 -31.98 -1.11 17.82
CA LEU A 999 -30.99 -0.90 16.76
C LEU A 999 -31.58 -0.13 15.58
N GLU A 1000 -32.79 -0.49 15.16
CA GLU A 1000 -33.42 0.21 14.05
C GLU A 1000 -33.74 1.66 14.40
N GLU A 1001 -34.06 1.94 15.67
CA GLU A 1001 -34.29 3.33 16.08
C GLU A 1001 -32.99 4.11 16.09
N VAL A 1002 -31.89 3.48 16.48
CA VAL A 1002 -30.56 4.12 16.39
C VAL A 1002 -30.25 4.49 14.95
N TYR A 1003 -30.48 3.56 14.02
CA TYR A 1003 -30.12 3.85 12.63
C TYR A 1003 -31.08 4.86 12.01
N GLY A 1004 -32.37 4.76 12.29
CA GLY A 1004 -33.34 5.70 11.76
C GLY A 1004 -33.25 7.08 12.38
N SER A 1005 -32.62 7.21 13.54
CA SER A 1005 -32.38 8.51 14.14
C SER A 1005 -30.99 9.06 13.84
N VAL A 1006 -30.05 8.21 13.39
CA VAL A 1006 -28.75 8.73 13.01
C VAL A 1006 -28.71 9.02 11.51
N ALA A 1007 -29.67 8.50 10.75
CA ALA A 1007 -29.79 8.84 9.33
C ALA A 1007 -30.53 10.15 9.08
N LYS A 1008 -31.03 10.80 10.14
CA LYS A 1008 -31.68 12.10 9.95
C LYS A 1008 -30.68 13.19 9.53
N VAL A 1009 -29.43 13.08 9.96
CA VAL A 1009 -28.40 14.02 9.50
C VAL A 1009 -28.18 13.88 8.00
N ALA A 1010 -28.02 12.64 7.53
CA ALA A 1010 -27.85 12.38 6.11
C ALA A 1010 -29.08 12.80 5.32
N ASP A 1011 -30.28 12.56 5.87
CA ASP A 1011 -31.51 12.99 5.22
C ASP A 1011 -31.58 14.51 5.09
N TYR A 1012 -31.20 15.22 6.16
CA TYR A 1012 -31.23 16.68 6.13
C TYR A 1012 -30.25 17.24 5.11
N TRP A 1013 -29.03 16.71 5.06
CA TRP A 1013 -28.06 17.27 4.14
C TRP A 1013 -28.33 16.87 2.69
N LEU A 1014 -28.84 15.65 2.46
CA LEU A 1014 -29.29 15.30 1.12
C LEU A 1014 -30.49 16.12 0.70
N ASP A 1015 -31.34 16.53 1.64
CA ASP A 1015 -32.44 17.43 1.31
C ASP A 1015 -31.95 18.83 0.99
N VAL A 1016 -30.89 19.28 1.66
CA VAL A 1016 -30.32 20.59 1.33
C VAL A 1016 -29.70 20.58 -0.07
N LEU A 1017 -28.89 19.55 -0.36
CA LEU A 1017 -28.22 19.53 -1.66
C LEU A 1017 -29.13 19.10 -2.81
N TYR A 1018 -30.20 18.35 -2.54
CA TYR A 1018 -31.12 17.97 -3.61
C TYR A 1018 -32.04 19.12 -4.02
N SER A 1019 -32.33 20.04 -3.11
CA SER A 1019 -33.18 21.19 -3.38
C SER A 1019 -32.39 22.37 -3.95
N LYS A 1020 -31.17 22.12 -4.43
CA LYS A 1020 -30.26 23.12 -4.99
C LYS A 1020 -29.93 24.24 -4.01
N ALA A 1021 -30.05 23.96 -2.71
CA ALA A 1021 -29.87 24.93 -1.62
C ALA A 1021 -30.75 26.15 -1.82
N ALA A 1022 -32.03 25.89 -2.13
CA ALA A 1022 -32.97 26.97 -2.44
C ALA A 1022 -33.35 27.81 -1.23
N ASN A 1023 -33.14 27.30 -0.02
CA ASN A 1023 -33.41 28.05 1.20
C ASN A 1023 -32.12 28.40 1.94
N MET A 1024 -31.03 28.57 1.20
CA MET A 1024 -29.72 28.81 1.78
C MET A 1024 -29.23 30.20 1.41
N PRO A 1025 -28.80 30.99 2.39
CA PRO A 1025 -28.10 32.24 2.07
C PRO A 1025 -26.81 32.00 1.31
N ASP A 1026 -26.44 33.00 0.50
CA ASP A 1026 -25.36 32.85 -0.47
C ASP A 1026 -23.99 32.74 0.20
N SER A 1027 -23.74 33.55 1.24
CA SER A 1027 -22.43 33.58 1.87
C SER A 1027 -22.10 32.24 2.54
N GLU A 1028 -23.06 31.66 3.26
CA GLU A 1028 -22.81 30.35 3.85
C GLU A 1028 -22.76 29.24 2.80
N LEU A 1029 -23.42 29.44 1.65
CA LEU A 1029 -23.28 28.46 0.57
C LEU A 1029 -21.85 28.42 0.05
N PHE A 1030 -21.21 29.58 -0.13
CA PHE A 1030 -19.79 29.53 -0.45
C PHE A 1030 -18.93 29.06 0.71
N GLU A 1031 -19.28 29.39 1.95
CA GLU A 1031 -18.49 28.91 3.08
C GLU A 1031 -18.57 27.39 3.25
N LEU A 1032 -19.63 26.76 2.76
CA LEU A 1032 -19.82 25.33 2.89
C LEU A 1032 -19.31 24.55 1.68
N ILE A 1033 -19.62 25.00 0.46
CA ILE A 1033 -19.28 24.25 -0.74
C ILE A 1033 -17.78 24.30 -1.04
N SER A 1034 -17.15 25.45 -0.85
CA SER A 1034 -15.84 25.72 -1.44
C SER A 1034 -14.73 24.85 -0.85
N GLU A 1035 -13.72 24.59 -1.68
CA GLU A 1035 -12.53 23.87 -1.29
C GLU A 1035 -11.36 24.84 -1.24
N ASN A 1036 -10.73 24.94 -0.07
CA ASN A 1036 -9.50 25.70 0.11
C ASN A 1036 -8.30 24.82 -0.20
N ARG A 1037 -7.27 25.41 -0.79
CA ARG A 1037 -6.11 24.63 -1.19
C ARG A 1037 -4.95 25.59 -1.39
N SER A 1038 -3.72 25.06 -1.32
CA SER A 1038 -2.54 25.89 -1.36
C SER A 1038 -1.65 25.47 -2.53
N MET A 1039 -0.58 26.23 -2.73
CA MET A 1039 0.42 25.97 -3.75
C MET A 1039 1.79 26.07 -3.10
N SER A 1040 2.44 24.93 -2.90
CA SER A 1040 3.65 24.89 -2.08
C SER A 1040 4.83 25.58 -2.74
N ARG A 1041 5.02 25.38 -4.04
CA ARG A 1041 6.15 25.98 -4.75
C ARG A 1041 5.64 26.47 -6.10
N LYS A 1042 6.58 26.82 -6.99
CA LYS A 1042 6.28 27.55 -8.21
C LYS A 1042 5.37 26.77 -9.14
N LEU A 1043 4.38 27.48 -9.71
CA LEU A 1043 3.43 26.88 -10.64
C LEU A 1043 4.14 26.42 -11.92
N GLU A 1044 4.99 27.27 -12.49
CA GLU A 1044 5.65 26.95 -13.74
C GLU A 1044 6.72 25.87 -13.59
N ASP A 1045 7.23 25.65 -12.37
CA ASP A 1045 8.28 24.65 -12.20
C ASP A 1045 7.76 23.22 -12.30
N TYR A 1046 6.46 23.02 -12.04
CA TYR A 1046 5.86 21.69 -12.16
C TYR A 1046 5.90 21.15 -13.58
N GLY A 1047 5.93 22.02 -14.59
CA GLY A 1047 5.70 21.57 -15.93
C GLY A 1047 4.21 21.41 -16.22
N GLU A 1048 3.92 20.57 -17.22
CA GLU A 1048 2.56 20.38 -17.69
C GLU A 1048 2.02 19.09 -17.09
N GLN A 1049 1.56 19.19 -15.84
CA GLN A 1049 0.91 18.09 -15.15
C GLN A 1049 -0.43 18.56 -14.61
N LYS A 1050 -1.39 17.64 -14.56
CA LYS A 1050 -2.79 17.99 -14.33
C LYS A 1050 -3.14 17.85 -12.85
N SER A 1051 -3.77 18.90 -12.31
CA SER A 1051 -4.33 18.90 -10.97
C SER A 1051 -5.37 20.01 -10.90
N THR A 1052 -6.24 19.91 -9.90
CA THR A 1052 -7.27 20.94 -9.74
C THR A 1052 -6.69 22.25 -9.20
N SER A 1053 -5.65 22.17 -8.35
CA SER A 1053 -4.93 23.36 -7.93
C SER A 1053 -4.26 24.05 -9.12
N ILE A 1054 -3.68 23.26 -10.02
CA ILE A 1054 -3.06 23.81 -11.22
C ILE A 1054 -4.09 24.53 -12.08
N SER A 1055 -5.26 23.91 -12.24
CA SER A 1055 -6.32 24.51 -13.04
C SER A 1055 -6.78 25.83 -12.46
N THR A 1056 -7.06 25.88 -11.15
CA THR A 1056 -7.55 27.13 -10.58
C THR A 1056 -6.46 28.19 -10.48
N ALA A 1057 -5.19 27.78 -10.34
CA ALA A 1057 -4.09 28.72 -10.37
C ALA A 1057 -3.96 29.35 -11.75
N LYS A 1058 -4.13 28.55 -12.81
CA LYS A 1058 -4.09 29.10 -14.16
C LYS A 1058 -5.28 30.02 -14.42
N ARG A 1059 -6.46 29.67 -13.90
CA ARG A 1059 -7.62 30.54 -14.03
C ARG A 1059 -7.39 31.88 -13.35
N LEU A 1060 -6.81 31.86 -12.14
CA LEU A 1060 -6.50 33.09 -11.43
C LEU A 1060 -5.43 33.90 -12.14
N ALA A 1061 -4.44 33.22 -12.73
CA ALA A 1061 -3.38 33.92 -13.46
C ALA A 1061 -3.93 34.63 -14.69
N GLU A 1062 -4.74 33.94 -15.49
CA GLU A 1062 -5.33 34.62 -16.64
C GLU A 1062 -6.44 35.57 -16.25
N PHE A 1063 -6.95 35.50 -15.01
CA PHE A 1063 -7.98 36.42 -14.57
C PHE A 1063 -7.41 37.79 -14.22
N LEU A 1064 -6.45 37.84 -13.28
CA LEU A 1064 -5.78 39.09 -12.89
C LEU A 1064 -4.28 38.88 -12.90
N GLY A 1065 -3.68 39.00 -14.10
CA GLY A 1065 -2.25 39.10 -14.28
C GLY A 1065 -1.36 37.97 -13.78
N ASP A 1066 -0.05 38.11 -14.00
CA ASP A 1066 0.94 37.17 -13.51
C ASP A 1066 1.34 37.48 -12.07
N GLN A 1067 0.74 38.53 -11.48
CA GLN A 1067 1.08 38.92 -10.11
C GLN A 1067 0.72 37.84 -9.09
N MET A 1068 -0.29 37.04 -9.37
CA MET A 1068 -0.68 35.95 -8.48
C MET A 1068 0.22 34.72 -8.62
N VAL A 1069 1.15 34.70 -9.58
CA VAL A 1069 2.05 33.58 -9.77
C VAL A 1069 3.51 34.00 -9.58
N LYS A 1070 3.78 35.31 -9.51
CA LYS A 1070 5.15 35.84 -9.41
C LYS A 1070 5.91 35.29 -8.21
N ASP A 1071 5.23 35.07 -7.09
CA ASP A 1071 5.80 34.44 -5.93
C ASP A 1071 4.95 33.26 -5.51
N ALA A 1072 5.58 32.30 -4.82
CA ALA A 1072 4.93 31.04 -4.50
C ALA A 1072 3.96 31.24 -3.33
N GLY A 1073 3.40 30.13 -2.83
CA GLY A 1073 2.48 30.22 -1.71
C GLY A 1073 1.10 30.74 -2.03
N LEU A 1074 0.57 30.45 -3.22
CA LEU A 1074 -0.75 30.94 -3.60
C LEU A 1074 -1.83 30.18 -2.85
N SER A 1075 -2.84 30.90 -2.38
CA SER A 1075 -4.04 30.30 -1.78
C SER A 1075 -5.17 30.35 -2.78
N CYS A 1076 -5.77 29.19 -3.07
CA CYS A 1076 -6.83 29.05 -4.05
C CYS A 1076 -8.07 28.45 -3.41
N ARG A 1077 -9.19 29.16 -3.51
CA ARG A 1077 -10.48 28.68 -3.07
C ARG A 1077 -11.33 28.45 -4.32
N TYR A 1078 -11.80 27.21 -4.50
CA TYR A 1078 -12.46 26.88 -5.76
C TYR A 1078 -13.71 26.05 -5.50
N ILE A 1079 -14.63 26.12 -6.46
CA ILE A 1079 -15.72 25.16 -6.58
C ILE A 1079 -15.51 24.39 -7.88
N ILE A 1080 -16.40 23.46 -8.17
CA ILE A 1080 -16.36 22.66 -9.39
C ILE A 1080 -17.67 22.86 -10.13
N SER A 1081 -17.60 23.22 -11.41
CA SER A 1081 -18.77 23.53 -12.22
C SER A 1081 -19.19 22.31 -13.03
N ARG A 1082 -20.41 22.37 -13.57
CA ARG A 1082 -20.96 21.26 -14.35
C ARG A 1082 -21.07 21.53 -15.84
N LYS A 1083 -21.00 22.79 -16.27
CA LYS A 1083 -21.25 23.13 -17.67
C LYS A 1083 -20.28 22.48 -18.66
N PRO A 1084 -18.94 22.45 -18.45
CA PRO A 1084 -18.12 21.68 -19.42
C PRO A 1084 -18.16 20.17 -19.22
N GLU A 1085 -19.24 19.55 -19.72
CA GLU A 1085 -19.40 18.10 -19.65
C GLU A 1085 -18.31 17.39 -20.45
N GLY A 1086 -17.82 16.28 -19.92
CA GLY A 1086 -16.85 15.47 -20.61
C GLY A 1086 -15.43 15.66 -20.12
N SER A 1087 -15.06 16.92 -19.84
CA SER A 1087 -13.73 17.22 -19.33
C SER A 1087 -13.58 16.64 -17.92
N PRO A 1088 -12.34 16.30 -17.51
CA PRO A 1088 -12.15 15.65 -16.20
C PRO A 1088 -12.51 16.53 -15.01
N VAL A 1089 -12.40 15.96 -13.81
CA VAL A 1089 -12.75 16.67 -12.58
C VAL A 1089 -11.82 17.86 -12.36
N THR A 1090 -10.53 17.71 -12.70
CA THR A 1090 -9.56 18.79 -12.52
C THR A 1090 -9.89 19.99 -13.39
N GLU A 1091 -10.32 19.76 -14.63
CA GLU A 1091 -10.47 20.81 -15.61
C GLU A 1091 -11.68 21.72 -15.36
N ARG A 1092 -12.55 21.36 -14.39
CA ARG A 1092 -13.76 22.13 -14.13
C ARG A 1092 -13.66 22.95 -12.85
N ALA A 1093 -12.44 23.39 -12.49
CA ALA A 1093 -12.20 24.05 -11.21
C ALA A 1093 -12.19 25.57 -11.41
N ILE A 1094 -13.38 26.15 -11.51
CA ILE A 1094 -13.50 27.61 -11.61
C ILE A 1094 -13.19 28.23 -10.25
N PRO A 1095 -12.51 29.37 -10.19
CA PRO A 1095 -12.18 29.98 -8.90
C PRO A 1095 -13.38 30.72 -8.31
N LEU A 1096 -13.13 31.39 -7.19
CA LEU A 1096 -14.16 32.14 -6.48
C LEU A 1096 -13.97 33.64 -6.51
N ALA A 1097 -12.78 34.13 -6.87
CA ALA A 1097 -12.55 35.56 -7.01
C ALA A 1097 -13.42 36.19 -8.10
N ILE A 1098 -13.97 35.37 -9.00
CA ILE A 1098 -14.79 35.86 -10.10
C ILE A 1098 -16.11 36.41 -9.58
N PHE A 1099 -16.66 35.78 -8.53
CA PHE A 1099 -18.01 36.11 -8.09
C PHE A 1099 -18.10 37.41 -7.30
N GLN A 1100 -16.98 38.02 -6.93
CA GLN A 1100 -16.97 39.33 -6.31
C GLN A 1100 -16.42 40.42 -7.24
N ALA A 1101 -15.99 40.06 -8.45
CA ALA A 1101 -15.41 41.02 -9.37
C ALA A 1101 -16.52 41.82 -10.05
N GLU A 1102 -16.11 42.76 -10.91
CA GLU A 1102 -17.07 43.53 -11.68
C GLU A 1102 -17.79 42.61 -12.67
N PRO A 1103 -19.06 42.90 -12.99
CA PRO A 1103 -19.87 41.93 -13.76
C PRO A 1103 -19.34 41.61 -15.15
N THR A 1104 -18.70 42.55 -15.85
CA THR A 1104 -18.30 42.31 -17.23
C THR A 1104 -17.21 41.25 -17.33
N VAL A 1105 -16.22 41.27 -16.44
CA VAL A 1105 -15.15 40.29 -16.50
C VAL A 1105 -15.65 38.93 -16.02
N ARG A 1106 -16.62 38.92 -15.08
CA ARG A 1106 -17.24 37.68 -14.66
C ARG A 1106 -18.00 37.03 -15.79
N LYS A 1107 -18.81 37.81 -16.53
CA LYS A 1107 -19.52 37.28 -17.68
C LYS A 1107 -18.56 36.79 -18.76
N HIS A 1108 -17.50 37.54 -19.03
CA HIS A 1108 -16.54 37.14 -20.05
C HIS A 1108 -15.85 35.83 -19.70
N PHE A 1109 -15.41 35.68 -18.45
CA PHE A 1109 -14.67 34.47 -18.11
C PHE A 1109 -15.58 33.28 -17.82
N LEU A 1110 -16.85 33.49 -17.48
CA LEU A 1110 -17.78 32.37 -17.45
C LEU A 1110 -18.22 31.96 -18.85
N ARG A 1111 -18.23 32.90 -19.81
CA ARG A 1111 -18.37 32.52 -21.21
C ARG A 1111 -17.18 31.66 -21.65
N LYS A 1112 -15.97 32.07 -21.27
CA LYS A 1112 -14.77 31.40 -21.76
C LYS A 1112 -14.57 30.03 -21.12
N TRP A 1113 -14.75 29.94 -19.80
CA TRP A 1113 -14.33 28.73 -19.08
C TRP A 1113 -15.31 27.58 -19.26
N LEU A 1114 -16.61 27.86 -19.30
CA LEU A 1114 -17.59 26.80 -19.48
C LEU A 1114 -17.66 26.29 -20.91
N LYS A 1115 -16.86 26.85 -21.83
CA LYS A 1115 -16.78 26.43 -23.22
C LYS A 1115 -18.15 26.48 -23.90
N SER A 1116 -18.92 27.52 -23.58
CA SER A 1116 -20.25 27.71 -24.12
C SER A 1116 -20.51 29.19 -24.28
N SER A 1117 -21.32 29.54 -25.26
CA SER A 1117 -21.68 30.93 -25.54
C SER A 1117 -23.16 31.04 -25.83
N SER A 1118 -23.98 30.26 -25.11
CA SER A 1118 -25.41 30.27 -25.34
C SER A 1118 -26.25 30.19 -24.07
N LEU A 1119 -25.64 30.20 -22.89
CA LEU A 1119 -26.39 30.11 -21.65
C LEU A 1119 -26.85 31.50 -21.19
N GLN A 1120 -27.95 31.53 -20.46
CA GLN A 1120 -28.57 32.77 -19.99
C GLN A 1120 -28.33 33.02 -18.51
N ASP A 1121 -28.57 32.03 -17.66
CA ASP A 1121 -28.44 32.19 -16.22
C ASP A 1121 -27.00 31.94 -15.79
N PHE A 1122 -26.45 32.89 -15.03
CA PHE A 1122 -25.07 32.81 -14.55
C PHE A 1122 -25.01 32.78 -13.03
N ASP A 1123 -26.11 32.45 -12.37
CA ASP A 1123 -26.13 32.36 -10.92
C ASP A 1123 -25.34 31.15 -10.44
N ILE A 1124 -25.03 31.12 -9.14
CA ILE A 1124 -24.24 30.04 -8.57
C ILE A 1124 -25.00 28.71 -8.59
N ARG A 1125 -26.32 28.74 -8.43
CA ARG A 1125 -27.10 27.50 -8.45
C ARG A 1125 -27.14 26.88 -9.85
N ALA A 1126 -26.99 27.70 -10.89
CA ALA A 1126 -27.17 27.22 -12.26
C ALA A 1126 -25.98 26.41 -12.75
N ILE A 1127 -24.75 26.81 -12.42
CA ILE A 1127 -23.56 26.20 -13.00
C ILE A 1127 -22.84 25.28 -12.02
N LEU A 1128 -23.42 25.03 -10.85
CA LEU A 1128 -22.71 24.26 -9.84
C LEU A 1128 -22.87 22.77 -10.09
N ASP A 1129 -21.77 22.02 -9.98
CA ASP A 1129 -21.77 20.58 -10.21
C ASP A 1129 -22.25 19.88 -8.95
N TRP A 1130 -23.56 19.75 -8.80
CA TRP A 1130 -24.10 19.09 -7.62
C TRP A 1130 -23.79 17.60 -7.58
N ASP A 1131 -23.55 16.97 -8.73
CA ASP A 1131 -23.31 15.53 -8.76
C ASP A 1131 -22.03 15.15 -8.01
N TYR A 1132 -20.99 15.97 -8.12
CA TYR A 1132 -19.74 15.72 -7.39
C TYR A 1132 -19.97 15.78 -5.89
N TYR A 1133 -20.74 16.77 -5.43
CA TYR A 1133 -20.98 16.93 -3.99
C TYR A 1133 -21.88 15.81 -3.47
N ILE A 1134 -22.88 15.40 -4.24
CA ILE A 1134 -23.69 14.25 -3.88
C ILE A 1134 -22.84 12.99 -3.80
N GLU A 1135 -21.89 12.84 -4.73
CA GLU A 1135 -21.02 11.67 -4.73
C GLU A 1135 -20.16 11.62 -3.47
N ARG A 1136 -19.54 12.74 -3.10
CA ARG A 1136 -18.64 12.70 -1.94
C ARG A 1136 -19.42 12.63 -0.63
N LEU A 1137 -20.54 13.34 -0.51
CA LEU A 1137 -21.36 13.22 0.69
C LEU A 1137 -21.96 11.82 0.81
N GLY A 1138 -22.34 11.21 -0.31
CA GLY A 1138 -22.82 9.85 -0.29
C GLY A 1138 -21.74 8.86 0.08
N SER A 1139 -20.50 9.12 -0.33
CA SER A 1139 -19.39 8.29 0.12
C SER A 1139 -19.19 8.39 1.63
N ALA A 1140 -19.27 9.60 2.19
CA ALA A 1140 -19.16 9.75 3.64
C ALA A 1140 -20.31 9.05 4.37
N ILE A 1141 -21.52 9.13 3.80
CA ILE A 1141 -22.67 8.44 4.35
C ILE A 1141 -22.46 6.94 4.30
N GLN A 1142 -21.91 6.45 3.18
CA GLN A 1142 -21.67 5.01 3.06
C GLN A 1142 -20.66 4.57 4.12
N LYS A 1143 -19.62 5.36 4.33
CA LYS A 1143 -18.59 5.01 5.31
C LYS A 1143 -19.15 4.93 6.73
N ILE A 1144 -20.10 5.80 7.08
CA ILE A 1144 -20.51 5.96 8.48
C ILE A 1144 -21.86 5.30 8.77
N ILE A 1145 -22.85 5.53 7.92
CA ILE A 1145 -24.24 5.18 8.23
C ILE A 1145 -24.72 3.97 7.44
N THR A 1146 -24.38 3.87 6.15
CA THR A 1146 -25.03 2.90 5.26
C THR A 1146 -24.39 1.51 5.31
N ILE A 1147 -23.07 1.42 5.04
CA ILE A 1147 -22.41 0.12 5.04
C ILE A 1147 -22.44 -0.56 6.40
N PRO A 1148 -22.20 0.11 7.55
CA PRO A 1148 -22.42 -0.56 8.83
C PRO A 1148 -23.85 -1.05 9.05
N ALA A 1149 -24.86 -0.31 8.55
CA ALA A 1149 -26.23 -0.79 8.66
C ALA A 1149 -26.49 -2.00 7.76
N ALA A 1150 -25.76 -2.08 6.64
CA ALA A 1150 -25.89 -3.25 5.78
C ALA A 1150 -25.20 -4.46 6.39
N LEU A 1151 -24.07 -4.26 7.05
CA LEU A 1151 -23.33 -5.33 7.70
C LEU A 1151 -23.88 -5.68 9.09
N GLN A 1152 -25.13 -5.29 9.39
CA GLN A 1152 -25.77 -5.60 10.66
C GLN A 1152 -27.20 -6.11 10.44
N GLN A 1153 -27.51 -6.59 9.23
CA GLN A 1153 -28.83 -7.14 8.88
C GLN A 1153 -29.94 -6.12 9.13
N VAL A 1154 -29.71 -4.88 8.72
CA VAL A 1154 -30.67 -3.79 8.85
C VAL A 1154 -30.92 -3.21 7.46
N LYS A 1155 -32.20 -2.94 7.17
CA LYS A 1155 -32.57 -2.30 5.91
C LYS A 1155 -31.94 -0.91 5.80
N ASN A 1156 -31.80 -0.44 4.56
CA ASN A 1156 -31.12 0.81 4.27
C ASN A 1156 -31.87 1.99 4.90
N PRO A 1157 -31.22 2.77 5.77
CA PRO A 1157 -31.92 3.89 6.41
C PRO A 1157 -32.07 5.11 5.50
N VAL A 1158 -31.09 5.35 4.64
CA VAL A 1158 -31.18 6.37 3.61
C VAL A 1158 -31.39 5.68 2.26
N PRO A 1159 -32.57 5.82 1.65
CA PRO A 1159 -32.80 5.17 0.36
C PRO A 1159 -32.14 5.85 -0.82
N ARG A 1160 -31.82 7.15 -0.72
CA ARG A 1160 -31.22 7.87 -1.83
C ARG A 1160 -29.78 7.44 -2.10
N VAL A 1161 -29.09 6.88 -1.10
CA VAL A 1161 -27.73 6.39 -1.28
C VAL A 1161 -27.78 4.89 -1.46
N LYS A 1162 -27.18 4.40 -2.55
CA LYS A 1162 -27.21 2.99 -2.89
C LYS A 1162 -25.94 2.31 -2.45
N HIS A 1163 -26.05 1.04 -2.05
CA HIS A 1163 -24.89 0.29 -1.61
C HIS A 1163 -23.95 0.01 -2.79
N PRO A 1164 -22.64 0.01 -2.57
CA PRO A 1164 -21.72 -0.38 -3.64
C PRO A 1164 -21.79 -1.86 -3.94
N ASP A 1165 -21.27 -2.24 -5.11
CA ASP A 1165 -21.31 -3.63 -5.55
C ASP A 1165 -20.46 -4.55 -4.67
N TRP A 1166 -19.32 -4.06 -4.16
CA TRP A 1166 -18.49 -4.89 -3.29
C TRP A 1166 -19.19 -5.19 -1.97
N LEU A 1167 -20.08 -4.30 -1.52
CA LEU A 1167 -20.97 -4.64 -0.41
C LEU A 1167 -21.88 -5.80 -0.79
N HIS A 1168 -22.49 -5.73 -1.99
CA HIS A 1168 -23.43 -6.77 -2.41
C HIS A 1168 -22.76 -8.11 -2.64
N LYS A 1169 -21.44 -8.14 -2.83
CA LYS A 1169 -20.77 -9.43 -2.85
C LYS A 1169 -20.22 -9.85 -1.49
N LYS A 1170 -19.76 -8.89 -0.67
CA LYS A 1170 -19.17 -9.22 0.63
C LYS A 1170 -20.24 -9.69 1.61
N LEU A 1171 -21.44 -9.09 1.56
CA LEU A 1171 -22.52 -9.52 2.43
C LEU A 1171 -22.92 -10.96 2.14
N LEU A 1172 -22.98 -11.33 0.85
CA LEU A 1172 -23.30 -12.71 0.51
C LEU A 1172 -22.17 -13.67 0.88
N GLU A 1173 -20.91 -13.29 0.64
CA GLU A 1173 -19.84 -14.26 0.87
C GLU A 1173 -19.40 -14.36 2.32
N LYS A 1174 -19.68 -13.36 3.15
CA LYS A 1174 -19.19 -13.39 4.54
C LYS A 1174 -20.31 -13.46 5.57
N ASN A 1175 -21.23 -12.50 5.57
CA ASN A 1175 -22.26 -12.40 6.62
C ASN A 1175 -23.63 -12.57 5.99
N ASP A 1176 -24.05 -13.82 5.81
CA ASP A 1176 -25.34 -14.13 5.21
C ASP A 1176 -26.37 -14.45 6.29
N VAL A 1177 -27.64 -14.32 5.91
CA VAL A 1177 -28.72 -14.71 6.81
C VAL A 1177 -28.73 -16.21 7.03
N TYR A 1178 -28.21 -16.99 6.09
CA TYR A 1178 -28.12 -18.44 6.21
C TYR A 1178 -26.75 -18.80 6.80
N LYS A 1179 -26.43 -20.10 6.80
CA LYS A 1179 -25.15 -20.57 7.30
C LYS A 1179 -24.80 -21.88 6.61
N GLN A 1180 -23.71 -21.89 5.86
CA GLN A 1180 -23.32 -23.05 5.07
C GLN A 1180 -22.90 -24.21 5.98
N LYS A 1181 -23.32 -25.41 5.60
CA LYS A 1181 -23.07 -26.61 6.38
C LYS A 1181 -21.71 -27.22 6.02
N LYS A 1182 -21.47 -28.44 6.50
CA LYS A 1182 -20.19 -29.13 6.33
C LYS A 1182 -20.50 -30.60 6.11
N ILE A 1183 -19.56 -31.30 5.44
CA ILE A 1183 -19.74 -32.72 5.16
C ILE A 1183 -19.76 -33.53 6.45
N SER A 1184 -18.86 -33.24 7.39
CA SER A 1184 -18.73 -34.03 8.60
C SER A 1184 -19.96 -33.98 9.49
N GLU A 1185 -20.78 -32.93 9.38
CA GLU A 1185 -22.00 -32.87 10.18
C GLU A 1185 -23.06 -33.84 9.67
N LEU A 1186 -23.18 -34.00 8.35
CA LEU A 1186 -24.26 -34.77 7.76
C LEU A 1186 -23.78 -36.09 7.14
N PHE A 1187 -22.53 -36.49 7.36
CA PHE A 1187 -22.01 -37.69 6.73
C PHE A 1187 -21.03 -38.35 7.68
N THR A 1188 -20.92 -39.67 7.56
CA THR A 1188 -20.15 -40.47 8.53
C THR A 1188 -18.66 -40.21 8.39
N LEU A 1189 -17.96 -40.33 9.52
CA LEU A 1189 -16.52 -40.15 9.59
C LEU A 1189 -15.86 -41.51 9.86
N GLU A 1190 -14.93 -41.90 9.00
CA GLU A 1190 -14.21 -43.15 9.22
C GLU A 1190 -13.18 -43.01 10.33
N GLY A 1191 -12.50 -41.86 10.40
CA GLY A 1191 -11.48 -41.64 11.40
C GLY A 1191 -10.28 -40.86 10.88
N ARG A 1192 -9.32 -40.59 11.76
CA ARG A 1192 -8.13 -39.84 11.42
C ARG A 1192 -6.94 -40.79 11.30
N ARG A 1193 -6.27 -40.73 10.15
CA ARG A 1193 -5.09 -41.56 9.89
C ARG A 1193 -4.00 -40.68 9.30
N GLN A 1194 -2.75 -41.10 9.53
CA GLN A 1194 -1.57 -40.34 9.12
C GLN A 1194 -0.94 -41.03 7.92
N VAL A 1195 -0.99 -40.36 6.77
CA VAL A 1195 -0.50 -40.92 5.51
C VAL A 1195 0.97 -40.51 5.39
N THR A 1196 1.86 -41.35 5.89
CA THR A 1196 3.28 -41.11 5.80
C THR A 1196 3.83 -41.57 4.46
N MET A 1197 5.07 -41.16 4.17
CA MET A 1197 5.72 -41.55 2.92
C MET A 1197 6.15 -43.01 2.98
N ALA A 1198 5.81 -43.77 1.95
CA ALA A 1198 6.19 -45.18 1.88
C ALA A 1198 7.61 -45.34 1.34
N MET B 1 17.49 7.38 -49.48
CA MET B 1 16.30 7.33 -50.31
C MET B 1 16.10 5.86 -50.71
N PHE B 2 16.08 5.00 -49.70
CA PHE B 2 15.95 3.57 -49.87
C PHE B 2 14.52 3.19 -50.25
N GLU B 3 14.36 2.35 -51.27
CA GLU B 3 13.01 1.92 -51.67
C GLU B 3 13.00 0.42 -51.88
N ALA B 4 12.21 -0.30 -51.08
CA ALA B 4 12.07 -1.74 -51.30
C ALA B 4 10.61 -2.13 -51.21
N ARG B 5 10.19 -3.01 -52.12
CA ARG B 5 8.81 -3.51 -52.17
C ARG B 5 8.85 -5.02 -52.35
N LEU B 6 8.06 -5.73 -51.56
CA LEU B 6 7.99 -7.19 -51.61
C LEU B 6 6.54 -7.63 -51.70
N VAL B 7 6.30 -8.69 -52.48
CA VAL B 7 4.94 -9.17 -52.73
C VAL B 7 4.31 -9.76 -51.47
N GLN B 8 5.11 -10.42 -50.62
CA GLN B 8 4.61 -10.96 -49.36
C GLN B 8 4.88 -9.96 -48.23
N GLY B 9 3.93 -9.86 -47.31
CA GLY B 9 4.07 -8.94 -46.20
C GLY B 9 3.93 -9.61 -44.85
N SER B 10 3.49 -10.88 -44.86
CA SER B 10 3.33 -11.61 -43.61
C SER B 10 4.66 -11.96 -42.97
N ILE B 11 5.70 -12.21 -43.77
CA ILE B 11 6.98 -12.61 -43.21
C ILE B 11 7.65 -11.46 -42.46
N LEU B 12 7.42 -10.21 -42.88
CA LEU B 12 7.95 -9.07 -42.13
C LEU B 12 7.26 -8.95 -40.78
N LYS B 13 5.93 -9.16 -40.75
CA LYS B 13 5.21 -9.16 -39.48
C LYS B 13 5.68 -10.28 -38.57
N LYS B 14 5.93 -11.46 -39.12
CA LYS B 14 6.39 -12.60 -38.32
C LYS B 14 7.77 -12.33 -37.73
N VAL B 15 8.70 -11.82 -38.55
CA VAL B 15 10.05 -11.50 -38.07
C VAL B 15 10.00 -10.42 -37.00
N LEU B 16 9.22 -9.36 -37.24
CA LEU B 16 9.18 -8.23 -36.32
C LEU B 16 8.48 -8.61 -35.01
N GLU B 17 7.45 -9.47 -35.07
CA GLU B 17 6.80 -9.92 -33.85
C GLU B 17 7.71 -10.87 -33.07
N ALA B 18 8.52 -11.67 -33.77
CA ALA B 18 9.52 -12.47 -33.10
C ALA B 18 10.56 -11.60 -32.40
N LEU B 19 10.93 -10.48 -33.03
CA LEU B 19 11.89 -9.55 -32.46
C LEU B 19 11.27 -8.52 -31.51
N LYS B 20 9.95 -8.59 -31.29
CA LYS B 20 9.26 -7.56 -30.52
C LYS B 20 9.68 -7.58 -29.05
N ASP B 21 9.39 -8.66 -28.34
CA ASP B 21 9.57 -8.69 -26.90
C ASP B 21 11.03 -8.88 -26.49
N LEU B 22 11.88 -9.38 -27.38
CA LEU B 22 13.24 -9.73 -26.99
C LEU B 22 14.14 -8.49 -26.92
N ILE B 23 14.24 -7.75 -28.02
CA ILE B 23 15.07 -6.55 -28.06
C ILE B 23 14.15 -5.33 -28.16
N ASN B 24 14.60 -4.22 -27.58
CA ASN B 24 13.88 -2.96 -27.64
C ASN B 24 14.59 -1.94 -28.51
N GLU B 25 15.89 -1.76 -28.32
CA GLU B 25 16.70 -0.86 -29.13
C GLU B 25 17.55 -1.67 -30.10
N ALA B 26 17.47 -1.34 -31.39
CA ALA B 26 18.15 -2.10 -32.42
C ALA B 26 18.76 -1.17 -33.45
N CYS B 27 19.90 -1.59 -33.99
CA CYS B 27 20.62 -0.84 -35.03
C CYS B 27 20.53 -1.62 -36.34
N TRP B 28 19.80 -1.08 -37.31
CA TRP B 28 19.60 -1.73 -38.59
C TRP B 28 20.74 -1.35 -39.52
N ASP B 29 21.62 -2.30 -39.81
CA ASP B 29 22.66 -2.08 -40.81
C ASP B 29 22.07 -2.25 -42.20
N ILE B 30 22.25 -1.24 -43.05
CA ILE B 30 21.70 -1.22 -44.39
C ILE B 30 22.84 -1.08 -45.38
N SER B 31 22.87 -1.97 -46.38
CA SER B 31 23.93 -1.97 -47.38
C SER B 31 23.35 -2.48 -48.69
N SER B 32 24.22 -2.60 -49.70
CA SER B 32 23.78 -3.07 -51.00
C SER B 32 23.45 -4.55 -50.99
N SER B 33 24.12 -5.33 -50.14
CA SER B 33 23.90 -6.77 -50.08
C SER B 33 22.54 -7.12 -49.47
N GLY B 34 21.97 -6.26 -48.66
CA GLY B 34 20.69 -6.53 -48.04
C GLY B 34 20.58 -5.82 -46.70
N VAL B 35 19.74 -6.37 -45.83
CA VAL B 35 19.47 -5.82 -44.52
C VAL B 35 20.11 -6.72 -43.48
N ASN B 36 20.91 -6.13 -42.59
CA ASN B 36 21.55 -6.85 -41.51
C ASN B 36 21.03 -6.23 -40.22
N LEU B 37 20.89 -7.05 -39.17
CA LEU B 37 20.45 -6.55 -37.88
C LEU B 37 21.08 -7.45 -36.81
N GLN B 38 22.17 -6.97 -36.21
CA GLN B 38 22.81 -7.66 -35.10
C GLN B 38 22.72 -6.78 -33.86
N SER B 39 22.29 -7.37 -32.75
CA SER B 39 21.98 -6.60 -31.55
C SER B 39 21.92 -7.53 -30.35
N MET B 40 21.79 -6.94 -29.18
CA MET B 40 21.63 -7.68 -27.94
C MET B 40 20.54 -7.05 -27.09
N ASP B 41 20.21 -7.72 -25.99
CA ASP B 41 19.20 -7.24 -25.05
C ASP B 41 19.77 -6.16 -24.14
N SER B 42 18.97 -5.72 -23.18
CA SER B 42 19.48 -4.93 -22.07
C SER B 42 20.18 -5.80 -21.04
N SER B 43 19.92 -7.11 -21.05
CA SER B 43 20.57 -8.05 -20.14
C SER B 43 21.94 -8.51 -20.62
N HIS B 44 22.33 -8.14 -21.85
CA HIS B 44 23.64 -8.44 -22.43
C HIS B 44 23.92 -9.94 -22.47
N VAL B 45 22.89 -10.73 -22.77
CA VAL B 45 23.06 -12.18 -22.85
C VAL B 45 22.61 -12.67 -24.23
N SER B 46 21.36 -12.42 -24.58
CA SER B 46 20.82 -12.86 -25.86
C SER B 46 21.34 -11.98 -26.98
N LEU B 47 21.90 -12.63 -28.01
CA LEU B 47 22.36 -11.94 -29.21
C LEU B 47 21.47 -12.34 -30.38
N VAL B 48 21.18 -11.40 -31.27
CA VAL B 48 20.35 -11.67 -32.43
C VAL B 48 21.08 -11.18 -33.68
N GLN B 49 21.19 -12.06 -34.68
CA GLN B 49 21.56 -11.67 -36.03
C GLN B 49 20.39 -11.94 -36.95
N LEU B 50 20.16 -11.05 -37.89
CA LEU B 50 19.03 -11.16 -38.81
C LEU B 50 19.48 -10.66 -40.17
N THR B 51 19.51 -11.54 -41.17
CA THR B 51 19.96 -11.19 -42.51
C THR B 51 18.83 -11.40 -43.49
N LEU B 52 18.55 -10.37 -44.30
CA LEU B 52 17.56 -10.42 -45.37
C LEU B 52 18.27 -10.02 -46.66
N ARG B 53 18.57 -11.00 -47.50
CA ARG B 53 19.33 -10.75 -48.70
C ARG B 53 18.46 -10.10 -49.77
N SER B 54 19.12 -9.45 -50.74
CA SER B 54 18.43 -8.62 -51.72
C SER B 54 17.76 -9.44 -52.82
N GLU B 55 18.14 -10.71 -53.01
CA GLU B 55 17.57 -11.49 -54.10
C GLU B 55 16.13 -11.91 -53.83
N GLY B 56 15.67 -11.83 -52.59
CA GLY B 56 14.32 -12.23 -52.27
C GLY B 56 13.29 -11.13 -52.43
N PHE B 57 13.76 -9.88 -52.45
CA PHE B 57 12.86 -8.74 -52.63
C PHE B 57 12.32 -8.69 -54.06
N ASP B 58 11.11 -8.17 -54.20
CA ASP B 58 10.51 -8.03 -55.52
C ASP B 58 11.16 -6.88 -56.28
N THR B 59 11.07 -5.66 -55.75
CA THR B 59 11.75 -4.51 -56.32
C THR B 59 12.63 -3.85 -55.27
N TYR B 60 13.85 -3.50 -55.67
CA TYR B 60 14.88 -3.04 -54.76
C TYR B 60 15.55 -1.81 -55.35
N ARG B 61 15.83 -0.81 -54.50
CA ARG B 61 16.55 0.37 -54.95
C ARG B 61 17.34 0.92 -53.77
N CYS B 62 18.67 0.86 -53.88
CA CYS B 62 19.61 1.26 -52.84
C CYS B 62 20.50 2.39 -53.34
N ASP B 63 20.89 3.28 -52.42
CA ASP B 63 21.83 4.34 -52.73
C ASP B 63 23.22 4.05 -52.18
N ARG B 64 23.35 3.85 -50.87
CA ARG B 64 24.63 3.62 -50.21
C ARG B 64 24.34 3.07 -48.82
N ASN B 65 25.36 2.94 -47.99
CA ASN B 65 25.20 2.42 -46.65
C ASN B 65 24.44 3.39 -45.75
N LEU B 66 23.64 2.83 -44.85
CA LEU B 66 22.81 3.64 -43.95
C LEU B 66 22.91 3.09 -42.54
N ALA B 67 23.02 3.99 -41.57
CA ALA B 67 22.98 3.64 -40.15
C ALA B 67 21.62 4.03 -39.60
N MET B 68 21.00 3.11 -38.84
CA MET B 68 19.61 3.25 -38.47
C MET B 68 19.46 3.01 -36.96
N GLY B 69 18.57 3.78 -36.33
CA GLY B 69 18.40 3.72 -34.88
C GLY B 69 16.99 3.45 -34.39
N VAL B 70 16.27 2.54 -35.06
CA VAL B 70 14.86 2.31 -34.75
C VAL B 70 14.72 1.54 -33.44
N ASN B 71 13.83 2.01 -32.58
CA ASN B 71 13.30 1.18 -31.50
C ASN B 71 12.16 0.32 -32.03
N LEU B 72 12.23 -0.99 -31.76
CA LEU B 72 11.35 -1.95 -32.43
C LEU B 72 9.91 -1.92 -31.92
N THR B 73 9.66 -1.29 -30.78
CA THR B 73 8.28 -1.18 -30.27
C THR B 73 7.41 -0.40 -31.25
N SER B 74 7.99 0.65 -31.86
CA SER B 74 7.26 1.53 -32.77
C SER B 74 6.69 0.76 -33.95
N MET B 75 7.54 0.21 -34.82
CA MET B 75 7.02 -0.54 -35.96
C MET B 75 6.37 -1.85 -35.54
N SER B 76 6.76 -2.43 -34.39
CA SER B 76 6.10 -3.64 -33.92
C SER B 76 4.64 -3.39 -33.60
N LYS B 77 4.30 -2.15 -33.25
CA LYS B 77 2.90 -1.80 -33.06
C LYS B 77 2.29 -1.28 -34.36
N ILE B 78 3.08 -0.64 -35.23
CA ILE B 78 2.57 -0.12 -36.50
C ILE B 78 2.11 -1.25 -37.42
N LEU B 79 2.94 -2.29 -37.59
CA LEU B 79 2.70 -3.35 -38.60
C LEU B 79 1.56 -4.29 -38.26
N LYS B 80 0.74 -4.03 -37.23
CA LYS B 80 -0.51 -4.77 -37.07
C LYS B 80 -1.51 -4.41 -38.17
N CYS B 81 -1.28 -3.33 -38.92
CA CYS B 81 -2.16 -2.93 -40.01
C CYS B 81 -1.98 -3.78 -41.26
N ALA B 82 -0.82 -4.41 -41.43
CA ALA B 82 -0.57 -5.18 -42.64
C ALA B 82 -1.46 -6.43 -42.67
N GLY B 83 -1.93 -6.77 -43.86
CA GLY B 83 -2.87 -7.86 -44.04
C GLY B 83 -2.18 -9.21 -44.08
N ASN B 84 -2.97 -10.21 -44.47
CA ASN B 84 -2.46 -11.58 -44.53
C ASN B 84 -1.41 -11.76 -45.61
N GLU B 85 -1.71 -11.32 -46.84
CA GLU B 85 -0.80 -11.49 -47.97
C GLU B 85 -0.76 -10.18 -48.76
N ASP B 86 -0.48 -9.08 -48.07
CA ASP B 86 -0.43 -7.79 -48.73
C ASP B 86 0.96 -7.49 -49.28
N ILE B 87 1.06 -6.42 -50.05
CA ILE B 87 2.33 -5.96 -50.61
C ILE B 87 2.95 -4.99 -49.62
N ILE B 88 4.20 -5.28 -49.22
CA ILE B 88 4.92 -4.48 -48.23
C ILE B 88 5.89 -3.57 -48.97
N THR B 89 6.11 -2.37 -48.42
CA THR B 89 7.09 -1.45 -48.98
C THR B 89 7.68 -0.60 -47.86
N LEU B 90 9.00 -0.48 -47.84
CA LEU B 90 9.67 0.45 -46.93
C LEU B 90 10.45 1.48 -47.72
N ARG B 91 10.35 2.73 -47.26
CA ARG B 91 10.92 3.90 -47.93
C ARG B 91 11.68 4.73 -46.89
N ALA B 92 12.87 5.17 -47.27
CA ALA B 92 13.72 5.99 -46.42
C ALA B 92 14.23 7.18 -47.24
N GLU B 93 14.39 8.31 -46.56
CA GLU B 93 14.92 9.50 -47.20
C GLU B 93 16.44 9.56 -47.06
N ASP B 94 17.05 10.47 -47.82
CA ASP B 94 18.50 10.58 -47.82
C ASP B 94 19.03 11.16 -46.52
N ASN B 95 18.39 12.21 -46.00
CA ASN B 95 18.89 12.91 -44.83
C ASN B 95 17.79 13.28 -43.84
N ALA B 96 16.75 12.47 -43.74
CA ALA B 96 15.64 12.73 -42.82
C ALA B 96 15.60 11.68 -41.72
N ASP B 97 15.00 12.06 -40.60
CA ASP B 97 14.87 11.21 -39.42
C ASP B 97 13.49 10.55 -39.34
N THR B 98 12.94 10.18 -40.50
CA THR B 98 11.65 9.52 -40.56
C THR B 98 11.72 8.34 -41.52
N LEU B 99 10.85 7.36 -41.30
CA LEU B 99 10.71 6.22 -42.20
C LEU B 99 9.26 6.10 -42.63
N ALA B 100 9.06 5.79 -43.91
CA ALA B 100 7.72 5.60 -44.46
C ALA B 100 7.51 4.12 -44.76
N LEU B 101 6.33 3.63 -44.41
CA LEU B 101 5.95 2.25 -44.70
C LEU B 101 4.63 2.26 -45.48
N VAL B 102 4.59 1.50 -46.56
CA VAL B 102 3.49 1.52 -47.51
C VAL B 102 2.93 0.11 -47.62
N PHE B 103 1.63 -0.03 -47.38
CA PHE B 103 0.94 -1.32 -47.44
C PHE B 103 -0.09 -1.26 -48.56
N GLU B 104 -0.02 -2.23 -49.46
CA GLU B 104 -0.98 -2.35 -50.57
C GLU B 104 -1.81 -3.62 -50.42
N ALA B 105 -3.13 -3.46 -50.43
CA ALA B 105 -4.02 -4.61 -50.45
C ALA B 105 -3.87 -5.35 -51.78
N PRO B 106 -4.10 -6.67 -51.80
CA PRO B 106 -3.98 -7.41 -53.06
C PRO B 106 -4.98 -6.99 -54.13
N ASN B 107 -6.09 -6.37 -53.78
CA ASN B 107 -7.07 -5.89 -54.74
C ASN B 107 -6.84 -4.43 -55.12
N GLN B 108 -5.73 -3.84 -54.68
CA GLN B 108 -5.33 -2.47 -55.03
C GLN B 108 -6.36 -1.43 -54.61
N GLU B 109 -6.99 -1.65 -53.46
CA GLU B 109 -7.98 -0.73 -52.92
C GLU B 109 -7.56 -0.09 -51.62
N LYS B 110 -7.17 -0.90 -50.63
CA LYS B 110 -6.79 -0.40 -49.31
C LYS B 110 -5.31 -0.06 -49.35
N VAL B 111 -4.99 1.23 -49.30
CA VAL B 111 -3.62 1.73 -49.32
C VAL B 111 -3.32 2.42 -48.00
N SER B 112 -2.24 1.99 -47.34
CA SER B 112 -1.88 2.49 -46.01
C SER B 112 -0.48 3.10 -46.06
N ASP B 113 -0.37 4.38 -45.74
CA ASP B 113 0.91 5.10 -45.79
C ASP B 113 1.24 5.62 -44.39
N TYR B 114 2.02 4.86 -43.63
CA TYR B 114 2.45 5.29 -42.32
C TYR B 114 3.86 5.88 -42.40
N GLU B 115 4.21 6.68 -41.41
CA GLU B 115 5.58 7.13 -41.24
C GLU B 115 5.85 7.38 -39.76
N MET B 116 7.14 7.37 -39.41
CA MET B 116 7.49 7.45 -38.00
C MET B 116 8.85 8.14 -37.83
N LYS B 117 9.04 8.68 -36.63
CA LYS B 117 10.24 9.45 -36.30
C LYS B 117 11.35 8.50 -35.87
N LEU B 118 12.41 9.05 -35.28
CA LEU B 118 13.63 8.28 -35.02
C LEU B 118 14.30 8.78 -33.76
N MET B 119 15.41 8.13 -33.41
CA MET B 119 16.27 8.54 -32.31
C MET B 119 17.67 7.99 -32.58
N ASP B 120 18.68 8.79 -32.25
CA ASP B 120 20.06 8.37 -32.47
C ASP B 120 20.43 7.24 -31.50
N LEU B 121 21.04 6.19 -32.04
CA LEU B 121 21.35 4.98 -31.28
C LEU B 121 22.81 4.62 -31.45
N ASP B 122 23.44 4.21 -30.36
CA ASP B 122 24.81 3.70 -30.37
C ASP B 122 24.84 2.23 -29.96
N VAL B 123 25.56 1.42 -30.74
CA VAL B 123 25.62 -0.02 -30.54
C VAL B 123 27.06 -0.48 -30.70
N GLU B 124 27.56 -1.24 -29.73
CA GLU B 124 28.88 -1.84 -29.83
C GLU B 124 28.79 -3.10 -30.68
N GLN B 125 29.46 -3.08 -31.83
CA GLN B 125 29.38 -4.18 -32.77
C GLN B 125 30.10 -5.42 -32.23
N LEU B 126 29.53 -6.60 -32.50
CA LEU B 126 30.12 -7.87 -32.07
C LEU B 126 29.95 -8.87 -33.20
N GLY B 127 30.99 -9.03 -34.02
CA GLY B 127 30.94 -9.98 -35.10
C GLY B 127 31.10 -11.41 -34.61
N ILE B 128 30.33 -12.32 -35.19
CA ILE B 128 30.34 -13.73 -34.80
C ILE B 128 31.60 -14.39 -35.34
N PRO B 129 32.13 -15.40 -34.66
CA PRO B 129 33.21 -16.20 -35.24
C PRO B 129 32.68 -17.41 -35.99
N GLU B 130 33.43 -17.80 -37.02
CA GLU B 130 33.08 -18.93 -37.86
C GLU B 130 33.92 -20.14 -37.43
N GLN B 131 33.27 -21.09 -36.75
CA GLN B 131 33.94 -22.29 -36.29
C GLN B 131 33.01 -23.48 -36.52
N GLU B 132 33.61 -24.66 -36.61
CA GLU B 132 32.85 -25.87 -36.89
C GLU B 132 32.11 -26.33 -35.64
N TYR B 133 30.83 -26.63 -35.78
CA TYR B 133 30.02 -27.11 -34.66
C TYR B 133 30.05 -28.63 -34.61
N SER B 134 29.65 -29.15 -33.46
CA SER B 134 29.54 -30.60 -33.27
C SER B 134 28.10 -31.08 -33.40
N CYS B 135 27.20 -30.53 -32.59
CA CYS B 135 25.79 -30.92 -32.60
C CYS B 135 24.96 -29.93 -33.41
N VAL B 136 24.58 -30.34 -34.63
CA VAL B 136 23.68 -29.53 -35.44
C VAL B 136 22.42 -30.35 -35.74
N VAL B 137 21.27 -29.83 -35.32
CA VAL B 137 20.02 -30.58 -35.38
C VAL B 137 18.98 -29.75 -36.13
N LYS B 138 18.15 -30.42 -36.93
CA LYS B 138 17.05 -29.80 -37.64
C LYS B 138 15.75 -30.45 -37.16
N MET B 139 14.88 -29.64 -36.56
CA MET B 139 13.67 -30.13 -35.92
C MET B 139 12.48 -29.33 -36.41
N PRO B 140 11.27 -29.89 -36.31
CA PRO B 140 10.07 -29.07 -36.50
C PRO B 140 9.95 -28.00 -35.41
N SER B 141 9.44 -26.83 -35.80
CA SER B 141 9.33 -25.73 -34.86
C SER B 141 8.16 -25.89 -33.90
N GLY B 142 7.06 -26.51 -34.36
CA GLY B 142 5.89 -26.66 -33.51
C GLY B 142 6.13 -27.55 -32.31
N GLU B 143 6.80 -28.69 -32.52
CA GLU B 143 7.10 -29.57 -31.40
C GLU B 143 8.12 -28.94 -30.45
N PHE B 144 9.04 -28.15 -30.99
CA PHE B 144 9.99 -27.43 -30.14
C PHE B 144 9.26 -26.41 -29.27
N ALA B 145 8.29 -25.70 -29.86
CA ALA B 145 7.46 -24.78 -29.08
C ALA B 145 6.68 -25.52 -28.01
N ARG B 146 6.12 -26.69 -28.36
CA ARG B 146 5.37 -27.49 -27.40
C ARG B 146 6.25 -27.91 -26.23
N ILE B 147 7.45 -28.42 -26.51
CA ILE B 147 8.28 -28.93 -25.42
C ILE B 147 8.87 -27.79 -24.58
N CYS B 148 9.15 -26.64 -25.19
CA CYS B 148 9.61 -25.50 -24.38
C CYS B 148 8.50 -24.97 -23.48
N ARG B 149 7.27 -24.88 -23.99
CA ARG B 149 6.17 -24.45 -23.13
C ARG B 149 5.84 -25.49 -22.06
N ASP B 150 6.09 -26.77 -22.34
CA ASP B 150 5.92 -27.79 -21.32
C ASP B 150 6.97 -27.69 -20.23
N LEU B 151 8.24 -27.53 -20.62
CA LEU B 151 9.32 -27.47 -19.65
C LEU B 151 9.44 -26.12 -18.95
N SER B 152 8.70 -25.10 -19.41
CA SER B 152 8.85 -23.75 -18.88
C SER B 152 8.49 -23.66 -17.40
N HIS B 153 7.42 -24.32 -17.00
CA HIS B 153 6.99 -24.34 -15.60
C HIS B 153 7.51 -25.55 -14.82
N ILE B 154 8.19 -26.49 -15.49
CA ILE B 154 8.78 -27.62 -14.77
C ILE B 154 9.95 -27.15 -13.93
N GLY B 155 10.82 -26.33 -14.49
CA GLY B 155 11.98 -25.82 -13.78
C GLY B 155 12.37 -24.45 -14.29
N ASP B 156 13.66 -24.14 -14.20
CA ASP B 156 14.20 -22.87 -14.68
C ASP B 156 15.21 -23.04 -15.80
N ALA B 157 16.15 -23.97 -15.64
CA ALA B 157 17.17 -24.24 -16.66
C ALA B 157 17.02 -25.65 -17.19
N VAL B 158 17.32 -25.83 -18.47
CA VAL B 158 17.27 -27.14 -19.10
C VAL B 158 18.69 -27.63 -19.35
N VAL B 159 18.82 -28.95 -19.38
CA VAL B 159 20.04 -29.63 -19.76
C VAL B 159 19.79 -30.40 -21.05
N ILE B 160 20.61 -30.16 -22.06
CA ILE B 160 20.46 -30.80 -23.34
C ILE B 160 21.59 -31.82 -23.48
N SER B 161 21.22 -33.07 -23.73
CA SER B 161 22.19 -34.14 -23.94
C SER B 161 22.09 -34.54 -25.40
N CYS B 162 23.20 -34.48 -26.11
CA CYS B 162 23.27 -34.86 -27.50
C CYS B 162 24.17 -36.07 -27.66
N ALA B 163 23.65 -37.14 -28.27
CA ALA B 163 24.42 -38.33 -28.57
C ALA B 163 23.88 -38.94 -29.85
N LYS B 164 24.52 -40.02 -30.30
CA LYS B 164 24.10 -40.70 -31.53
C LYS B 164 22.73 -41.35 -31.40
N ASP B 165 22.27 -41.62 -30.17
CA ASP B 165 20.91 -42.09 -29.99
C ASP B 165 19.88 -40.97 -30.14
N GLY B 166 20.31 -39.72 -30.06
CA GLY B 166 19.42 -38.59 -30.23
C GLY B 166 19.65 -37.46 -29.24
N VAL B 167 18.60 -36.67 -28.99
CA VAL B 167 18.67 -35.53 -28.10
C VAL B 167 17.77 -35.78 -26.89
N LYS B 168 18.16 -35.19 -25.76
CA LYS B 168 17.45 -35.34 -24.50
C LYS B 168 17.30 -33.98 -23.86
N PHE B 169 16.06 -33.64 -23.50
CA PHE B 169 15.69 -32.36 -22.86
C PHE B 169 15.37 -32.69 -21.41
N SER B 170 16.32 -32.44 -20.51
CA SER B 170 16.16 -32.71 -19.09
C SER B 170 15.94 -31.42 -18.33
N ALA B 171 15.16 -31.50 -17.25
CA ALA B 171 14.95 -30.37 -16.37
C ALA B 171 14.68 -30.88 -14.97
N SER B 172 15.04 -30.06 -13.98
CA SER B 172 14.82 -30.38 -12.58
C SER B 172 14.45 -29.14 -11.81
N GLY B 173 13.51 -29.28 -10.88
CA GLY B 173 13.06 -28.16 -10.08
C GLY B 173 12.18 -28.63 -8.95
N GLU B 174 11.46 -27.67 -8.36
CA GLU B 174 10.64 -27.95 -7.19
C GLU B 174 9.51 -28.95 -7.45
N LEU B 175 9.10 -29.10 -8.71
CA LEU B 175 8.07 -30.06 -9.08
C LEU B 175 8.63 -31.45 -9.33
N GLY B 176 9.95 -31.63 -9.26
CA GLY B 176 10.55 -32.91 -9.55
C GLY B 176 11.62 -32.84 -10.63
N ASN B 177 11.63 -33.80 -11.54
CA ASN B 177 12.51 -33.73 -12.70
C ASN B 177 11.92 -34.57 -13.84
N GLY B 178 12.36 -34.26 -15.05
CA GLY B 178 11.87 -34.96 -16.22
C GLY B 178 12.67 -34.71 -17.49
N ASN B 179 12.68 -35.68 -18.39
CA ASN B 179 13.43 -35.58 -19.63
C ASN B 179 12.59 -36.09 -20.80
N ILE B 180 12.71 -35.41 -21.93
CA ILE B 180 12.04 -35.77 -23.17
C ILE B 180 13.10 -36.16 -24.19
N LYS B 181 13.00 -37.37 -24.74
CA LYS B 181 14.01 -37.90 -25.65
C LYS B 181 13.46 -37.95 -27.06
N LEU B 182 14.22 -37.42 -28.02
CA LEU B 182 13.88 -37.46 -29.43
C LEU B 182 14.98 -38.18 -30.20
N SER B 183 14.61 -39.20 -30.98
CA SER B 183 15.54 -39.99 -31.76
C SER B 183 15.46 -39.60 -33.23
N GLN B 184 16.29 -40.25 -34.04
CA GLN B 184 16.34 -39.97 -35.47
C GLN B 184 15.08 -40.50 -36.16
N THR B 185 14.58 -39.74 -37.13
CA THR B 185 13.45 -40.16 -37.96
C THR B 185 13.92 -40.24 -39.40
N SER B 186 14.15 -41.45 -39.89
CA SER B 186 14.63 -41.66 -41.25
C SER B 186 13.55 -42.15 -42.21
N ASN B 187 12.59 -42.94 -41.73
CA ASN B 187 11.53 -43.50 -42.57
C ASN B 187 10.41 -42.46 -42.71
N VAL B 188 10.64 -41.49 -43.58
CA VAL B 188 9.67 -40.44 -43.84
C VAL B 188 9.87 -39.95 -45.27
N ASP B 189 8.76 -39.57 -45.91
CA ASP B 189 8.77 -39.11 -47.30
C ASP B 189 8.84 -37.59 -47.43
N LYS B 190 8.38 -36.85 -46.44
CA LYS B 190 8.42 -35.39 -46.47
C LYS B 190 9.43 -34.87 -45.46
N GLU B 191 9.90 -33.65 -45.70
CA GLU B 191 11.03 -33.08 -44.99
C GLU B 191 10.64 -32.07 -43.92
N GLU B 192 9.51 -31.37 -44.10
CA GLU B 192 9.18 -30.22 -43.26
C GLU B 192 8.81 -30.62 -41.82
N GLU B 193 8.63 -31.91 -41.53
CA GLU B 193 8.50 -32.38 -40.16
C GLU B 193 9.56 -33.42 -39.81
N ALA B 194 10.52 -33.65 -40.70
CA ALA B 194 11.52 -34.70 -40.51
C ALA B 194 12.65 -34.17 -39.62
N VAL B 195 12.76 -34.72 -38.42
CA VAL B 195 13.85 -34.39 -37.52
C VAL B 195 15.11 -35.11 -37.98
N THR B 196 16.24 -34.43 -37.93
CA THR B 196 17.52 -35.04 -38.27
C THR B 196 18.61 -34.48 -37.38
N ILE B 197 19.56 -35.34 -37.04
CA ILE B 197 20.63 -35.04 -36.09
C ILE B 197 21.95 -35.22 -36.81
N GLU B 198 22.90 -34.31 -36.60
CA GLU B 198 24.27 -34.50 -37.07
C GLU B 198 25.22 -34.23 -35.92
N MET B 199 26.21 -35.09 -35.77
CA MET B 199 26.96 -35.23 -34.53
C MET B 199 28.44 -35.34 -34.82
N ASN B 200 29.26 -34.75 -33.96
CA ASN B 200 30.70 -34.99 -33.94
C ASN B 200 31.14 -35.75 -32.70
N GLU B 201 30.77 -35.27 -31.51
CA GLU B 201 30.91 -36.01 -30.27
C GLU B 201 29.69 -35.72 -29.40
N PRO B 202 29.30 -36.65 -28.54
CA PRO B 202 28.22 -36.38 -27.58
C PRO B 202 28.56 -35.22 -26.66
N VAL B 203 27.58 -34.34 -26.43
CA VAL B 203 27.79 -33.13 -25.64
C VAL B 203 26.68 -33.00 -24.59
N GLN B 204 27.00 -32.23 -23.56
CA GLN B 204 26.12 -31.99 -22.41
C GLN B 204 26.13 -30.49 -22.12
N LEU B 205 25.05 -29.79 -22.49
CA LEU B 205 24.99 -28.35 -22.30
C LEU B 205 23.83 -27.98 -21.40
N THR B 206 23.91 -26.80 -20.80
CA THR B 206 22.87 -26.27 -19.92
C THR B 206 22.49 -24.87 -20.40
N PHE B 207 21.18 -24.60 -20.44
CA PHE B 207 20.65 -23.33 -20.93
C PHE B 207 19.55 -22.77 -20.05
N ALA B 208 19.55 -21.46 -19.86
CA ALA B 208 18.43 -20.78 -19.21
C ALA B 208 17.24 -20.75 -20.16
N LEU B 209 16.07 -21.11 -19.65
CA LEU B 209 14.93 -21.44 -20.50
C LEU B 209 13.98 -20.26 -20.74
N ARG B 210 14.11 -19.17 -19.97
CA ARG B 210 13.39 -17.95 -20.31
C ARG B 210 13.85 -17.40 -21.66
N TYR B 211 15.16 -17.45 -21.92
CA TYR B 211 15.64 -17.01 -23.22
C TYR B 211 15.21 -17.96 -24.33
N LEU B 212 15.06 -19.26 -24.04
CA LEU B 212 14.48 -20.16 -25.03
C LEU B 212 13.02 -19.84 -25.29
N ASN B 213 12.27 -19.45 -24.25
CA ASN B 213 10.88 -19.02 -24.44
C ASN B 213 10.80 -17.77 -25.30
N PHE B 214 11.74 -16.85 -25.12
CA PHE B 214 11.80 -15.68 -25.98
C PHE B 214 12.14 -16.07 -27.42
N PHE B 215 13.06 -17.02 -27.59
CA PHE B 215 13.48 -17.45 -28.92
C PHE B 215 12.38 -18.24 -29.64
N THR B 216 11.51 -18.91 -28.89
CA THR B 216 10.43 -19.71 -29.46
C THR B 216 9.41 -18.88 -30.22
N LYS B 217 9.34 -17.56 -29.96
CA LYS B 217 8.30 -16.71 -30.52
C LYS B 217 8.31 -16.63 -32.05
N ALA B 218 9.39 -17.04 -32.69
CA ALA B 218 9.44 -17.19 -34.15
C ALA B 218 8.91 -18.54 -34.62
N THR B 219 7.72 -18.95 -34.16
CA THR B 219 7.13 -20.22 -34.58
C THR B 219 6.42 -20.12 -35.93
N PRO B 220 5.53 -19.14 -36.20
CA PRO B 220 4.89 -19.12 -37.52
C PRO B 220 5.81 -18.68 -38.65
N LEU B 221 7.01 -18.19 -38.34
CA LEU B 221 7.89 -17.66 -39.38
C LEU B 221 8.42 -18.77 -40.28
N SER B 222 8.88 -19.87 -39.68
CA SER B 222 9.42 -20.98 -40.45
C SER B 222 8.89 -22.29 -39.88
N SER B 223 8.84 -23.31 -40.74
CA SER B 223 8.37 -24.63 -40.33
C SER B 223 9.48 -25.49 -39.73
N THR B 224 10.73 -25.07 -39.83
CA THR B 224 11.85 -25.82 -39.30
C THR B 224 12.73 -24.91 -38.44
N VAL B 225 13.50 -25.53 -37.57
CA VAL B 225 14.43 -24.83 -36.67
C VAL B 225 15.73 -25.62 -36.62
N THR B 226 16.86 -24.91 -36.64
CA THR B 226 18.17 -25.55 -36.58
C THR B 226 18.88 -25.10 -35.31
N LEU B 227 19.23 -26.05 -34.47
CA LEU B 227 19.98 -25.77 -33.25
C LEU B 227 21.41 -26.25 -33.42
N SER B 228 22.35 -25.34 -33.21
CA SER B 228 23.77 -25.59 -33.43
C SER B 228 24.53 -25.28 -32.15
N MET B 229 25.31 -26.25 -31.66
CA MET B 229 25.97 -26.06 -30.38
C MET B 229 27.13 -27.04 -30.23
N SER B 230 28.05 -26.67 -29.35
CA SER B 230 29.21 -27.46 -28.97
C SER B 230 29.56 -27.13 -27.53
N ALA B 231 30.70 -27.63 -27.06
CA ALA B 231 31.15 -27.34 -25.71
C ALA B 231 31.70 -25.92 -25.62
N ASP B 232 31.22 -25.17 -24.62
CA ASP B 232 31.59 -23.76 -24.40
C ASP B 232 31.33 -22.94 -25.67
N VAL B 233 30.19 -23.19 -26.30
CA VAL B 233 29.78 -22.48 -27.51
C VAL B 233 28.33 -22.02 -27.31
N PRO B 234 28.01 -20.76 -27.65
CA PRO B 234 26.62 -20.31 -27.54
C PRO B 234 25.68 -21.10 -28.44
N LEU B 235 24.48 -21.37 -27.93
CA LEU B 235 23.43 -21.99 -28.73
C LEU B 235 23.06 -21.10 -29.91
N VAL B 236 22.95 -21.72 -31.09
CA VAL B 236 22.53 -21.02 -32.30
C VAL B 236 21.18 -21.58 -32.71
N VAL B 237 20.13 -20.78 -32.52
CA VAL B 237 18.77 -21.13 -32.91
C VAL B 237 18.51 -20.40 -34.23
N GLU B 238 18.58 -21.12 -35.33
CA GLU B 238 18.48 -20.56 -36.67
C GLU B 238 17.12 -20.88 -37.27
N TYR B 239 16.44 -19.85 -37.76
CA TYR B 239 15.25 -19.98 -38.57
C TYR B 239 15.56 -19.44 -39.97
N LYS B 240 14.94 -20.06 -40.97
CA LYS B 240 15.18 -19.68 -42.36
C LYS B 240 13.95 -18.94 -42.89
N ILE B 241 14.10 -17.63 -43.09
CA ILE B 241 13.03 -16.81 -43.65
C ILE B 241 13.01 -17.10 -45.15
N ALA B 242 12.09 -17.98 -45.57
CA ALA B 242 11.96 -18.47 -46.94
C ALA B 242 13.29 -18.98 -47.47
N ASP B 243 13.54 -18.75 -48.76
CA ASP B 243 14.85 -19.03 -49.36
C ASP B 243 15.73 -17.79 -49.39
N MET B 244 15.31 -16.70 -48.75
CA MET B 244 15.95 -15.40 -48.92
C MET B 244 16.78 -14.94 -47.72
N GLY B 245 16.42 -15.31 -46.50
CA GLY B 245 17.17 -14.80 -45.37
C GLY B 245 17.22 -15.78 -44.21
N HIS B 246 17.91 -15.38 -43.15
CA HIS B 246 18.03 -16.23 -41.97
C HIS B 246 18.15 -15.40 -40.70
N LEU B 247 17.59 -15.93 -39.62
CA LEU B 247 17.56 -15.28 -38.32
C LEU B 247 18.16 -16.21 -37.29
N LYS B 248 19.25 -15.78 -36.66
CA LYS B 248 19.99 -16.59 -35.70
C LYS B 248 19.93 -15.95 -34.33
N TYR B 249 19.49 -16.73 -33.34
CA TYR B 249 19.56 -16.33 -31.94
C TYR B 249 20.77 -17.02 -31.33
N TYR B 250 21.69 -16.24 -30.78
CA TYR B 250 22.85 -16.76 -30.08
C TYR B 250 22.62 -16.61 -28.58
N LEU B 251 22.81 -17.69 -27.84
CA LEU B 251 22.54 -17.72 -26.41
C LEU B 251 23.77 -18.20 -25.66
N ALA B 252 24.21 -17.41 -24.69
CA ALA B 252 25.29 -17.82 -23.82
C ALA B 252 24.79 -18.90 -22.88
N PRO B 253 25.42 -20.08 -22.83
CA PRO B 253 24.98 -21.11 -21.89
C PRO B 253 25.16 -20.67 -20.44
N LYS B 254 24.20 -21.04 -19.61
CA LYS B 254 24.22 -20.68 -18.20
C LYS B 254 25.09 -21.68 -17.45
N ILE B 255 26.19 -21.21 -16.86
CA ILE B 255 27.09 -22.15 -16.20
C ILE B 255 26.78 -22.34 -14.72
N GLU B 256 26.29 -21.29 -14.04
CA GLU B 256 25.83 -21.34 -12.64
C GLU B 256 26.88 -21.95 -11.70
N ASP B 257 28.12 -21.50 -11.85
CA ASP B 257 29.21 -22.03 -11.03
C ASP B 257 29.13 -21.48 -9.61
N GLU B 258 28.46 -22.22 -8.72
CA GLU B 258 28.36 -21.83 -7.32
C GLU B 258 29.67 -22.12 -6.59
N GLU B 259 29.95 -21.30 -5.58
CA GLU B 259 31.16 -21.41 -4.79
C GLU B 259 30.96 -22.17 -3.49
N GLY B 260 29.84 -22.87 -3.35
CA GLY B 260 29.53 -23.56 -2.11
C GLY B 260 29.24 -22.62 -0.95
N SER B 261 28.52 -21.52 -1.22
CA SER B 261 28.15 -20.47 -0.27
C SER B 261 29.35 -19.91 0.49
N MET C 1 -49.32 -4.40 -21.41
CA MET C 1 -48.52 -5.62 -21.43
C MET C 1 -47.70 -5.62 -22.72
N PHE C 2 -46.51 -6.22 -22.67
CA PHE C 2 -45.55 -6.12 -23.77
C PHE C 2 -44.95 -7.49 -24.03
N GLU C 3 -45.21 -8.05 -25.21
CA GLU C 3 -44.72 -9.35 -25.63
C GLU C 3 -43.88 -9.20 -26.90
N ALA C 4 -42.74 -9.90 -26.93
CA ALA C 4 -41.88 -9.91 -28.10
C ALA C 4 -41.27 -11.30 -28.26
N ARG C 5 -41.18 -11.75 -29.51
CA ARG C 5 -40.59 -13.04 -29.85
C ARG C 5 -39.58 -12.82 -30.96
N LEU C 6 -38.35 -13.31 -30.75
CA LEU C 6 -37.26 -13.14 -31.70
C LEU C 6 -36.54 -14.47 -31.87
N VAL C 7 -36.20 -14.82 -33.11
CA VAL C 7 -35.46 -16.04 -33.38
C VAL C 7 -34.01 -15.78 -33.76
N GLN C 8 -33.69 -14.62 -34.32
CA GLN C 8 -32.29 -14.23 -34.48
C GLN C 8 -31.86 -13.34 -33.30
N GLY C 9 -31.74 -14.00 -32.14
CA GLY C 9 -31.42 -13.31 -30.92
C GLY C 9 -29.96 -12.95 -30.72
N SER C 10 -29.10 -13.32 -31.68
CA SER C 10 -27.68 -12.97 -31.57
C SER C 10 -27.42 -11.50 -31.86
N ILE C 11 -28.28 -10.85 -32.64
CA ILE C 11 -28.06 -9.44 -32.96
C ILE C 11 -28.23 -8.57 -31.72
N LEU C 12 -29.15 -8.93 -30.82
CA LEU C 12 -29.31 -8.19 -29.57
C LEU C 12 -28.08 -8.36 -28.68
N LYS C 13 -27.50 -9.56 -28.66
CA LYS C 13 -26.26 -9.79 -27.93
C LYS C 13 -25.12 -8.97 -28.52
N LYS C 14 -25.05 -8.88 -29.85
CA LYS C 14 -24.03 -8.05 -30.49
C LYS C 14 -24.22 -6.57 -30.16
N VAL C 15 -25.49 -6.13 -30.08
CA VAL C 15 -25.78 -4.75 -29.70
C VAL C 15 -25.28 -4.46 -28.29
N LEU C 16 -25.58 -5.37 -27.36
CA LEU C 16 -25.16 -5.16 -25.97
C LEU C 16 -23.65 -5.29 -25.81
N GLU C 17 -23.00 -6.15 -26.60
CA GLU C 17 -21.54 -6.22 -26.60
C GLU C 17 -20.93 -4.92 -27.13
N ALA C 18 -21.54 -4.33 -28.16
CA ALA C 18 -21.04 -3.07 -28.68
C ALA C 18 -21.25 -1.93 -27.69
N LEU C 19 -22.35 -1.94 -26.96
CA LEU C 19 -22.71 -0.82 -26.09
C LEU C 19 -22.39 -1.05 -24.62
N LYS C 20 -21.74 -2.16 -24.26
CA LYS C 20 -21.47 -2.45 -22.85
C LYS C 20 -20.39 -1.54 -22.28
N ASP C 21 -19.47 -1.06 -23.11
CA ASP C 21 -18.34 -0.28 -22.63
C ASP C 21 -18.57 1.22 -22.68
N LEU C 22 -19.70 1.69 -23.23
CA LEU C 22 -19.91 3.10 -23.45
C LEU C 22 -20.91 3.70 -22.48
N ILE C 23 -22.12 3.16 -22.43
CA ILE C 23 -23.17 3.63 -21.54
C ILE C 23 -23.48 2.53 -20.53
N ASN C 24 -23.63 2.91 -19.26
CA ASN C 24 -23.90 1.93 -18.22
C ASN C 24 -25.39 1.72 -17.95
N GLU C 25 -26.23 2.69 -18.32
CA GLU C 25 -27.68 2.50 -18.29
C GLU C 25 -28.32 3.47 -19.28
N ALA C 26 -29.25 2.97 -20.08
CA ALA C 26 -29.83 3.76 -21.16
C ALA C 26 -31.34 3.83 -21.09
N CYS C 27 -31.97 4.41 -22.10
CA CYS C 27 -33.41 4.56 -22.15
C CYS C 27 -33.98 3.84 -23.36
N TRP C 28 -35.07 3.12 -23.15
CA TRP C 28 -35.82 2.47 -24.22
C TRP C 28 -37.24 3.02 -24.22
N ASP C 29 -37.83 3.15 -25.41
CA ASP C 29 -39.25 3.43 -25.48
C ASP C 29 -39.92 2.52 -26.50
N ILE C 30 -41.16 2.15 -26.22
CA ILE C 30 -41.93 1.21 -27.02
C ILE C 30 -43.18 1.93 -27.52
N SER C 31 -43.45 1.79 -28.82
CA SER C 31 -44.58 2.39 -29.48
C SER C 31 -45.10 1.43 -30.53
N SER C 32 -46.17 1.83 -31.23
CA SER C 32 -46.74 1.02 -32.30
C SER C 32 -45.78 0.84 -33.47
N SER C 33 -44.79 1.72 -33.60
CA SER C 33 -43.76 1.59 -34.62
C SER C 33 -42.58 0.74 -34.16
N GLY C 34 -42.57 0.30 -32.90
CA GLY C 34 -41.49 -0.55 -32.43
C GLY C 34 -40.74 -0.02 -31.23
N VAL C 35 -39.50 -0.45 -31.07
CA VAL C 35 -38.66 -0.06 -29.93
C VAL C 35 -37.61 0.91 -30.46
N ASN C 36 -37.41 2.00 -29.73
CA ASN C 36 -36.36 2.94 -30.07
C ASN C 36 -35.48 3.19 -28.85
N LEU C 37 -34.19 3.36 -29.10
CA LEU C 37 -33.21 3.71 -28.08
C LEU C 37 -32.46 4.92 -28.60
N GLN C 38 -32.84 6.11 -28.13
CA GLN C 38 -32.23 7.38 -28.56
C GLN C 38 -31.64 8.00 -27.30
N SER C 39 -30.36 7.78 -27.06
CA SER C 39 -29.80 8.15 -25.76
C SER C 39 -28.46 8.85 -25.91
N MET C 40 -28.18 9.70 -24.92
CA MET C 40 -26.89 10.34 -24.75
C MET C 40 -25.97 9.43 -23.95
N ASP C 41 -24.68 9.44 -24.28
CA ASP C 41 -23.72 8.61 -23.59
C ASP C 41 -23.38 9.24 -22.23
N SER C 42 -22.51 8.56 -21.47
CA SER C 42 -22.25 8.97 -20.10
C SER C 42 -21.49 10.29 -20.02
N SER C 43 -20.56 10.52 -20.96
CA SER C 43 -19.78 11.74 -20.93
C SER C 43 -20.48 12.93 -21.57
N HIS C 44 -21.71 12.73 -22.06
CA HIS C 44 -22.55 13.79 -22.67
C HIS C 44 -21.85 14.44 -23.86
N VAL C 45 -21.50 13.63 -24.86
CA VAL C 45 -20.77 14.16 -26.01
C VAL C 45 -21.46 13.82 -27.33
N SER C 46 -22.23 12.74 -27.38
CA SER C 46 -22.76 12.30 -28.67
C SER C 46 -23.97 11.39 -28.47
N LEU C 47 -24.74 11.23 -29.55
CA LEU C 47 -26.04 10.56 -29.50
C LEU C 47 -25.98 9.20 -30.17
N VAL C 48 -26.64 8.21 -29.56
CA VAL C 48 -26.70 6.86 -30.13
C VAL C 48 -28.17 6.47 -30.30
N GLN C 49 -28.45 5.62 -31.29
CA GLN C 49 -29.81 5.13 -31.44
C GLN C 49 -29.88 3.74 -32.08
N LEU C 50 -30.69 2.91 -31.43
CA LEU C 50 -31.23 1.66 -31.95
C LEU C 50 -32.64 1.91 -32.48
N THR C 51 -32.95 1.33 -33.64
CA THR C 51 -34.28 1.39 -34.24
C THR C 51 -34.74 -0.04 -34.50
N LEU C 52 -35.39 -0.67 -33.51
CA LEU C 52 -35.84 -2.04 -33.60
C LEU C 52 -37.33 -2.00 -33.93
N ARG C 53 -37.65 -1.91 -35.22
CA ARG C 53 -39.01 -1.57 -35.61
C ARG C 53 -39.95 -2.76 -35.42
N SER C 54 -41.23 -2.55 -35.76
CA SER C 54 -42.26 -3.54 -35.48
C SER C 54 -42.08 -4.81 -36.30
N GLU C 55 -41.92 -4.68 -37.61
CA GLU C 55 -41.85 -5.86 -38.46
C GLU C 55 -40.46 -6.50 -38.47
N GLY C 56 -39.46 -5.84 -37.89
CA GLY C 56 -38.17 -6.49 -37.71
C GLY C 56 -38.22 -7.65 -36.74
N PHE C 57 -39.04 -7.52 -35.70
CA PHE C 57 -39.23 -8.62 -34.76
C PHE C 57 -40.10 -9.70 -35.39
N ASP C 58 -39.93 -10.94 -34.89
CA ASP C 58 -40.73 -12.04 -35.40
C ASP C 58 -42.16 -11.95 -34.90
N THR C 59 -42.36 -11.67 -33.62
CA THR C 59 -43.71 -11.44 -33.11
C THR C 59 -43.68 -10.26 -32.16
N TYR C 60 -44.60 -9.31 -32.37
CA TYR C 60 -44.66 -8.08 -31.59
C TYR C 60 -46.07 -7.90 -31.07
N ARG C 61 -46.21 -7.54 -29.79
CA ARG C 61 -47.52 -7.27 -29.22
C ARG C 61 -47.36 -6.22 -28.13
N CYS C 62 -47.78 -4.99 -28.42
CA CYS C 62 -47.69 -3.88 -27.49
C CYS C 62 -49.06 -3.23 -27.33
N ASP C 63 -49.38 -2.85 -26.09
CA ASP C 63 -50.70 -2.30 -25.77
C ASP C 63 -50.73 -0.77 -25.75
N ARG C 64 -49.70 -0.12 -25.20
CA ARG C 64 -49.71 1.33 -25.06
C ARG C 64 -48.30 1.87 -25.21
N ASN C 65 -48.22 3.18 -25.48
CA ASN C 65 -46.94 3.86 -25.53
C ASN C 65 -46.28 3.86 -24.17
N LEU C 66 -45.01 3.44 -24.10
CA LEU C 66 -44.34 3.36 -22.81
C LEU C 66 -42.86 3.67 -22.97
N ALA C 67 -42.22 3.96 -21.84
CA ALA C 67 -40.78 4.17 -21.78
C ALA C 67 -40.23 3.54 -20.50
N MET C 68 -39.08 2.90 -20.62
CA MET C 68 -38.45 2.25 -19.47
C MET C 68 -36.94 2.49 -19.51
N GLY C 69 -36.32 2.40 -18.34
CA GLY C 69 -34.89 2.50 -18.21
C GLY C 69 -34.27 1.21 -17.71
N VAL C 70 -33.42 0.58 -18.52
CA VAL C 70 -32.81 -0.70 -18.21
C VAL C 70 -31.30 -0.51 -18.14
N ASN C 71 -30.71 -0.94 -17.02
CA ASN C 71 -29.26 -0.88 -16.90
C ASN C 71 -28.60 -1.92 -17.80
N LEU C 72 -27.60 -1.48 -18.57
CA LEU C 72 -26.89 -2.38 -19.45
C LEU C 72 -25.93 -3.30 -18.70
N THR C 73 -25.47 -2.89 -17.52
CA THR C 73 -24.47 -3.67 -16.77
C THR C 73 -24.98 -5.03 -16.29
N SER C 74 -26.29 -5.24 -16.25
CA SER C 74 -26.87 -6.51 -15.87
C SER C 74 -27.47 -7.27 -17.05
N MET C 75 -28.25 -6.57 -17.88
CA MET C 75 -28.86 -7.24 -19.03
C MET C 75 -27.84 -7.62 -20.10
N SER C 76 -26.76 -6.85 -20.28
CA SER C 76 -25.73 -7.26 -21.23
C SER C 76 -25.05 -8.56 -20.81
N LYS C 77 -24.77 -8.71 -19.50
CA LYS C 77 -24.11 -9.92 -19.04
C LYS C 77 -25.09 -11.10 -18.91
N ILE C 78 -26.38 -10.85 -18.72
CA ILE C 78 -27.30 -11.99 -18.70
C ILE C 78 -27.64 -12.43 -20.13
N LEU C 79 -27.50 -11.55 -21.13
CA LEU C 79 -27.64 -11.98 -22.52
C LEU C 79 -26.42 -12.72 -23.05
N LYS C 80 -25.38 -12.91 -22.23
CA LYS C 80 -24.29 -13.82 -22.56
C LYS C 80 -24.71 -15.28 -22.43
N CYS C 81 -25.93 -15.52 -21.93
CA CYS C 81 -26.47 -16.88 -21.83
C CYS C 81 -26.57 -17.58 -23.18
N ALA C 82 -26.89 -16.83 -24.24
CA ALA C 82 -27.14 -17.48 -25.51
C ALA C 82 -25.85 -17.73 -26.28
N GLY C 83 -25.95 -18.59 -27.29
CA GLY C 83 -24.87 -18.84 -28.22
C GLY C 83 -25.01 -18.04 -29.49
N ASN C 84 -25.48 -18.69 -30.55
CA ASN C 84 -25.67 -18.03 -31.83
C ASN C 84 -27.01 -18.35 -32.48
N GLU C 85 -27.85 -19.20 -31.87
CA GLU C 85 -29.08 -19.63 -32.50
C GLU C 85 -30.28 -19.72 -31.56
N ASP C 86 -30.14 -19.34 -30.29
CA ASP C 86 -31.23 -19.46 -29.34
C ASP C 86 -32.30 -18.40 -29.60
N ILE C 87 -33.53 -18.67 -29.16
CA ILE C 87 -34.63 -17.76 -29.42
C ILE C 87 -35.14 -17.20 -28.09
N ILE C 88 -35.65 -15.96 -28.15
CA ILE C 88 -35.88 -15.14 -26.96
C ILE C 88 -37.33 -14.66 -26.95
N THR C 89 -37.99 -14.80 -25.79
CA THR C 89 -39.30 -14.22 -25.52
C THR C 89 -39.12 -13.15 -24.44
N LEU C 90 -39.68 -11.97 -24.68
CA LEU C 90 -39.48 -10.81 -23.83
C LEU C 90 -40.83 -10.25 -23.41
N ARG C 91 -41.01 -9.99 -22.11
CA ARG C 91 -42.25 -9.37 -21.63
C ARG C 91 -41.93 -8.22 -20.70
N ALA C 92 -42.60 -7.09 -20.93
CA ALA C 92 -42.60 -5.96 -20.00
C ALA C 92 -44.02 -5.71 -19.53
N GLU C 93 -44.24 -5.84 -18.22
CA GLU C 93 -45.57 -5.73 -17.63
C GLU C 93 -45.96 -4.26 -17.46
N ASP C 94 -47.18 -4.04 -16.97
CA ASP C 94 -47.72 -2.69 -16.86
C ASP C 94 -47.17 -1.95 -15.64
N ASN C 95 -47.45 -2.47 -14.45
CA ASN C 95 -47.06 -1.86 -13.19
C ASN C 95 -46.30 -2.86 -12.33
N ALA C 96 -45.33 -3.53 -12.95
CA ALA C 96 -44.49 -4.49 -12.25
C ALA C 96 -43.03 -4.13 -12.50
N ASP C 97 -42.24 -4.08 -11.43
CA ASP C 97 -40.82 -3.80 -11.55
C ASP C 97 -40.07 -4.92 -12.25
N THR C 98 -40.58 -6.15 -12.20
CA THR C 98 -39.94 -7.28 -12.85
C THR C 98 -40.22 -7.28 -14.34
N LEU C 99 -39.19 -7.58 -15.13
CA LEU C 99 -39.30 -7.73 -16.56
C LEU C 99 -38.89 -9.17 -16.89
N ALA C 100 -39.71 -9.85 -17.69
CA ALA C 100 -39.62 -11.30 -17.80
C ALA C 100 -38.96 -11.73 -19.11
N LEU C 101 -38.11 -12.75 -19.03
CA LEU C 101 -37.44 -13.33 -20.18
C LEU C 101 -37.68 -14.83 -20.19
N VAL C 102 -37.93 -15.39 -21.37
CA VAL C 102 -37.92 -16.83 -21.58
C VAL C 102 -36.98 -17.13 -22.74
N PHE C 103 -36.32 -18.28 -22.65
CA PHE C 103 -35.10 -18.58 -23.39
C PHE C 103 -35.24 -20.00 -23.91
N GLU C 104 -35.44 -20.18 -25.23
CA GLU C 104 -35.66 -21.50 -25.79
C GLU C 104 -34.53 -21.86 -26.74
N ALA C 105 -33.92 -23.03 -26.51
CA ALA C 105 -33.01 -23.58 -27.50
C ALA C 105 -33.79 -24.22 -28.65
N PRO C 106 -33.19 -24.31 -29.85
CA PRO C 106 -33.92 -24.92 -30.98
C PRO C 106 -34.10 -26.43 -30.90
N ASN C 107 -33.74 -27.06 -29.78
CA ASN C 107 -33.92 -28.49 -29.60
C ASN C 107 -35.31 -28.85 -29.08
N GLN C 108 -36.18 -27.85 -28.85
CA GLN C 108 -37.57 -28.03 -28.42
C GLN C 108 -37.68 -28.74 -27.07
N GLU C 109 -36.65 -28.66 -26.23
CA GLU C 109 -36.68 -29.26 -24.92
C GLU C 109 -36.26 -28.24 -23.85
N LYS C 110 -35.35 -27.35 -24.21
CA LYS C 110 -34.72 -26.44 -23.25
C LYS C 110 -35.55 -25.16 -23.15
N VAL C 111 -35.98 -24.84 -21.94
CA VAL C 111 -36.74 -23.61 -21.68
C VAL C 111 -36.20 -22.98 -20.39
N SER C 112 -36.07 -21.65 -20.40
CA SER C 112 -35.54 -20.92 -19.26
C SER C 112 -36.37 -19.67 -19.04
N ASP C 113 -36.45 -19.20 -17.79
CA ASP C 113 -37.06 -17.91 -17.52
C ASP C 113 -36.29 -17.11 -16.47
N TYR C 114 -36.25 -15.80 -16.66
CA TYR C 114 -35.52 -14.88 -15.81
C TYR C 114 -36.35 -13.64 -15.54
N GLU C 115 -36.04 -12.96 -14.43
CA GLU C 115 -36.74 -11.75 -14.02
C GLU C 115 -35.73 -10.64 -13.77
N MET C 116 -36.12 -9.42 -14.14
CA MET C 116 -35.27 -8.24 -14.02
C MET C 116 -35.92 -7.19 -13.12
N LYS C 117 -35.09 -6.49 -12.36
CA LYS C 117 -35.54 -5.38 -11.52
C LYS C 117 -35.13 -4.06 -12.16
N LEU C 118 -36.09 -3.15 -12.31
CA LEU C 118 -35.89 -1.90 -13.04
C LEU C 118 -35.80 -0.73 -12.07
N MET C 119 -35.38 0.41 -12.62
CA MET C 119 -35.20 1.63 -11.85
C MET C 119 -35.68 2.82 -12.67
N ASP C 120 -36.04 3.90 -11.97
CA ASP C 120 -36.52 5.10 -12.63
C ASP C 120 -35.38 5.82 -13.35
N LEU C 121 -35.74 6.63 -14.34
CA LEU C 121 -34.75 7.34 -15.14
C LEU C 121 -35.26 8.73 -15.49
N ASP C 122 -34.37 9.72 -15.41
CA ASP C 122 -34.66 11.11 -15.74
C ASP C 122 -33.57 11.62 -16.69
N VAL C 123 -33.76 11.41 -18.00
CA VAL C 123 -32.82 11.84 -19.02
C VAL C 123 -33.55 12.77 -19.98
N GLU C 124 -32.99 13.96 -20.19
CA GLU C 124 -33.59 14.93 -21.10
C GLU C 124 -33.51 14.44 -22.55
N GLN C 125 -34.60 14.65 -23.29
CA GLN C 125 -34.66 14.25 -24.69
C GLN C 125 -34.08 15.36 -25.56
N LEU C 126 -33.19 14.97 -26.48
CA LEU C 126 -32.57 15.89 -27.42
C LEU C 126 -33.20 15.69 -28.79
N GLY C 127 -33.59 16.80 -29.43
CA GLY C 127 -34.35 16.73 -30.66
C GLY C 127 -33.56 16.13 -31.81
N ILE C 128 -34.29 15.58 -32.77
CA ILE C 128 -33.69 14.86 -33.88
C ILE C 128 -33.89 15.64 -35.18
N PRO C 129 -32.87 16.35 -35.67
CA PRO C 129 -32.98 17.03 -36.96
C PRO C 129 -32.47 16.20 -38.12
N GLU C 130 -33.08 16.42 -39.28
CA GLU C 130 -32.68 15.76 -40.52
C GLU C 130 -32.02 16.81 -41.42
N GLN C 131 -30.70 16.75 -41.52
CA GLN C 131 -29.93 17.69 -42.32
C GLN C 131 -29.18 16.95 -43.42
N GLU C 132 -29.01 17.62 -44.55
CA GLU C 132 -28.28 17.03 -45.67
C GLU C 132 -26.79 16.91 -45.34
N TYR C 133 -26.18 15.85 -45.85
CA TYR C 133 -24.75 15.60 -45.66
C TYR C 133 -24.07 15.58 -47.01
N SER C 134 -22.99 16.35 -47.14
CA SER C 134 -22.32 16.52 -48.42
C SER C 134 -21.66 15.22 -48.90
N CYS C 135 -20.93 14.55 -48.01
CA CYS C 135 -20.18 13.36 -48.38
C CYS C 135 -20.74 12.12 -47.70
N VAL C 136 -21.21 11.18 -48.51
CA VAL C 136 -21.71 9.90 -48.05
C VAL C 136 -20.79 8.84 -48.64
N VAL C 137 -20.20 8.01 -47.80
CA VAL C 137 -19.39 6.88 -48.23
C VAL C 137 -19.97 5.60 -47.64
N LYS C 138 -19.90 4.51 -48.40
CA LYS C 138 -20.45 3.24 -47.98
C LYS C 138 -19.39 2.17 -48.21
N MET C 139 -18.83 1.64 -47.12
CA MET C 139 -17.71 0.73 -47.16
C MET C 139 -17.98 -0.46 -46.25
N PRO C 140 -17.33 -1.60 -46.50
CA PRO C 140 -17.53 -2.75 -45.60
C PRO C 140 -17.01 -2.48 -44.20
N SER C 141 -17.70 -3.08 -43.22
CA SER C 141 -17.43 -2.78 -41.82
C SER C 141 -16.14 -3.39 -41.32
N GLY C 142 -15.66 -4.47 -41.96
CA GLY C 142 -14.43 -5.09 -41.51
C GLY C 142 -13.22 -4.19 -41.67
N GLU C 143 -13.11 -3.54 -42.83
CA GLU C 143 -12.01 -2.60 -43.04
C GLU C 143 -12.18 -1.35 -42.19
N PHE C 144 -13.42 -0.96 -41.88
CA PHE C 144 -13.65 0.15 -40.95
C PHE C 144 -13.13 -0.19 -39.55
N ALA C 145 -13.45 -1.39 -39.06
CA ALA C 145 -12.95 -1.84 -37.78
C ALA C 145 -11.44 -1.93 -37.78
N ARG C 146 -10.86 -2.45 -38.86
CA ARG C 146 -9.41 -2.59 -38.96
C ARG C 146 -8.72 -1.23 -38.98
N ILE C 147 -9.26 -0.26 -39.73
CA ILE C 147 -8.62 1.04 -39.82
C ILE C 147 -8.75 1.80 -38.50
N CYS C 148 -9.89 1.67 -37.81
CA CYS C 148 -10.01 2.32 -36.50
C CYS C 148 -9.08 1.68 -35.47
N ARG C 149 -9.01 0.35 -35.44
CA ARG C 149 -8.14 -0.35 -34.50
C ARG C 149 -6.67 -0.08 -34.80
N ASP C 150 -6.34 0.15 -36.06
CA ASP C 150 -4.96 0.38 -36.45
C ASP C 150 -4.54 1.83 -36.29
N LEU C 151 -5.47 2.78 -36.33
CA LEU C 151 -5.18 4.14 -35.94
C LEU C 151 -5.38 4.38 -34.45
N SER C 152 -5.85 3.37 -33.71
CA SER C 152 -6.12 3.50 -32.28
C SER C 152 -4.86 3.85 -31.49
N HIS C 153 -3.71 3.34 -31.91
CA HIS C 153 -2.47 3.49 -31.17
C HIS C 153 -1.63 4.67 -31.63
N ILE C 154 -2.07 5.44 -32.62
CA ILE C 154 -1.27 6.57 -33.09
C ILE C 154 -1.40 7.76 -32.15
N GLY C 155 -2.61 8.19 -31.88
CA GLY C 155 -2.83 9.34 -31.02
C GLY C 155 -4.18 9.33 -30.36
N ASP C 156 -4.69 10.51 -30.06
CA ASP C 156 -6.00 10.67 -29.42
C ASP C 156 -7.05 11.31 -30.32
N ALA C 157 -6.72 11.61 -31.57
CA ALA C 157 -7.66 12.25 -32.48
C ALA C 157 -7.39 11.78 -33.90
N VAL C 158 -8.40 11.93 -34.75
CA VAL C 158 -8.33 11.50 -36.15
C VAL C 158 -8.77 12.67 -37.02
N VAL C 159 -8.21 12.73 -38.23
CA VAL C 159 -8.55 13.74 -39.22
C VAL C 159 -9.12 13.04 -40.44
N ILE C 160 -10.33 13.45 -40.85
CA ILE C 160 -11.01 12.88 -42.00
C ILE C 160 -11.06 13.92 -43.10
N SER C 161 -10.60 13.56 -44.30
CA SER C 161 -10.64 14.45 -45.45
C SER C 161 -11.25 13.71 -46.64
N CYS C 162 -12.40 14.18 -47.08
CA CYS C 162 -13.12 13.65 -48.23
C CYS C 162 -12.86 14.54 -49.44
N ALA C 163 -12.16 14.01 -50.44
CA ALA C 163 -11.77 14.77 -51.61
C ALA C 163 -12.15 14.00 -52.87
N LYS C 164 -11.97 14.65 -54.02
CA LYS C 164 -12.37 14.07 -55.30
C LYS C 164 -11.62 12.77 -55.61
N ASP C 165 -10.42 12.60 -55.06
CA ASP C 165 -9.71 11.34 -55.23
C ASP C 165 -10.37 10.22 -54.44
N GLY C 166 -10.89 10.53 -53.25
CA GLY C 166 -11.47 9.52 -52.39
C GLY C 166 -11.61 9.95 -50.95
N VAL C 167 -11.25 9.09 -50.00
CA VAL C 167 -11.32 9.43 -48.59
C VAL C 167 -9.95 9.17 -47.95
N LYS C 168 -9.54 10.08 -47.07
CA LYS C 168 -8.27 9.97 -46.37
C LYS C 168 -8.51 10.09 -44.87
N PHE C 169 -7.86 9.22 -44.11
CA PHE C 169 -7.78 9.34 -42.67
C PHE C 169 -6.38 9.75 -42.28
N SER C 170 -6.25 10.37 -41.11
CA SER C 170 -4.94 10.79 -40.62
C SER C 170 -4.94 10.76 -39.10
N ALA C 171 -3.76 10.55 -38.53
CA ALA C 171 -3.60 10.59 -37.08
C ALA C 171 -2.16 10.91 -36.78
N SER C 172 -1.93 11.46 -35.58
CA SER C 172 -0.61 11.88 -35.17
C SER C 172 -0.43 11.63 -33.68
N GLY C 173 0.82 11.44 -33.27
CA GLY C 173 1.13 11.19 -31.88
C GLY C 173 2.63 11.05 -31.70
N GLU C 174 3.02 10.77 -30.46
CA GLU C 174 4.44 10.78 -30.07
C GLU C 174 5.25 9.75 -30.84
N LEU C 175 4.68 8.57 -31.09
CA LEU C 175 5.39 7.55 -31.85
C LEU C 175 5.46 7.88 -33.34
N GLY C 176 4.63 8.78 -33.83
CA GLY C 176 4.66 9.16 -35.23
C GLY C 176 3.27 9.54 -35.71
N ASN C 177 3.17 9.76 -37.01
CA ASN C 177 1.92 10.16 -37.65
C ASN C 177 1.74 9.38 -38.94
N GLY C 178 0.49 9.08 -39.26
CA GLY C 178 0.19 8.28 -40.43
C GLY C 178 -1.15 8.63 -41.03
N ASN C 179 -1.21 8.54 -42.36
CA ASN C 179 -2.43 8.76 -43.12
C ASN C 179 -2.77 7.52 -43.94
N ILE C 180 -4.06 7.40 -44.28
CA ILE C 180 -4.59 6.22 -44.95
C ILE C 180 -5.43 6.71 -46.12
N LYS C 181 -5.27 6.08 -47.29
CA LYS C 181 -6.00 6.44 -48.50
C LYS C 181 -6.94 5.30 -48.88
N LEU C 182 -8.20 5.63 -49.14
CA LEU C 182 -9.16 4.68 -49.69
C LEU C 182 -9.75 5.28 -50.95
N SER C 183 -9.65 4.54 -52.06
CA SER C 183 -10.22 4.89 -53.35
C SER C 183 -11.55 4.15 -53.53
N GLN C 184 -12.08 4.19 -54.74
CA GLN C 184 -13.36 3.58 -55.06
C GLN C 184 -13.18 2.42 -56.04
N THR C 185 -13.85 1.31 -55.77
CA THR C 185 -13.83 0.14 -56.63
C THR C 185 -15.24 -0.11 -57.17
N SER C 186 -15.35 -0.20 -58.50
CA SER C 186 -16.65 -0.30 -59.16
C SER C 186 -16.73 -1.49 -60.11
N ASN C 187 -15.91 -2.51 -59.92
CA ASN C 187 -15.93 -3.71 -60.76
C ASN C 187 -16.09 -4.97 -59.93
N VAL C 188 -16.94 -4.91 -58.91
CA VAL C 188 -17.20 -6.03 -58.02
C VAL C 188 -18.70 -6.31 -58.02
N ASP C 189 -19.07 -7.59 -57.95
CA ASP C 189 -20.46 -8.02 -58.02
C ASP C 189 -21.15 -8.05 -56.67
N LYS C 190 -20.42 -7.87 -55.57
CA LYS C 190 -20.98 -7.94 -54.23
C LYS C 190 -21.22 -6.52 -53.72
N GLU C 191 -22.48 -6.22 -53.40
CA GLU C 191 -22.80 -4.91 -52.85
C GLU C 191 -22.31 -4.76 -51.41
N GLU C 192 -22.21 -5.87 -50.67
CA GLU C 192 -21.71 -5.82 -49.30
C GLU C 192 -20.23 -5.48 -49.26
N GLU C 193 -19.46 -5.93 -50.26
CA GLU C 193 -18.04 -5.64 -50.34
C GLU C 193 -17.74 -4.34 -51.09
N ALA C 194 -18.70 -3.82 -51.85
CA ALA C 194 -18.45 -2.63 -52.65
C ALA C 194 -18.43 -1.37 -51.79
N VAL C 195 -17.53 -0.46 -52.13
CA VAL C 195 -17.50 0.90 -51.57
C VAL C 195 -18.11 1.84 -52.60
N THR C 196 -18.85 2.84 -52.13
CA THR C 196 -19.42 3.82 -53.05
C THR C 196 -19.45 5.18 -52.36
N ILE C 197 -19.52 6.23 -53.18
CA ILE C 197 -19.41 7.61 -52.70
C ILE C 197 -20.49 8.47 -53.36
N GLU C 198 -20.87 9.53 -52.66
CA GLU C 198 -21.49 10.67 -53.29
C GLU C 198 -21.00 11.93 -52.57
N MET C 199 -20.64 12.94 -53.36
CA MET C 199 -19.91 14.09 -52.86
C MET C 199 -20.51 15.37 -53.43
N ASN C 200 -20.48 16.43 -52.61
CA ASN C 200 -20.88 17.76 -53.05
C ASN C 200 -19.74 18.77 -52.95
N GLU C 201 -19.03 18.81 -51.81
CA GLU C 201 -17.80 19.56 -51.68
C GLU C 201 -16.84 18.76 -50.81
N PRO C 202 -15.53 18.98 -50.96
CA PRO C 202 -14.55 18.31 -50.08
C PRO C 202 -14.76 18.69 -48.62
N VAL C 203 -14.57 17.71 -47.73
CA VAL C 203 -14.86 17.87 -46.31
C VAL C 203 -13.58 17.65 -45.52
N GLN C 204 -13.29 18.55 -44.58
CA GLN C 204 -12.18 18.40 -43.65
C GLN C 204 -12.72 18.48 -42.23
N LEU C 205 -12.51 17.42 -41.45
CA LEU C 205 -13.01 17.37 -40.08
C LEU C 205 -11.99 16.70 -39.17
N THR C 206 -12.08 17.01 -37.88
CA THR C 206 -11.30 16.33 -36.86
C THR C 206 -12.23 15.78 -35.79
N PHE C 207 -11.87 14.62 -35.24
CA PHE C 207 -12.79 13.86 -34.42
C PHE C 207 -12.01 13.09 -33.35
N ALA C 208 -12.72 12.66 -32.32
CA ALA C 208 -12.16 11.77 -31.32
C ALA C 208 -11.85 10.42 -31.96
N LEU C 209 -10.83 9.75 -31.42
CA LEU C 209 -10.31 8.52 -32.00
C LEU C 209 -10.53 7.29 -31.14
N ARG C 210 -10.18 7.36 -29.85
CA ARG C 210 -10.46 6.25 -28.94
C ARG C 210 -11.96 6.02 -28.80
N TYR C 211 -12.76 7.06 -29.00
CA TYR C 211 -14.20 6.93 -28.86
C TYR C 211 -14.77 6.20 -30.07
N LEU C 212 -14.18 6.41 -31.25
CA LEU C 212 -14.50 5.60 -32.42
C LEU C 212 -14.02 4.17 -32.25
N ASN C 213 -12.89 3.95 -31.56
CA ASN C 213 -12.49 2.59 -31.21
C ASN C 213 -13.53 1.93 -30.32
N PHE C 214 -14.11 2.70 -29.40
CA PHE C 214 -15.15 2.19 -28.53
C PHE C 214 -16.43 1.86 -29.31
N PHE C 215 -16.76 2.63 -30.34
CA PHE C 215 -17.93 2.28 -31.15
C PHE C 215 -17.62 1.44 -32.40
N THR C 216 -16.40 0.94 -32.56
CA THR C 216 -16.17 -0.09 -33.58
C THR C 216 -16.28 -1.51 -33.05
N LYS C 217 -17.04 -1.74 -31.98
CA LYS C 217 -17.33 -3.10 -31.55
C LYS C 217 -18.64 -3.64 -32.13
N ALA C 218 -19.37 -2.84 -32.90
CA ALA C 218 -20.58 -3.30 -33.57
C ALA C 218 -20.30 -3.90 -34.95
N THR C 219 -19.04 -4.25 -35.22
CA THR C 219 -18.67 -4.83 -36.50
C THR C 219 -19.37 -6.17 -36.84
N PRO C 220 -19.50 -7.15 -35.93
CA PRO C 220 -20.23 -8.38 -36.32
C PRO C 220 -21.73 -8.18 -36.52
N LEU C 221 -22.29 -7.03 -36.14
CA LEU C 221 -23.72 -6.79 -36.35
C LEU C 221 -24.07 -6.69 -37.82
N SER C 222 -23.29 -5.91 -38.58
CA SER C 222 -23.55 -5.71 -40.00
C SER C 222 -22.23 -5.72 -40.76
N SER C 223 -22.29 -6.15 -42.03
CA SER C 223 -21.12 -6.26 -42.86
C SER C 223 -20.79 -4.98 -43.62
N THR C 224 -21.64 -3.95 -43.56
CA THR C 224 -21.43 -2.73 -44.31
C THR C 224 -21.81 -1.52 -43.46
N VAL C 225 -20.96 -0.49 -43.48
CA VAL C 225 -21.16 0.72 -42.71
C VAL C 225 -21.16 1.92 -43.66
N THR C 226 -22.09 2.84 -43.41
CA THR C 226 -22.22 4.08 -44.17
C THR C 226 -21.87 5.25 -43.26
N LEU C 227 -20.98 6.12 -43.75
CA LEU C 227 -20.55 7.31 -43.04
C LEU C 227 -21.00 8.54 -43.83
N SER C 228 -21.70 9.46 -43.16
CA SER C 228 -22.16 10.68 -43.80
C SER C 228 -21.69 11.87 -42.98
N MET C 229 -21.09 12.85 -43.66
CA MET C 229 -20.57 14.02 -42.98
C MET C 229 -20.47 15.19 -43.94
N SER C 230 -20.40 16.39 -43.37
CA SER C 230 -20.18 17.63 -44.09
C SER C 230 -19.58 18.63 -43.11
N ALA C 231 -19.56 19.90 -43.50
CA ALA C 231 -18.93 20.93 -42.67
C ALA C 231 -19.81 21.28 -41.47
N ASP C 232 -19.18 21.32 -40.29
CA ASP C 232 -19.79 21.80 -39.04
C ASP C 232 -21.04 21.02 -38.66
N VAL C 233 -21.04 19.72 -38.92
CA VAL C 233 -22.15 18.86 -38.51
C VAL C 233 -21.59 17.62 -37.79
N PRO C 234 -22.37 17.01 -36.90
CA PRO C 234 -21.97 15.70 -36.36
C PRO C 234 -21.89 14.65 -37.47
N LEU C 235 -20.87 13.82 -37.39
CA LEU C 235 -20.73 12.70 -38.32
C LEU C 235 -21.72 11.60 -37.97
N VAL C 236 -22.37 11.05 -38.99
CA VAL C 236 -23.34 9.98 -38.81
C VAL C 236 -22.71 8.70 -39.28
N VAL C 237 -22.62 7.71 -38.40
CA VAL C 237 -22.16 6.37 -38.78
C VAL C 237 -23.30 5.38 -38.55
N GLU C 238 -23.63 4.61 -39.59
CA GLU C 238 -24.75 3.69 -39.52
C GLU C 238 -24.37 2.33 -40.07
N TYR C 239 -24.85 1.29 -39.41
CA TYR C 239 -24.74 -0.08 -39.91
C TYR C 239 -26.14 -0.56 -40.28
N LYS C 240 -26.34 -0.86 -41.56
CA LYS C 240 -27.64 -1.32 -42.05
C LYS C 240 -27.54 -2.79 -42.44
N ILE C 241 -28.53 -3.58 -42.04
CA ILE C 241 -28.54 -5.00 -42.35
C ILE C 241 -29.46 -5.21 -43.55
N ALA C 242 -29.14 -6.22 -44.37
CA ALA C 242 -29.97 -6.56 -45.52
C ALA C 242 -31.39 -6.92 -45.10
N ASP C 243 -31.55 -7.57 -43.94
CA ASP C 243 -32.85 -7.92 -43.39
C ASP C 243 -33.24 -7.03 -42.22
N MET C 244 -32.36 -6.92 -41.21
CA MET C 244 -32.65 -6.12 -40.03
C MET C 244 -32.40 -4.64 -40.37
N GLY C 245 -32.79 -3.74 -39.46
CA GLY C 245 -32.71 -2.33 -39.76
C GLY C 245 -31.33 -1.70 -39.64
N HIS C 246 -31.27 -0.52 -39.02
CA HIS C 246 -30.06 0.28 -38.97
C HIS C 246 -29.71 0.66 -37.53
N LEU C 247 -28.41 0.65 -37.24
CA LEU C 247 -27.83 1.19 -36.02
C LEU C 247 -27.15 2.51 -36.33
N LYS C 248 -27.50 3.58 -35.60
CA LYS C 248 -27.02 4.90 -36.00
C LYS C 248 -26.36 5.62 -34.83
N TYR C 249 -25.29 6.34 -35.13
CA TYR C 249 -24.60 7.19 -34.17
C TYR C 249 -24.37 8.57 -34.75
N TYR C 250 -24.80 9.60 -34.01
CA TYR C 250 -24.40 10.98 -34.25
C TYR C 250 -23.20 11.26 -33.34
N LEU C 251 -22.08 11.70 -33.92
CA LEU C 251 -20.91 12.07 -33.16
C LEU C 251 -20.58 13.53 -33.40
N ALA C 252 -20.60 14.33 -32.33
CA ALA C 252 -20.22 15.72 -32.43
C ALA C 252 -18.71 15.85 -32.65
N PRO C 253 -18.26 16.77 -33.51
CA PRO C 253 -16.83 16.92 -33.76
C PRO C 253 -16.07 17.52 -32.59
N LYS C 254 -14.75 17.64 -32.73
CA LYS C 254 -13.92 18.26 -31.70
C LYS C 254 -14.20 19.76 -31.63
N ILE C 255 -13.80 20.35 -30.49
CA ILE C 255 -14.08 21.76 -30.24
C ILE C 255 -13.35 22.65 -31.25
N GLU C 256 -12.10 22.30 -31.57
CA GLU C 256 -11.23 23.05 -32.47
C GLU C 256 -11.09 24.50 -32.01
N ASP C 257 -10.46 24.66 -30.84
CA ASP C 257 -10.23 25.95 -30.22
C ASP C 257 -8.74 26.22 -30.16
N GLU C 258 -8.34 27.43 -30.55
CA GLU C 258 -6.94 27.86 -30.46
C GLU C 258 -6.66 28.28 -29.02
N GLU C 259 -5.87 27.48 -28.31
CA GLU C 259 -5.56 27.77 -26.91
C GLU C 259 -4.74 29.06 -26.78
N GLY C 260 -3.77 29.26 -27.68
CA GLY C 260 -3.03 30.51 -27.67
C GLY C 260 -3.88 31.71 -28.08
N SER C 261 -4.72 31.53 -29.08
CA SER C 261 -5.55 32.62 -29.58
C SER C 261 -7.03 32.36 -29.30
N MET D 1 5.28 -52.04 -5.71
CA MET D 1 5.36 -51.54 -7.08
C MET D 1 4.02 -51.70 -7.79
N PHE D 2 3.70 -50.75 -8.67
CA PHE D 2 2.41 -50.68 -9.34
C PHE D 2 2.61 -50.21 -10.77
N GLU D 3 1.88 -50.82 -11.70
CA GLU D 3 1.96 -50.48 -13.11
C GLU D 3 0.58 -50.14 -13.65
N ALA D 4 0.50 -49.07 -14.44
CA ALA D 4 -0.72 -48.68 -15.11
C ALA D 4 -0.44 -48.37 -16.57
N ARG D 5 -1.29 -48.86 -17.46
CA ARG D 5 -1.14 -48.63 -18.90
C ARG D 5 -2.45 -48.11 -19.46
N LEU D 6 -2.37 -47.03 -20.23
CA LEU D 6 -3.54 -46.44 -20.86
C LEU D 6 -3.22 -46.10 -22.30
N VAL D 7 -4.06 -46.56 -23.22
CA VAL D 7 -3.78 -46.43 -24.65
C VAL D 7 -3.97 -44.99 -25.11
N GLN D 8 -5.18 -44.46 -24.94
CA GLN D 8 -5.47 -43.06 -25.23
C GLN D 8 -5.50 -42.26 -23.94
N GLY D 9 -4.69 -41.21 -23.87
CA GLY D 9 -4.41 -40.55 -22.62
C GLY D 9 -5.16 -39.26 -22.34
N SER D 10 -6.22 -38.98 -23.10
CA SER D 10 -7.00 -37.76 -22.86
C SER D 10 -7.72 -37.82 -21.53
N ILE D 11 -8.29 -38.98 -21.17
CA ILE D 11 -9.19 -39.06 -20.03
C ILE D 11 -8.45 -38.87 -18.70
N LEU D 12 -7.20 -39.32 -18.59
CA LEU D 12 -6.46 -39.11 -17.35
C LEU D 12 -6.11 -37.63 -17.18
N LYS D 13 -5.76 -36.95 -18.27
CA LYS D 13 -5.57 -35.50 -18.25
C LYS D 13 -6.85 -34.79 -17.83
N LYS D 14 -7.99 -35.24 -18.35
CA LYS D 14 -9.27 -34.61 -18.05
C LYS D 14 -9.65 -34.80 -16.58
N VAL D 15 -9.48 -36.01 -16.04
CA VAL D 15 -9.80 -36.20 -14.63
C VAL D 15 -8.82 -35.42 -13.75
N LEU D 16 -7.55 -35.29 -14.16
CA LEU D 16 -6.61 -34.56 -13.31
C LEU D 16 -6.90 -33.05 -13.32
N GLU D 17 -7.31 -32.50 -14.47
CA GLU D 17 -7.68 -31.09 -14.47
C GLU D 17 -9.02 -30.87 -13.79
N ALA D 18 -9.87 -31.90 -13.74
CA ALA D 18 -11.07 -31.83 -12.91
C ALA D 18 -10.70 -31.76 -11.42
N LEU D 19 -9.70 -32.54 -11.01
CA LEU D 19 -9.26 -32.51 -9.62
C LEU D 19 -8.34 -31.35 -9.29
N LYS D 20 -7.88 -30.58 -10.29
CA LYS D 20 -6.99 -29.45 -10.02
C LYS D 20 -7.69 -28.35 -9.24
N ASP D 21 -8.87 -27.91 -9.70
CA ASP D 21 -9.39 -26.61 -9.27
C ASP D 21 -9.86 -26.59 -7.81
N LEU D 22 -10.54 -27.63 -7.34
CA LEU D 22 -11.09 -27.60 -6.00
C LEU D 22 -10.23 -28.29 -4.95
N ILE D 23 -9.24 -29.09 -5.36
CA ILE D 23 -8.47 -29.92 -4.44
C ILE D 23 -7.04 -29.42 -4.37
N ASN D 24 -6.56 -29.20 -3.14
CA ASN D 24 -5.15 -28.95 -2.89
C ASN D 24 -4.44 -30.10 -2.19
N GLU D 25 -5.15 -30.88 -1.38
CA GLU D 25 -4.58 -32.01 -0.65
C GLU D 25 -5.23 -33.29 -1.17
N ALA D 26 -4.41 -34.23 -1.64
CA ALA D 26 -4.94 -35.47 -2.18
C ALA D 26 -4.12 -36.65 -1.65
N CYS D 27 -4.75 -37.83 -1.67
CA CYS D 27 -4.12 -39.06 -1.19
C CYS D 27 -4.52 -40.21 -2.11
N TRP D 28 -3.67 -40.51 -3.08
CA TRP D 28 -3.87 -41.68 -3.93
C TRP D 28 -3.74 -42.96 -3.09
N ASP D 29 -4.67 -43.89 -3.29
CA ASP D 29 -4.63 -45.18 -2.61
C ASP D 29 -4.76 -46.29 -3.63
N ILE D 30 -3.76 -47.17 -3.71
CA ILE D 30 -3.77 -48.27 -4.65
C ILE D 30 -3.95 -49.57 -3.87
N SER D 31 -4.80 -50.45 -4.38
CA SER D 31 -5.07 -51.74 -3.77
C SER D 31 -5.36 -52.74 -4.88
N SER D 32 -5.89 -53.90 -4.50
CA SER D 32 -6.24 -54.92 -5.47
C SER D 32 -7.44 -54.53 -6.33
N SER D 33 -8.30 -53.64 -5.84
CA SER D 33 -9.49 -53.24 -6.57
C SER D 33 -9.27 -52.08 -7.52
N GLY D 34 -8.10 -51.44 -7.49
CA GLY D 34 -7.79 -50.35 -8.39
C GLY D 34 -7.29 -49.15 -7.61
N VAL D 35 -7.31 -47.99 -8.27
CA VAL D 35 -6.84 -46.75 -7.66
C VAL D 35 -8.04 -45.95 -7.20
N ASN D 36 -7.91 -45.36 -6.00
CA ASN D 36 -8.99 -44.66 -5.33
C ASN D 36 -8.45 -43.36 -4.79
N LEU D 37 -9.32 -42.36 -4.68
CA LEU D 37 -8.99 -41.04 -4.15
C LEU D 37 -10.16 -40.59 -3.30
N GLN D 38 -9.91 -40.32 -2.02
CA GLN D 38 -10.92 -39.83 -1.08
C GLN D 38 -10.35 -38.57 -0.45
N SER D 39 -10.77 -37.40 -0.95
CA SER D 39 -10.12 -36.16 -0.57
C SER D 39 -11.12 -35.11 -0.13
N MET D 40 -10.74 -34.38 0.92
CA MET D 40 -11.53 -33.32 1.51
C MET D 40 -10.80 -32.01 1.28
N ASP D 41 -11.51 -31.01 0.76
CA ASP D 41 -10.87 -29.73 0.45
C ASP D 41 -10.55 -28.96 1.72
N SER D 42 -9.63 -27.99 1.57
CA SER D 42 -9.22 -27.17 2.71
C SER D 42 -10.31 -26.19 3.15
N SER D 43 -11.29 -25.90 2.31
CA SER D 43 -12.39 -25.04 2.69
C SER D 43 -13.45 -25.76 3.50
N HIS D 44 -13.36 -27.10 3.60
CA HIS D 44 -14.24 -27.93 4.44
C HIS D 44 -15.71 -27.79 4.07
N VAL D 45 -15.98 -27.84 2.77
CA VAL D 45 -17.34 -27.74 2.23
C VAL D 45 -17.70 -28.94 1.37
N SER D 46 -16.80 -29.35 0.49
CA SER D 46 -17.08 -30.42 -0.47
C SER D 46 -16.13 -31.60 -0.24
N LEU D 47 -16.31 -32.63 -1.07
CA LEU D 47 -15.58 -33.89 -0.94
C LEU D 47 -15.49 -34.54 -2.32
N VAL D 48 -14.50 -35.39 -2.51
CA VAL D 48 -14.34 -36.07 -3.80
C VAL D 48 -13.95 -37.53 -3.56
N GLN D 49 -14.55 -38.44 -4.33
CA GLN D 49 -14.23 -39.86 -4.27
C GLN D 49 -14.15 -40.39 -5.70
N LEU D 50 -12.94 -40.67 -6.16
CA LEU D 50 -12.65 -41.10 -7.52
C LEU D 50 -12.12 -42.52 -7.52
N THR D 51 -12.52 -43.32 -8.52
CA THR D 51 -12.08 -44.73 -8.55
C THR D 51 -11.93 -45.21 -9.98
N LEU D 52 -10.74 -45.71 -10.31
CA LEU D 52 -10.50 -46.45 -11.54
C LEU D 52 -10.15 -47.88 -11.18
N ARG D 53 -10.94 -48.83 -11.69
CA ARG D 53 -10.83 -50.22 -11.27
C ARG D 53 -9.67 -50.91 -11.99
N SER D 54 -9.55 -52.22 -11.74
CA SER D 54 -8.42 -52.99 -12.22
C SER D 54 -8.49 -53.23 -13.73
N GLU D 55 -9.66 -53.62 -14.23
CA GLU D 55 -9.79 -54.06 -15.61
C GLU D 55 -9.77 -52.93 -16.62
N GLY D 56 -9.83 -51.67 -16.16
CA GLY D 56 -9.80 -50.55 -17.09
C GLY D 56 -8.48 -50.39 -17.81
N PHE D 57 -7.37 -50.60 -17.10
CA PHE D 57 -6.05 -50.49 -17.69
C PHE D 57 -5.72 -51.71 -18.55
N ASP D 58 -4.74 -51.54 -19.42
CA ASP D 58 -4.32 -52.65 -20.29
C ASP D 58 -3.46 -53.64 -19.53
N THR D 59 -2.31 -53.20 -19.03
CA THR D 59 -1.44 -54.01 -18.19
C THR D 59 -1.42 -53.40 -16.79
N TYR D 60 -1.74 -54.22 -15.79
CA TYR D 60 -1.87 -53.73 -14.42
C TYR D 60 -1.50 -54.84 -13.44
N ARG D 61 -0.74 -54.48 -12.40
CA ARG D 61 -0.38 -55.41 -11.35
C ARG D 61 -0.12 -54.65 -10.07
N CYS D 62 -0.79 -55.04 -8.99
CA CYS D 62 -0.66 -54.39 -7.69
C CYS D 62 -0.29 -55.44 -6.65
N ASP D 63 0.88 -55.25 -6.01
CA ASP D 63 1.29 -56.19 -4.98
C ASP D 63 0.49 -56.02 -3.68
N ARG D 64 0.30 -54.78 -3.25
CA ARG D 64 -0.43 -54.49 -2.02
C ARG D 64 -0.84 -53.03 -2.01
N ASN D 65 -1.67 -52.68 -1.01
CA ASN D 65 -2.15 -51.31 -0.87
C ASN D 65 -1.01 -50.36 -0.53
N LEU D 66 -0.94 -49.25 -1.26
CA LEU D 66 0.05 -48.20 -1.02
C LEU D 66 -0.64 -46.84 -1.08
N ALA D 67 -0.20 -45.93 -0.23
CA ALA D 67 -0.78 -44.61 -0.12
C ALA D 67 0.26 -43.55 -0.47
N MET D 68 -0.08 -42.68 -1.41
CA MET D 68 0.82 -41.62 -1.86
C MET D 68 0.12 -40.27 -1.67
N GLY D 69 0.74 -39.40 -0.88
CA GLY D 69 0.18 -38.10 -0.56
C GLY D 69 0.56 -37.00 -1.53
N VAL D 70 -0.03 -37.02 -2.73
CA VAL D 70 0.28 -35.99 -3.72
C VAL D 70 -0.36 -34.65 -3.31
N ASN D 71 0.10 -33.59 -3.96
CA ASN D 71 -0.33 -32.22 -3.64
C ASN D 71 -0.80 -31.52 -4.92
N LEU D 72 -2.11 -31.46 -5.12
CA LEU D 72 -2.70 -30.90 -6.33
C LEU D 72 -2.79 -29.38 -6.32
N THR D 73 -2.01 -28.71 -5.46
CA THR D 73 -1.85 -27.27 -5.57
C THR D 73 -1.18 -26.87 -6.90
N SER D 74 -0.15 -27.62 -7.32
CA SER D 74 0.56 -27.30 -8.55
C SER D 74 0.95 -28.57 -9.31
N MET D 75 0.17 -29.65 -9.18
CA MET D 75 0.65 -30.95 -9.66
C MET D 75 0.14 -31.33 -11.04
N SER D 76 -1.07 -30.96 -11.45
CA SER D 76 -1.59 -31.42 -12.74
C SER D 76 -0.87 -30.80 -13.93
N LYS D 77 -0.02 -29.80 -13.72
CA LYS D 77 0.71 -29.18 -14.82
C LYS D 77 1.66 -30.15 -15.50
N ILE D 78 2.31 -31.03 -14.73
CA ILE D 78 3.26 -31.97 -15.32
C ILE D 78 2.53 -32.97 -16.23
N LEU D 79 1.28 -33.30 -15.93
CA LEU D 79 0.47 -34.08 -16.86
C LEU D 79 -0.05 -33.22 -18.01
N LYS D 80 -0.28 -31.93 -17.74
CA LYS D 80 -0.64 -30.97 -18.79
C LYS D 80 0.49 -30.75 -19.79
N CYS D 81 1.72 -31.15 -19.46
CA CYS D 81 2.85 -31.17 -20.38
C CYS D 81 2.76 -32.24 -21.47
N ALA D 82 1.65 -32.96 -21.65
CA ALA D 82 1.59 -34.08 -22.57
C ALA D 82 0.60 -33.79 -23.70
N GLY D 83 0.59 -34.70 -24.67
CA GLY D 83 -0.34 -34.63 -25.78
C GLY D 83 -1.69 -35.21 -25.41
N ASN D 84 -2.53 -35.36 -26.44
CA ASN D 84 -3.91 -35.80 -26.23
C ASN D 84 -4.04 -37.32 -26.21
N GLU D 85 -3.64 -37.98 -27.30
CA GLU D 85 -3.87 -39.41 -27.47
C GLU D 85 -2.64 -40.25 -27.14
N ASP D 86 -1.67 -39.67 -26.44
CA ASP D 86 -0.42 -40.38 -26.14
C ASP D 86 -0.63 -41.50 -25.14
N ILE D 87 0.11 -42.58 -25.32
CA ILE D 87 0.06 -43.73 -24.43
C ILE D 87 0.73 -43.36 -23.11
N ILE D 88 0.04 -43.61 -22.00
CA ILE D 88 0.51 -43.21 -20.68
C ILE D 88 0.78 -44.45 -19.84
N THR D 89 1.97 -44.50 -19.24
CA THR D 89 2.35 -45.58 -18.32
C THR D 89 2.74 -44.99 -16.97
N LEU D 90 2.11 -45.50 -15.91
CA LEU D 90 2.45 -45.13 -14.53
C LEU D 90 3.26 -46.26 -13.90
N ARG D 91 4.33 -45.88 -13.20
CA ARG D 91 5.24 -46.82 -12.54
C ARG D 91 5.47 -46.33 -11.12
N ALA D 92 4.95 -47.06 -10.14
CA ALA D 92 5.06 -46.71 -8.73
C ALA D 92 6.05 -47.66 -8.05
N GLU D 93 7.07 -47.09 -7.42
CA GLU D 93 8.11 -47.87 -6.77
C GLU D 93 7.76 -48.06 -5.30
N ASP D 94 8.29 -49.15 -4.71
CA ASP D 94 7.91 -49.57 -3.36
C ASP D 94 8.24 -48.50 -2.32
N ASN D 95 9.48 -48.01 -2.30
CA ASN D 95 9.89 -47.06 -1.26
C ASN D 95 10.66 -45.86 -1.80
N ALA D 96 10.92 -45.78 -3.10
CA ALA D 96 11.62 -44.62 -3.63
C ALA D 96 10.66 -43.45 -3.78
N ASP D 97 11.24 -42.26 -3.89
CA ASP D 97 10.48 -41.01 -3.91
C ASP D 97 9.99 -40.64 -5.29
N THR D 98 10.26 -41.46 -6.30
CA THR D 98 9.97 -41.12 -7.70
C THR D 98 8.82 -41.97 -8.22
N LEU D 99 7.77 -41.30 -8.68
CA LEU D 99 6.70 -41.91 -9.47
C LEU D 99 6.99 -41.64 -10.94
N ALA D 100 7.20 -42.72 -11.70
CA ALA D 100 7.60 -42.60 -13.10
C ALA D 100 6.39 -42.54 -14.03
N LEU D 101 6.46 -41.62 -15.00
CA LEU D 101 5.43 -41.46 -16.01
C LEU D 101 6.09 -41.55 -17.37
N VAL D 102 5.57 -42.45 -18.22
CA VAL D 102 6.10 -42.68 -19.56
C VAL D 102 5.03 -42.30 -20.56
N PHE D 103 5.38 -41.45 -21.52
CA PHE D 103 4.46 -40.96 -22.53
C PHE D 103 4.99 -41.34 -23.90
N GLU D 104 4.16 -42.01 -24.69
CA GLU D 104 4.56 -42.51 -25.99
C GLU D 104 3.67 -41.91 -27.06
N ALA D 105 4.28 -41.34 -28.10
CA ALA D 105 3.55 -40.80 -29.22
C ALA D 105 3.00 -41.93 -30.09
N PRO D 106 1.91 -41.69 -30.84
CA PRO D 106 1.36 -42.74 -31.70
C PRO D 106 2.30 -43.20 -32.81
N ASN D 107 3.29 -42.41 -33.20
CA ASN D 107 4.22 -42.80 -34.25
C ASN D 107 5.48 -43.49 -33.69
N GLN D 108 5.50 -43.77 -32.38
CA GLN D 108 6.59 -44.47 -31.70
C GLN D 108 7.92 -43.73 -31.85
N GLU D 109 7.85 -42.40 -31.88
CA GLU D 109 9.04 -41.57 -32.03
C GLU D 109 9.27 -40.65 -30.84
N LYS D 110 8.25 -39.94 -30.40
CA LYS D 110 8.39 -38.96 -29.30
C LYS D 110 8.07 -39.67 -27.98
N VAL D 111 9.11 -39.98 -27.22
CA VAL D 111 8.95 -40.55 -25.90
C VAL D 111 9.21 -39.46 -24.86
N SER D 112 8.65 -39.65 -23.67
CA SER D 112 8.82 -38.67 -22.59
C SER D 112 8.79 -39.39 -21.25
N ASP D 113 9.71 -39.02 -20.37
CA ASP D 113 9.80 -39.59 -19.03
C ASP D 113 9.72 -38.47 -17.99
N TYR D 114 8.80 -38.61 -17.06
CA TYR D 114 8.62 -37.62 -15.99
C TYR D 114 8.67 -38.34 -14.65
N GLU D 115 9.04 -37.59 -13.61
CA GLU D 115 9.06 -38.12 -12.25
C GLU D 115 8.28 -37.21 -11.32
N MET D 116 7.66 -37.85 -10.32
CA MET D 116 6.81 -37.18 -9.34
C MET D 116 7.39 -37.44 -7.96
N LYS D 117 7.55 -36.39 -7.17
CA LYS D 117 8.02 -36.53 -5.80
C LYS D 117 6.86 -36.49 -4.81
N LEU D 118 7.08 -37.11 -3.65
CA LEU D 118 6.05 -37.25 -2.63
C LEU D 118 6.56 -36.69 -1.29
N MET D 119 5.62 -36.36 -0.42
CA MET D 119 5.92 -35.82 0.90
C MET D 119 4.77 -36.17 1.84
N ASP D 120 4.83 -35.66 3.07
CA ASP D 120 3.94 -36.09 4.14
C ASP D 120 2.82 -35.08 4.32
N LEU D 121 1.57 -35.55 4.21
CA LEU D 121 0.39 -34.73 4.45
C LEU D 121 -0.59 -35.53 5.30
N ASP D 122 -1.44 -34.81 6.02
CA ASP D 122 -2.44 -35.40 6.91
C ASP D 122 -3.84 -35.20 6.35
N VAL D 123 -4.69 -36.21 6.52
CA VAL D 123 -6.02 -36.22 5.92
C VAL D 123 -7.01 -36.87 6.88
N GLU D 124 -8.26 -36.38 6.86
CA GLU D 124 -9.36 -37.03 7.55
C GLU D 124 -10.09 -37.95 6.57
N GLN D 125 -10.31 -39.20 6.97
CA GLN D 125 -10.94 -40.19 6.12
C GLN D 125 -12.41 -40.35 6.49
N LEU D 126 -13.26 -40.47 5.46
CA LEU D 126 -14.70 -40.59 5.65
C LEU D 126 -15.20 -41.77 4.84
N GLY D 127 -15.71 -42.79 5.52
CA GLY D 127 -16.22 -43.96 4.82
C GLY D 127 -17.58 -43.70 4.20
N ILE D 128 -17.84 -44.37 3.09
CA ILE D 128 -19.02 -44.09 2.29
C ILE D 128 -20.01 -45.25 2.46
N PRO D 129 -21.12 -45.06 3.15
CA PRO D 129 -22.15 -46.10 3.24
C PRO D 129 -22.99 -46.10 1.96
N GLU D 130 -23.71 -47.21 1.76
CA GLU D 130 -24.65 -47.31 0.66
C GLU D 130 -26.07 -47.38 1.21
N GLN D 131 -26.95 -46.55 0.65
CA GLN D 131 -28.26 -46.30 1.21
C GLN D 131 -29.24 -46.05 0.07
N GLU D 132 -30.50 -46.43 0.28
CA GLU D 132 -31.61 -46.25 -0.66
C GLU D 132 -31.62 -44.87 -1.30
N TYR D 133 -31.40 -44.81 -2.62
CA TYR D 133 -31.34 -43.54 -3.33
C TYR D 133 -32.75 -42.97 -3.50
N SER D 134 -32.82 -41.73 -3.99
CA SER D 134 -34.12 -41.09 -4.12
C SER D 134 -34.25 -40.24 -5.39
N CYS D 135 -33.45 -39.19 -5.53
CA CYS D 135 -33.57 -38.26 -6.65
C CYS D 135 -32.38 -38.43 -7.59
N VAL D 136 -32.62 -39.05 -8.75
CA VAL D 136 -31.59 -39.20 -9.77
C VAL D 136 -32.06 -38.43 -11.00
N VAL D 137 -31.15 -37.62 -11.57
CA VAL D 137 -31.40 -36.94 -12.84
C VAL D 137 -30.18 -37.11 -13.73
N LYS D 138 -30.32 -37.90 -14.79
CA LYS D 138 -29.23 -38.16 -15.71
C LYS D 138 -29.36 -37.21 -16.90
N MET D 139 -28.26 -36.53 -17.22
CA MET D 139 -28.19 -35.45 -18.19
C MET D 139 -26.92 -35.59 -19.01
N PRO D 140 -26.83 -34.90 -20.15
CA PRO D 140 -25.53 -34.71 -20.79
C PRO D 140 -24.63 -33.80 -19.95
N SER D 141 -23.32 -34.01 -20.07
CA SER D 141 -22.36 -33.22 -19.30
C SER D 141 -22.30 -31.78 -19.80
N GLY D 142 -22.38 -31.58 -21.12
CA GLY D 142 -22.27 -30.24 -21.67
C GLY D 142 -23.43 -29.34 -21.25
N GLU D 143 -24.64 -29.88 -21.23
CA GLU D 143 -25.80 -29.10 -20.80
C GLU D 143 -25.69 -28.70 -19.33
N PHE D 144 -25.24 -29.62 -18.48
CA PHE D 144 -25.09 -29.33 -17.06
C PHE D 144 -23.98 -28.30 -16.83
N ALA D 145 -22.86 -28.43 -17.53
CA ALA D 145 -21.79 -27.44 -17.41
C ALA D 145 -22.23 -26.07 -17.89
N ARG D 146 -22.96 -26.02 -19.01
CA ARG D 146 -23.42 -24.75 -19.55
C ARG D 146 -24.42 -24.10 -18.61
N ILE D 147 -25.34 -24.88 -18.03
CA ILE D 147 -26.32 -24.28 -17.12
C ILE D 147 -25.67 -23.86 -15.81
N CYS D 148 -24.63 -24.57 -15.37
CA CYS D 148 -23.94 -24.16 -14.15
C CYS D 148 -23.18 -22.86 -14.36
N ARG D 149 -22.48 -22.74 -15.50
CA ARG D 149 -21.80 -21.49 -15.83
C ARG D 149 -22.81 -20.37 -16.07
N ASP D 150 -24.00 -20.72 -16.57
CA ASP D 150 -25.08 -19.77 -16.75
C ASP D 150 -25.54 -19.19 -15.41
N LEU D 151 -25.85 -20.06 -14.46
CA LEU D 151 -26.36 -19.60 -13.17
C LEU D 151 -25.27 -19.01 -12.28
N SER D 152 -23.99 -19.24 -12.62
CA SER D 152 -22.90 -18.70 -11.82
C SER D 152 -22.91 -17.17 -11.77
N HIS D 153 -23.39 -16.52 -12.83
CA HIS D 153 -23.46 -15.06 -12.84
C HIS D 153 -24.64 -14.51 -12.06
N ILE D 154 -25.63 -15.34 -11.74
CA ILE D 154 -26.80 -14.86 -11.01
C ILE D 154 -26.51 -14.72 -9.52
N GLY D 155 -25.98 -15.77 -8.91
CA GLY D 155 -25.71 -15.75 -7.49
C GLY D 155 -24.74 -16.83 -7.08
N ASP D 156 -24.60 -17.00 -5.77
CA ASP D 156 -23.71 -18.01 -5.21
C ASP D 156 -24.46 -19.21 -4.63
N ALA D 157 -25.78 -19.16 -4.57
CA ALA D 157 -26.58 -20.26 -4.02
C ALA D 157 -27.52 -20.77 -5.11
N VAL D 158 -27.71 -22.08 -5.15
CA VAL D 158 -28.49 -22.73 -6.19
C VAL D 158 -29.64 -23.50 -5.54
N VAL D 159 -30.82 -23.41 -6.15
CA VAL D 159 -32.03 -24.08 -5.66
C VAL D 159 -32.34 -25.21 -6.62
N ILE D 160 -32.45 -26.42 -6.09
CA ILE D 160 -32.71 -27.62 -6.89
C ILE D 160 -34.07 -28.16 -6.47
N SER D 161 -34.99 -28.28 -7.42
CA SER D 161 -36.31 -28.81 -7.12
C SER D 161 -36.71 -29.89 -8.13
N CYS D 162 -37.06 -31.06 -7.62
CA CYS D 162 -37.58 -32.13 -8.45
C CYS D 162 -39.07 -32.29 -8.17
N ALA D 163 -39.86 -32.43 -9.24
CA ALA D 163 -41.31 -32.53 -9.13
C ALA D 163 -41.85 -33.29 -10.34
N LYS D 164 -43.19 -33.39 -10.40
CA LYS D 164 -43.86 -34.18 -11.43
C LYS D 164 -43.59 -33.67 -12.84
N ASP D 165 -43.52 -32.34 -13.01
CA ASP D 165 -43.25 -31.79 -14.34
C ASP D 165 -41.83 -32.07 -14.79
N GLY D 166 -40.87 -32.11 -13.87
CA GLY D 166 -39.49 -32.35 -14.22
C GLY D 166 -38.53 -31.89 -13.14
N VAL D 167 -37.48 -31.16 -13.53
CA VAL D 167 -36.48 -30.68 -12.60
C VAL D 167 -36.27 -29.20 -12.86
N LYS D 168 -35.87 -28.47 -11.82
CA LYS D 168 -35.70 -27.03 -11.92
C LYS D 168 -34.45 -26.60 -11.17
N PHE D 169 -33.60 -25.84 -11.84
CA PHE D 169 -32.37 -25.28 -11.28
C PHE D 169 -32.52 -23.77 -11.22
N SER D 170 -32.25 -23.18 -10.06
CA SER D 170 -32.52 -21.76 -9.86
C SER D 170 -31.38 -21.10 -9.10
N ALA D 171 -31.35 -19.77 -9.17
CA ALA D 171 -30.46 -18.96 -8.34
C ALA D 171 -31.10 -17.59 -8.13
N SER D 172 -30.57 -16.87 -7.14
CA SER D 172 -31.11 -15.56 -6.79
C SER D 172 -30.00 -14.69 -6.23
N GLY D 173 -30.27 -13.39 -6.18
CA GLY D 173 -29.30 -12.44 -5.67
C GLY D 173 -29.73 -11.02 -5.99
N GLU D 174 -28.80 -10.08 -5.73
CA GLU D 174 -29.07 -8.66 -5.93
C GLU D 174 -29.38 -8.35 -7.40
N LEU D 175 -28.80 -9.10 -8.33
CA LEU D 175 -29.07 -8.89 -9.74
C LEU D 175 -30.49 -9.31 -10.09
N GLY D 176 -31.06 -10.26 -9.34
CA GLY D 176 -32.41 -10.72 -9.61
C GLY D 176 -32.59 -12.19 -9.25
N ASN D 177 -33.19 -12.96 -10.16
CA ASN D 177 -33.37 -14.39 -9.93
C ASN D 177 -33.55 -15.06 -11.28
N GLY D 178 -33.29 -16.37 -11.30
CA GLY D 178 -33.43 -17.13 -12.52
C GLY D 178 -33.73 -18.59 -12.28
N ASN D 179 -34.74 -19.12 -12.98
CA ASN D 179 -35.15 -20.51 -12.90
C ASN D 179 -35.05 -21.14 -14.28
N ILE D 180 -34.69 -22.42 -14.33
CA ILE D 180 -34.65 -23.17 -15.58
C ILE D 180 -35.26 -24.55 -15.32
N LYS D 181 -36.25 -24.90 -16.13
CA LYS D 181 -37.00 -26.15 -15.96
C LYS D 181 -36.73 -27.08 -17.15
N LEU D 182 -36.42 -28.34 -16.84
CA LEU D 182 -36.22 -29.37 -17.86
C LEU D 182 -37.15 -30.54 -17.56
N SER D 183 -37.83 -31.02 -18.60
CA SER D 183 -38.69 -32.18 -18.51
C SER D 183 -38.02 -33.40 -19.12
N GLN D 184 -38.64 -34.56 -18.91
CA GLN D 184 -38.10 -35.81 -19.42
C GLN D 184 -38.26 -35.88 -20.93
N THR D 185 -37.38 -36.64 -21.57
CA THR D 185 -37.42 -36.82 -23.02
C THR D 185 -38.44 -37.88 -23.39
N SER D 186 -39.11 -37.68 -24.53
CA SER D 186 -40.18 -38.56 -24.97
C SER D 186 -39.90 -39.26 -26.28
N ASN D 187 -39.51 -38.52 -27.32
CA ASN D 187 -39.41 -39.10 -28.66
C ASN D 187 -38.01 -39.00 -29.23
N VAL D 188 -37.00 -39.32 -28.44
CA VAL D 188 -35.61 -39.36 -28.90
C VAL D 188 -35.01 -40.70 -28.47
N ASP D 189 -34.15 -41.25 -29.32
CA ASP D 189 -33.58 -42.57 -29.08
C ASP D 189 -32.10 -42.56 -28.78
N LYS D 190 -31.37 -41.49 -29.11
CA LYS D 190 -29.95 -41.45 -28.85
C LYS D 190 -29.68 -41.27 -27.36
N GLU D 191 -28.74 -42.05 -26.84
CA GLU D 191 -28.54 -42.15 -25.40
C GLU D 191 -27.81 -40.95 -24.84
N GLU D 192 -26.86 -40.38 -25.60
CA GLU D 192 -26.00 -39.33 -25.08
C GLU D 192 -26.66 -37.96 -25.03
N GLU D 193 -27.82 -37.79 -25.66
CA GLU D 193 -28.52 -36.51 -25.65
C GLU D 193 -29.73 -36.49 -24.72
N ALA D 194 -30.40 -37.62 -24.55
CA ALA D 194 -31.61 -37.66 -23.74
C ALA D 194 -31.30 -37.53 -22.25
N VAL D 195 -32.30 -37.08 -21.50
CA VAL D 195 -32.23 -37.00 -20.05
C VAL D 195 -33.25 -37.98 -19.48
N THR D 196 -33.03 -38.37 -18.22
CA THR D 196 -34.01 -39.22 -17.56
C THR D 196 -34.00 -38.90 -16.07
N ILE D 197 -35.06 -39.32 -15.38
CA ILE D 197 -35.23 -39.00 -13.97
C ILE D 197 -35.80 -40.19 -13.21
N GLU D 198 -35.29 -40.42 -12.01
CA GLU D 198 -35.81 -41.41 -11.07
C GLU D 198 -36.21 -40.63 -9.82
N MET D 199 -37.45 -40.85 -9.36
CA MET D 199 -38.01 -40.03 -8.29
C MET D 199 -38.79 -40.91 -7.32
N ASN D 200 -38.77 -40.48 -6.05
CA ASN D 200 -39.58 -41.07 -5.00
C ASN D 200 -40.50 -40.06 -4.32
N GLU D 201 -40.12 -38.78 -4.28
CA GLU D 201 -40.89 -37.74 -3.61
C GLU D 201 -40.39 -36.40 -4.13
N PRO D 202 -41.28 -35.44 -4.41
CA PRO D 202 -40.83 -34.12 -4.93
C PRO D 202 -40.06 -33.35 -3.86
N VAL D 203 -38.84 -32.95 -4.21
CA VAL D 203 -37.87 -32.45 -3.23
C VAL D 203 -37.47 -31.03 -3.61
N GLN D 204 -37.54 -30.11 -2.64
CA GLN D 204 -37.06 -28.74 -2.77
C GLN D 204 -35.87 -28.59 -1.83
N LEU D 205 -34.72 -28.18 -2.37
CA LEU D 205 -33.52 -28.11 -1.54
C LEU D 205 -32.57 -27.09 -2.16
N THR D 206 -31.52 -26.73 -1.42
CA THR D 206 -30.59 -25.68 -1.81
C THR D 206 -29.17 -26.19 -1.61
N PHE D 207 -28.25 -25.74 -2.48
CA PHE D 207 -26.84 -26.06 -2.39
C PHE D 207 -26.02 -24.81 -2.73
N ALA D 208 -24.70 -24.93 -2.62
CA ALA D 208 -23.80 -23.90 -3.09
C ALA D 208 -23.49 -24.09 -4.57
N LEU D 209 -23.08 -23.01 -5.22
CA LEU D 209 -22.95 -23.01 -6.68
C LEU D 209 -21.54 -22.80 -7.19
N ARG D 210 -20.67 -22.11 -6.42
CA ARG D 210 -19.26 -22.01 -6.78
C ARG D 210 -18.59 -23.38 -6.78
N TYR D 211 -18.97 -24.24 -5.85
CA TYR D 211 -18.44 -25.60 -5.84
C TYR D 211 -18.96 -26.40 -7.02
N LEU D 212 -20.19 -26.12 -7.47
CA LEU D 212 -20.68 -26.73 -8.70
C LEU D 212 -19.92 -26.23 -9.92
N ASN D 213 -19.52 -24.95 -9.91
CA ASN D 213 -18.65 -24.43 -10.96
C ASN D 213 -17.33 -25.20 -10.99
N PHE D 214 -16.77 -25.47 -9.80
CA PHE D 214 -15.58 -26.32 -9.75
C PHE D 214 -15.87 -27.77 -10.15
N PHE D 215 -17.12 -28.23 -10.01
CA PHE D 215 -17.45 -29.59 -10.40
C PHE D 215 -17.53 -29.77 -11.92
N THR D 216 -17.83 -28.71 -12.65
CA THR D 216 -18.17 -28.82 -14.08
C THR D 216 -16.95 -28.77 -15.00
N LYS D 217 -15.74 -28.96 -14.47
CA LYS D 217 -14.56 -29.10 -15.32
C LYS D 217 -14.33 -30.55 -15.73
N ALA D 218 -15.38 -31.19 -16.24
CA ALA D 218 -15.31 -32.54 -16.79
C ALA D 218 -16.19 -32.64 -18.04
N THR D 219 -16.34 -31.55 -18.78
CA THR D 219 -17.18 -31.55 -19.98
C THR D 219 -16.71 -32.49 -21.08
N PRO D 220 -15.45 -32.51 -21.52
CA PRO D 220 -15.08 -33.50 -22.54
C PRO D 220 -14.70 -34.86 -21.98
N LEU D 221 -14.80 -35.04 -20.67
CA LEU D 221 -14.47 -36.33 -20.05
C LEU D 221 -15.48 -37.40 -20.44
N SER D 222 -16.76 -37.07 -20.40
CA SER D 222 -17.81 -38.00 -20.79
C SER D 222 -18.99 -37.19 -21.29
N SER D 223 -19.82 -37.83 -22.13
CA SER D 223 -21.03 -37.18 -22.62
C SER D 223 -22.22 -37.38 -21.67
N THR D 224 -22.05 -38.15 -20.61
CA THR D 224 -23.10 -38.41 -19.64
C THR D 224 -22.68 -38.02 -18.23
N VAL D 225 -23.65 -37.56 -17.44
CA VAL D 225 -23.44 -37.24 -16.03
C VAL D 225 -24.77 -37.51 -15.34
N THR D 226 -24.73 -37.81 -14.03
CA THR D 226 -25.97 -37.81 -13.28
C THR D 226 -25.84 -37.01 -11.98
N LEU D 227 -26.91 -36.29 -11.66
CA LEU D 227 -27.05 -35.55 -10.42
C LEU D 227 -27.89 -36.37 -9.47
N SER D 228 -27.51 -36.41 -8.19
CA SER D 228 -28.18 -37.29 -7.25
C SER D 228 -28.36 -36.56 -5.93
N MET D 229 -29.61 -36.32 -5.56
CA MET D 229 -29.95 -35.60 -4.34
C MET D 229 -31.09 -36.30 -3.63
N SER D 230 -31.19 -36.00 -2.33
CA SER D 230 -32.23 -36.51 -1.45
C SER D 230 -32.34 -35.55 -0.28
N ALA D 231 -33.43 -35.69 0.48
CA ALA D 231 -33.67 -34.80 1.61
C ALA D 231 -32.65 -35.04 2.71
N ASP D 232 -31.98 -33.96 3.14
CA ASP D 232 -30.92 -33.96 4.15
C ASP D 232 -29.79 -34.93 3.80
N VAL D 233 -29.51 -35.07 2.51
CA VAL D 233 -28.45 -35.93 2.00
C VAL D 233 -27.56 -35.09 1.11
N PRO D 234 -26.23 -35.18 1.22
CA PRO D 234 -25.34 -34.39 0.36
C PRO D 234 -25.54 -34.70 -1.12
N LEU D 235 -25.49 -33.66 -1.94
CA LEU D 235 -25.65 -33.80 -3.37
C LEU D 235 -24.40 -34.44 -3.97
N VAL D 236 -24.56 -35.57 -4.65
CA VAL D 236 -23.45 -36.23 -5.30
C VAL D 236 -23.61 -36.14 -6.82
N VAL D 237 -22.54 -35.73 -7.48
CA VAL D 237 -22.49 -35.60 -8.92
C VAL D 237 -21.60 -36.72 -9.43
N GLU D 238 -22.13 -37.55 -10.32
CA GLU D 238 -21.46 -38.74 -10.80
C GLU D 238 -21.09 -38.60 -12.26
N TYR D 239 -19.80 -38.76 -12.55
CA TYR D 239 -19.28 -38.87 -13.90
C TYR D 239 -18.80 -40.29 -14.14
N LYS D 240 -19.25 -40.89 -15.23
CA LYS D 240 -18.84 -42.24 -15.62
C LYS D 240 -17.85 -42.08 -16.77
N ILE D 241 -16.57 -42.34 -16.51
CA ILE D 241 -15.54 -42.23 -17.53
C ILE D 241 -15.63 -43.50 -18.35
N ALA D 242 -16.41 -43.44 -19.44
CA ALA D 242 -16.65 -44.54 -20.39
C ALA D 242 -17.04 -45.84 -19.69
N ASP D 243 -16.46 -46.95 -20.13
CA ASP D 243 -16.47 -48.21 -19.37
C ASP D 243 -15.13 -48.39 -18.66
N MET D 244 -14.56 -47.30 -18.17
CA MET D 244 -13.19 -47.27 -17.66
C MET D 244 -13.10 -46.94 -16.18
N GLY D 245 -13.87 -45.97 -15.70
CA GLY D 245 -13.82 -45.62 -14.29
C GLY D 245 -14.99 -44.74 -13.88
N HIS D 246 -14.94 -44.25 -12.64
CA HIS D 246 -16.05 -43.41 -12.19
C HIS D 246 -15.55 -42.39 -11.17
N LEU D 247 -16.33 -41.33 -11.01
CA LEU D 247 -15.93 -40.20 -10.18
C LEU D 247 -17.15 -39.59 -9.49
N LYS D 248 -17.02 -39.34 -8.19
CA LYS D 248 -18.07 -38.82 -7.32
C LYS D 248 -17.62 -37.48 -6.76
N TYR D 249 -18.50 -36.47 -6.85
CA TYR D 249 -18.32 -35.21 -6.13
C TYR D 249 -19.43 -35.06 -5.11
N TYR D 250 -19.06 -34.91 -3.84
CA TYR D 250 -20.00 -34.71 -2.75
C TYR D 250 -20.03 -33.25 -2.35
N LEU D 251 -21.23 -32.70 -2.20
CA LEU D 251 -21.41 -31.31 -1.78
C LEU D 251 -22.42 -31.27 -0.66
N ALA D 252 -22.08 -30.52 0.40
CA ALA D 252 -22.94 -30.41 1.57
C ALA D 252 -24.22 -29.67 1.21
N PRO D 253 -25.35 -30.05 1.80
CA PRO D 253 -26.62 -29.40 1.47
C PRO D 253 -26.74 -28.04 2.15
N LYS D 254 -27.89 -27.41 1.94
CA LYS D 254 -28.18 -26.08 2.47
C LYS D 254 -29.67 -26.00 2.77
N ILE D 255 -30.02 -25.84 4.05
CA ILE D 255 -31.41 -25.79 4.46
C ILE D 255 -31.63 -24.52 5.28
N GLU D 256 -32.91 -24.26 5.57
CA GLU D 256 -33.28 -23.11 6.38
C GLU D 256 -32.95 -23.38 7.85
N ASP D 257 -32.76 -22.29 8.60
CA ASP D 257 -32.43 -22.36 10.02
C ASP D 257 -33.67 -22.01 10.84
N GLU D 258 -34.12 -22.96 11.65
CA GLU D 258 -35.26 -22.73 12.54
C GLU D 258 -34.75 -22.23 13.90
N GLU D 259 -34.23 -21.00 13.87
CA GLU D 259 -33.72 -20.37 15.09
C GLU D 259 -34.84 -20.02 16.06
N GLY D 260 -36.00 -19.62 15.53
CA GLY D 260 -37.12 -19.27 16.39
C GLY D 260 -37.80 -20.48 17.02
N SER D 261 -37.65 -21.66 16.44
CA SER D 261 -38.26 -22.86 16.99
C SER D 261 -37.25 -23.97 17.16
FE1 SF4 G . 24.63 -17.77 24.93
FE2 SF4 G . 26.67 -17.49 26.72
FE3 SF4 G . 24.26 -18.50 27.55
FE4 SF4 G . 24.48 -15.85 26.89
S1 SF4 G . 25.52 -16.93 28.61
S2 SF4 G . 22.83 -17.30 26.25
S3 SF4 G . 25.99 -15.95 25.18
S4 SF4 G . 25.70 -19.44 26.05
#